data_1UGL
#
_entry.id   1UGL
#
_entity_poly.entity_id   1
_entity_poly.type   'polypeptide(L)'
_entity_poly.pdbx_seq_one_letter_code
;NLMKRCTRGFRKLGKCTTLEEEKCKTLYPRGQCTCSDSKMNTHSCDCKSC
;
_entity_poly.pdbx_strand_id   A
#
# COMPACT_ATOMS: atom_id res chain seq x y z
N ASN A 1 -0.48 -1.70 -19.79
CA ASN A 1 -0.78 -0.89 -18.59
C ASN A 1 -1.63 -1.67 -17.59
N LEU A 2 -2.02 -1.01 -16.51
CA LEU A 2 -2.84 -1.63 -15.46
C LEU A 2 -2.10 -2.79 -14.80
N MET A 3 -2.64 -3.24 -13.67
CA MET A 3 -2.04 -4.35 -12.92
C MET A 3 -0.60 -4.04 -12.54
N LYS A 4 -0.41 -3.41 -11.39
CA LYS A 4 0.93 -3.07 -10.92
C LYS A 4 1.39 -4.05 -9.84
N ARG A 5 1.06 -3.76 -8.59
CA ARG A 5 1.44 -4.62 -7.47
C ARG A 5 0.86 -4.12 -6.15
N CYS A 6 -0.31 -3.50 -6.21
CA CYS A 6 -0.97 -2.98 -5.02
C CYS A 6 -0.93 -3.99 -3.88
N THR A 7 -0.23 -3.64 -2.79
CA THR A 7 -0.11 -4.51 -1.63
C THR A 7 0.50 -5.88 -2.00
N ARG A 8 1.00 -6.57 -0.97
CA ARG A 8 1.58 -7.89 -1.16
C ARG A 8 0.64 -8.93 -0.58
N GLY A 9 -0.65 -8.60 -0.64
CA GLY A 9 -1.67 -9.47 -0.11
C GLY A 9 -2.41 -8.81 1.02
N PHE A 10 -2.32 -7.49 1.08
CA PHE A 10 -2.98 -6.70 2.12
C PHE A 10 -2.45 -7.08 3.50
N ARG A 11 -1.42 -6.39 3.96
CA ARG A 11 -0.85 -6.69 5.27
C ARG A 11 -0.02 -5.56 5.86
N LYS A 12 -0.62 -4.37 5.93
CA LYS A 12 0.05 -3.20 6.51
C LYS A 12 -0.70 -2.81 7.79
N LEU A 13 -0.04 -2.08 8.69
CA LEU A 13 -0.70 -1.70 9.95
C LEU A 13 -0.21 -0.37 10.52
N GLY A 14 -1.07 0.25 11.34
CA GLY A 14 -0.74 1.52 11.97
C GLY A 14 -1.35 2.73 11.28
N LYS A 15 -2.67 2.66 11.01
CA LYS A 15 -3.39 3.75 10.34
C LYS A 15 -2.47 4.54 9.41
N CYS A 16 -2.29 4.03 8.19
CA CYS A 16 -1.42 4.66 7.20
C CYS A 16 -0.07 4.98 7.83
N THR A 17 0.51 3.97 8.46
CA THR A 17 1.80 4.09 9.13
C THR A 17 2.93 4.32 8.12
N THR A 18 4.00 4.95 8.58
CA THR A 18 5.15 5.21 7.72
C THR A 18 5.63 3.91 7.09
N LEU A 19 5.87 2.91 7.93
CA LEU A 19 6.33 1.61 7.45
C LEU A 19 5.39 1.07 6.39
N GLU A 20 4.13 1.51 6.45
CA GLU A 20 3.14 1.07 5.48
C GLU A 20 3.34 1.81 4.16
N GLU A 21 3.50 3.13 4.24
CA GLU A 21 3.72 3.94 3.04
C GLU A 21 5.06 3.59 2.43
N GLU A 22 5.97 3.11 3.29
CA GLU A 22 7.30 2.70 2.87
C GLU A 22 7.22 1.34 2.20
N LYS A 23 6.35 0.48 2.72
CA LYS A 23 6.16 -0.85 2.16
C LYS A 23 5.79 -0.73 0.69
N CYS A 24 4.83 0.14 0.42
CA CYS A 24 4.35 0.39 -0.93
C CYS A 24 5.38 1.08 -1.80
N LYS A 25 6.17 1.96 -1.20
CA LYS A 25 7.18 2.70 -1.96
C LYS A 25 8.44 1.87 -2.22
N THR A 26 9.18 1.60 -1.15
CA THR A 26 10.42 0.82 -1.24
C THR A 26 10.23 -0.48 -2.01
N LEU A 27 9.12 -1.18 -1.77
CA LEU A 27 8.89 -2.45 -2.46
C LEU A 27 8.25 -2.26 -3.83
N TYR A 28 7.32 -1.30 -3.94
CA TYR A 28 6.63 -1.06 -5.21
C TYR A 28 7.00 0.29 -5.80
N PRO A 29 7.73 0.31 -6.93
CA PRO A 29 8.12 1.57 -7.59
C PRO A 29 7.00 2.10 -8.48
N ARG A 30 5.91 2.53 -7.84
CA ARG A 30 4.75 3.04 -8.57
C ARG A 30 4.60 4.56 -8.40
N GLY A 31 3.70 5.12 -9.21
CA GLY A 31 3.43 6.54 -9.14
C GLY A 31 2.07 6.80 -8.53
N GLN A 32 1.22 5.77 -8.54
CA GLN A 32 -0.12 5.87 -7.97
C GLN A 32 -0.23 4.98 -6.73
N CYS A 33 0.93 4.57 -6.21
CA CYS A 33 0.99 3.73 -5.03
C CYS A 33 1.30 4.56 -3.80
N THR A 34 0.81 4.11 -2.64
CA THR A 34 1.04 4.83 -1.39
C THR A 34 0.34 4.12 -0.23
N CYS A 35 -0.03 4.88 0.80
CA CYS A 35 -0.71 4.31 1.96
C CYS A 35 -2.22 4.51 1.85
N SER A 36 -2.95 3.42 2.04
CA SER A 36 -4.41 3.46 1.95
C SER A 36 -5.07 2.67 3.07
N ASP A 37 -5.95 3.34 3.81
CA ASP A 37 -6.65 2.71 4.92
C ASP A 37 -8.14 3.06 4.88
N SER A 38 -8.96 2.26 5.54
CA SER A 38 -10.41 2.50 5.57
C SER A 38 -10.81 3.18 6.88
N LYS A 39 -10.82 2.40 7.96
CA LYS A 39 -11.18 2.92 9.27
C LYS A 39 -10.85 1.91 10.37
N MET A 40 -9.67 1.30 10.26
CA MET A 40 -9.24 0.31 11.23
C MET A 40 -7.75 0.47 11.55
N ASN A 41 -7.20 -0.52 12.24
CA ASN A 41 -5.77 -0.49 12.61
C ASN A 41 -4.92 -1.10 11.51
N THR A 42 -5.54 -1.87 10.62
CA THR A 42 -4.81 -2.50 9.53
C THR A 42 -5.25 -1.98 8.18
N HIS A 43 -4.28 -1.81 7.29
CA HIS A 43 -4.51 -1.31 5.94
C HIS A 43 -3.45 -1.87 5.01
N SER A 44 -3.39 -1.37 3.78
CA SER A 44 -2.37 -1.82 2.83
C SER A 44 -2.09 -0.74 1.78
N CYS A 45 -1.67 -1.17 0.59
CA CYS A 45 -1.37 -0.23 -0.48
C CYS A 45 -2.51 -0.13 -1.49
N ASP A 46 -2.36 0.77 -2.46
CA ASP A 46 -3.37 0.97 -3.48
C ASP A 46 -2.77 1.43 -4.81
N CYS A 47 -1.59 0.92 -5.13
CA CYS A 47 -0.92 1.28 -6.38
C CYS A 47 -1.80 0.91 -7.56
N LYS A 48 -2.67 -0.05 -7.34
CA LYS A 48 -3.57 -0.52 -8.36
C LYS A 48 -4.95 -0.78 -7.78
N SER A 49 -5.97 -0.22 -8.44
CA SER A 49 -7.35 -0.38 -8.01
C SER A 49 -7.68 -1.86 -7.78
N CYS A 50 -7.47 -2.31 -6.55
CA CYS A 50 -7.75 -3.71 -6.20
C CYS A 50 -8.49 -3.80 -4.88
N ASN A 1 5.16 -4.70 -16.43
CA ASN A 1 5.62 -3.56 -17.27
C ASN A 1 4.71 -2.35 -17.09
N LEU A 2 3.42 -2.57 -17.30
CA LEU A 2 2.44 -1.49 -17.17
C LEU A 2 1.55 -1.70 -15.94
N MET A 3 1.23 -2.96 -15.67
CA MET A 3 0.39 -3.29 -14.53
C MET A 3 1.22 -3.47 -13.26
N LYS A 4 0.64 -3.16 -12.12
CA LYS A 4 1.33 -3.29 -10.84
C LYS A 4 0.62 -4.29 -9.94
N ARG A 5 0.97 -4.30 -8.66
CA ARG A 5 0.36 -5.23 -7.71
C ARG A 5 0.20 -4.58 -6.34
N CYS A 6 -0.87 -3.80 -6.18
CA CYS A 6 -1.14 -3.12 -4.92
C CYS A 6 -1.06 -4.09 -3.74
N THR A 7 -0.35 -3.70 -2.69
CA THR A 7 -0.19 -4.53 -1.49
C THR A 7 0.43 -5.89 -1.82
N ARG A 8 1.03 -6.49 -0.80
CA ARG A 8 1.64 -7.81 -0.94
C ARG A 8 0.70 -8.86 -0.39
N GLY A 9 -0.59 -8.59 -0.54
CA GLY A 9 -1.61 -9.48 -0.04
C GLY A 9 -2.36 -8.87 1.11
N PHE A 10 -2.29 -7.54 1.21
CA PHE A 10 -2.94 -6.79 2.27
C PHE A 10 -2.37 -7.17 3.63
N ARG A 11 -1.35 -6.44 4.08
CA ARG A 11 -0.74 -6.72 5.37
C ARG A 11 0.08 -5.56 5.93
N LYS A 12 -0.53 -4.39 5.96
CA LYS A 12 0.13 -3.20 6.51
C LYS A 12 -0.62 -2.79 7.78
N LEU A 13 0.03 -2.05 8.68
CA LEU A 13 -0.64 -1.68 9.94
C LEU A 13 -0.15 -0.34 10.50
N GLY A 14 -1.01 0.29 11.30
CA GLY A 14 -0.69 1.56 11.92
C GLY A 14 -1.35 2.76 11.24
N LYS A 15 -2.66 2.63 10.96
CA LYS A 15 -3.43 3.71 10.30
C LYS A 15 -2.53 4.52 9.36
N CYS A 16 -2.35 4.01 8.13
CA CYS A 16 -1.50 4.66 7.14
C CYS A 16 -0.16 5.01 7.77
N THR A 17 0.44 4.01 8.41
CA THR A 17 1.72 4.15 9.09
C THR A 17 2.86 4.36 8.09
N THR A 18 3.94 4.97 8.56
CA THR A 18 5.10 5.21 7.72
C THR A 18 5.58 3.92 7.09
N LEU A 19 5.82 2.91 7.94
CA LEU A 19 6.28 1.62 7.46
C LEU A 19 5.36 1.08 6.39
N GLU A 20 4.10 1.52 6.42
CA GLU A 20 3.12 1.08 5.43
C GLU A 20 3.30 1.85 4.13
N GLU A 21 3.45 3.17 4.22
CA GLU A 21 3.65 3.99 3.03
C GLU A 21 5.00 3.65 2.41
N GLU A 22 5.90 3.16 3.25
CA GLU A 22 7.23 2.76 2.81
C GLU A 22 7.17 1.40 2.14
N LYS A 23 6.36 0.50 2.72
CA LYS A 23 6.19 -0.83 2.16
C LYS A 23 5.82 -0.74 0.68
N CYS A 24 4.88 0.16 0.40
CA CYS A 24 4.40 0.38 -0.96
C CYS A 24 5.47 0.97 -1.87
N LYS A 25 6.10 2.05 -1.43
CA LYS A 25 7.12 2.72 -2.24
C LYS A 25 8.39 1.89 -2.36
N THR A 26 9.07 1.71 -1.24
CA THR A 26 10.33 0.96 -1.21
C THR A 26 10.24 -0.37 -1.95
N LEU A 27 9.16 -1.13 -1.76
CA LEU A 27 9.02 -2.42 -2.43
C LEU A 27 8.45 -2.27 -3.84
N TYR A 28 7.50 -1.36 -4.01
CA TYR A 28 6.87 -1.15 -5.31
C TYR A 28 7.22 0.22 -5.88
N PRO A 29 7.98 0.27 -6.99
CA PRO A 29 8.37 1.53 -7.63
C PRO A 29 7.22 2.08 -8.46
N ARG A 30 6.13 2.45 -7.79
CA ARG A 30 4.95 2.98 -8.46
C ARG A 30 4.82 4.49 -8.31
N GLY A 31 3.89 5.06 -9.06
CA GLY A 31 3.63 6.48 -9.00
C GLY A 31 2.22 6.77 -8.51
N GLN A 32 1.38 5.74 -8.56
CA GLN A 32 0.00 5.85 -8.10
C GLN A 32 -0.21 5.00 -6.86
N CYS A 33 0.88 4.54 -6.28
CA CYS A 33 0.84 3.72 -5.07
C CYS A 33 1.13 4.57 -3.85
N THR A 34 0.70 4.10 -2.68
CA THR A 34 0.92 4.82 -1.44
C THR A 34 0.23 4.11 -0.27
N CYS A 35 -0.15 4.85 0.76
CA CYS A 35 -0.80 4.26 1.92
C CYS A 35 -2.32 4.41 1.82
N SER A 36 -3.01 3.28 1.92
CA SER A 36 -4.47 3.29 1.81
C SER A 36 -5.10 2.51 2.98
N ASP A 37 -5.99 3.19 3.69
CA ASP A 37 -6.69 2.61 4.83
C ASP A 37 -8.18 2.95 4.76
N SER A 38 -9.00 2.13 5.42
CA SER A 38 -10.44 2.35 5.43
C SER A 38 -10.88 2.98 6.74
N LYS A 39 -10.87 2.20 7.81
CA LYS A 39 -11.27 2.68 9.13
C LYS A 39 -10.89 1.67 10.21
N MET A 40 -9.68 1.13 10.11
CA MET A 40 -9.20 0.16 11.08
C MET A 40 -7.72 0.34 11.34
N ASN A 41 -7.18 -0.51 12.21
CA ASN A 41 -5.75 -0.45 12.55
C ASN A 41 -4.90 -1.07 11.46
N THR A 42 -5.51 -1.88 10.60
CA THR A 42 -4.77 -2.52 9.52
C THR A 42 -5.22 -2.01 8.16
N HIS A 43 -4.24 -1.85 7.27
CA HIS A 43 -4.46 -1.36 5.92
C HIS A 43 -3.38 -1.92 5.01
N SER A 44 -3.31 -1.45 3.78
CA SER A 44 -2.27 -1.90 2.86
C SER A 44 -1.98 -0.84 1.80
N CYS A 45 -1.59 -1.27 0.60
CA CYS A 45 -1.26 -0.34 -0.49
C CYS A 45 -2.42 -0.22 -1.48
N ASP A 46 -2.27 0.67 -2.46
CA ASP A 46 -3.29 0.88 -3.47
C ASP A 46 -2.69 1.34 -4.80
N CYS A 47 -1.55 0.76 -5.17
CA CYS A 47 -0.90 1.12 -6.42
C CYS A 47 -1.83 0.83 -7.59
N LYS A 48 -2.76 -0.09 -7.35
CA LYS A 48 -3.72 -0.47 -8.36
C LYS A 48 -5.10 -0.57 -7.76
N SER A 49 -6.07 0.02 -8.46
CA SER A 49 -7.45 0.02 -8.01
C SER A 49 -7.87 -1.35 -7.48
N CYS A 50 -7.75 -1.53 -6.18
CA CYS A 50 -8.10 -2.80 -5.54
C CYS A 50 -8.63 -2.57 -4.12
N ASN A 1 7.61 -5.52 -16.91
CA ASN A 1 6.53 -4.78 -17.61
C ASN A 1 5.23 -5.57 -17.61
N LEU A 2 4.40 -5.33 -16.59
CA LEU A 2 3.12 -6.02 -16.47
C LEU A 2 2.17 -5.25 -15.56
N MET A 3 2.34 -5.39 -14.26
CA MET A 3 1.50 -4.70 -13.29
C MET A 3 2.34 -4.17 -12.13
N LYS A 4 1.67 -3.72 -11.07
CA LYS A 4 2.35 -3.20 -9.89
C LYS A 4 2.03 -4.07 -8.69
N ARG A 5 0.84 -4.66 -8.70
CA ARG A 5 0.39 -5.54 -7.62
C ARG A 5 0.22 -4.78 -6.31
N CYS A 6 -0.83 -3.97 -6.22
CA CYS A 6 -1.10 -3.20 -5.00
C CYS A 6 -1.00 -4.11 -3.78
N THR A 7 -0.24 -3.69 -2.77
CA THR A 7 -0.07 -4.47 -1.55
C THR A 7 0.52 -5.84 -1.85
N ARG A 8 0.93 -6.54 -0.80
CA ARG A 8 1.49 -7.87 -0.92
C ARG A 8 0.50 -8.89 -0.38
N GLY A 9 -0.78 -8.59 -0.56
CA GLY A 9 -1.83 -9.44 -0.07
C GLY A 9 -2.56 -8.79 1.09
N PHE A 10 -2.44 -7.48 1.18
CA PHE A 10 -3.08 -6.71 2.25
C PHE A 10 -2.50 -7.09 3.60
N ARG A 11 -1.46 -6.39 4.04
CA ARG A 11 -0.85 -6.69 5.32
C ARG A 11 0.01 -5.55 5.88
N LYS A 12 -0.57 -4.36 5.93
CA LYS A 12 0.12 -3.19 6.48
C LYS A 12 -0.59 -2.79 7.77
N LEU A 13 0.08 -2.08 8.67
CA LEU A 13 -0.56 -1.72 9.95
C LEU A 13 -0.05 -0.40 10.52
N GLY A 14 -0.90 0.22 11.36
CA GLY A 14 -0.55 1.48 12.01
C GLY A 14 -1.21 2.69 11.36
N LYS A 15 -2.53 2.62 11.16
CA LYS A 15 -3.30 3.72 10.54
C LYS A 15 -2.40 4.61 9.68
N CYS A 16 -2.17 4.18 8.44
CA CYS A 16 -1.30 4.91 7.53
C CYS A 16 0.06 5.16 8.18
N THR A 17 0.69 4.06 8.59
CA THR A 17 1.98 4.11 9.25
C THR A 17 3.10 4.37 8.26
N THR A 18 4.23 4.87 8.76
CA THR A 18 5.38 5.15 7.92
C THR A 18 5.80 3.88 7.19
N LEU A 19 6.09 2.83 7.95
CA LEU A 19 6.49 1.55 7.38
C LEU A 19 5.48 1.09 6.33
N GLU A 20 4.27 1.60 6.43
CA GLU A 20 3.22 1.24 5.50
C GLU A 20 3.40 1.99 4.18
N GLU A 21 3.56 3.31 4.26
CA GLU A 21 3.76 4.13 3.07
C GLU A 21 5.09 3.74 2.42
N GLU A 22 6.00 3.25 3.26
CA GLU A 22 7.31 2.82 2.81
C GLU A 22 7.22 1.45 2.17
N LYS A 23 6.36 0.60 2.72
CA LYS A 23 6.16 -0.74 2.19
C LYS A 23 5.79 -0.65 0.71
N CYS A 24 4.84 0.23 0.43
CA CYS A 24 4.35 0.45 -0.93
C CYS A 24 5.39 1.12 -1.81
N LYS A 25 6.15 2.06 -1.26
CA LYS A 25 7.16 2.78 -2.03
C LYS A 25 8.42 1.94 -2.25
N THR A 26 9.14 1.66 -1.18
CA THR A 26 10.37 0.89 -1.25
C THR A 26 10.20 -0.43 -2.00
N LEU A 27 9.10 -1.14 -1.76
CA LEU A 27 8.88 -2.43 -2.42
C LEU A 27 8.26 -2.25 -3.80
N TYR A 28 7.32 -1.31 -3.93
CA TYR A 28 6.64 -1.10 -5.21
C TYR A 28 7.03 0.26 -5.82
N PRO A 29 7.78 0.24 -6.93
CA PRO A 29 8.19 1.47 -7.62
C PRO A 29 7.07 2.03 -8.50
N ARG A 30 5.98 2.46 -7.85
CA ARG A 30 4.83 2.99 -8.57
C ARG A 30 4.68 4.49 -8.38
N GLY A 31 3.85 5.10 -9.22
CA GLY A 31 3.58 6.51 -9.14
C GLY A 31 2.19 6.77 -8.57
N GLN A 32 1.36 5.73 -8.61
CA GLN A 32 0.00 5.82 -8.10
C GLN A 32 -0.16 4.93 -6.87
N CYS A 33 0.97 4.52 -6.31
CA CYS A 33 0.98 3.68 -5.12
C CYS A 33 1.24 4.52 -3.88
N THR A 34 0.77 4.03 -2.73
CA THR A 34 0.95 4.75 -1.48
C THR A 34 0.21 4.04 -0.34
N CYS A 35 -0.21 4.78 0.67
CA CYS A 35 -0.92 4.20 1.80
C CYS A 35 -2.43 4.36 1.64
N SER A 36 -3.15 3.27 1.86
CA SER A 36 -4.60 3.27 1.73
C SER A 36 -5.24 2.53 2.91
N ASP A 37 -6.16 3.22 3.60
CA ASP A 37 -6.84 2.64 4.74
C ASP A 37 -8.34 2.92 4.68
N SER A 38 -9.13 2.09 5.35
CA SER A 38 -10.58 2.27 5.36
C SER A 38 -11.04 2.85 6.70
N LYS A 39 -10.96 2.04 7.76
CA LYS A 39 -11.37 2.48 9.09
C LYS A 39 -10.95 1.46 10.14
N MET A 40 -9.74 0.92 9.98
CA MET A 40 -9.22 -0.07 10.92
C MET A 40 -7.73 0.12 11.13
N ASN A 41 -7.22 -0.41 12.23
CA ASN A 41 -5.80 -0.31 12.56
C ASN A 41 -4.94 -0.89 11.44
N THR A 42 -5.49 -1.85 10.69
CA THR A 42 -4.76 -2.47 9.60
C THR A 42 -5.20 -1.92 8.25
N HIS A 43 -4.23 -1.75 7.36
CA HIS A 43 -4.45 -1.24 6.02
C HIS A 43 -3.39 -1.81 5.09
N SER A 44 -3.36 -1.33 3.85
CA SER A 44 -2.34 -1.79 2.90
C SER A 44 -2.07 -0.72 1.85
N CYS A 45 -1.63 -1.14 0.66
CA CYS A 45 -1.33 -0.22 -0.42
C CYS A 45 -2.46 -0.13 -1.43
N ASP A 46 -2.30 0.78 -2.40
CA ASP A 46 -3.32 0.97 -3.44
C ASP A 46 -2.68 1.46 -4.74
N CYS A 47 -1.63 0.80 -5.18
CA CYS A 47 -0.95 1.17 -6.42
C CYS A 47 -1.80 0.77 -7.60
N LYS A 48 -2.69 -0.17 -7.36
CA LYS A 48 -3.59 -0.68 -8.39
C LYS A 48 -5.01 -0.71 -7.88
N SER A 49 -5.92 -0.21 -8.68
CA SER A 49 -7.33 -0.17 -8.32
C SER A 49 -7.79 -1.54 -7.80
N CYS A 50 -7.66 -1.73 -6.50
CA CYS A 50 -8.04 -2.98 -5.85
C CYS A 50 -8.66 -2.73 -4.48
N ASN A 1 3.89 -7.98 -10.64
CA ASN A 1 3.70 -9.17 -11.50
C ASN A 1 3.46 -8.78 -12.95
N LEU A 2 2.53 -7.84 -13.16
CA LEU A 2 2.20 -7.37 -14.50
C LEU A 2 2.24 -5.84 -14.57
N MET A 3 1.71 -5.20 -13.54
CA MET A 3 1.68 -3.75 -13.47
C MET A 3 2.36 -3.24 -12.21
N LYS A 4 1.63 -3.23 -11.11
CA LYS A 4 2.17 -2.77 -9.82
C LYS A 4 1.77 -3.74 -8.71
N ARG A 5 0.57 -4.30 -8.84
CA ARG A 5 0.05 -5.24 -7.86
C ARG A 5 0.03 -4.65 -6.45
N CYS A 6 -0.96 -3.79 -6.20
CA CYS A 6 -1.11 -3.14 -4.90
C CYS A 6 -0.92 -4.14 -3.77
N THR A 7 -0.16 -3.76 -2.74
CA THR A 7 0.09 -4.61 -1.58
C THR A 7 0.72 -5.94 -1.98
N ARG A 8 1.11 -6.72 -0.97
CA ARG A 8 1.69 -8.04 -1.18
C ARG A 8 0.75 -9.08 -0.61
N GLY A 9 -0.53 -8.73 -0.60
CA GLY A 9 -1.56 -9.60 -0.07
C GLY A 9 -2.34 -8.89 1.03
N PHE A 10 -2.20 -7.57 1.08
CA PHE A 10 -2.88 -6.76 2.08
C PHE A 10 -2.39 -7.10 3.48
N ARG A 11 -1.38 -6.37 3.96
CA ARG A 11 -0.85 -6.64 5.30
C ARG A 11 -0.02 -5.49 5.88
N LYS A 12 -0.59 -4.30 5.88
CA LYS A 12 0.08 -3.13 6.44
C LYS A 12 -0.69 -2.71 7.70
N LEU A 13 -0.03 -2.04 8.65
CA LEU A 13 -0.73 -1.66 9.89
C LEU A 13 -0.20 -0.37 10.50
N GLY A 14 -1.05 0.28 11.30
CA GLY A 14 -0.67 1.51 11.98
C GLY A 14 -1.28 2.75 11.34
N LYS A 15 -2.58 2.70 11.05
CA LYS A 15 -3.31 3.83 10.43
C LYS A 15 -2.38 4.66 9.53
N CYS A 16 -2.20 4.21 8.29
CA CYS A 16 -1.31 4.90 7.34
C CYS A 16 0.05 5.12 8.00
N THR A 17 0.60 4.04 8.53
CA THR A 17 1.88 4.07 9.21
C THR A 17 3.02 4.26 8.22
N THR A 18 4.14 4.80 8.70
CA THR A 18 5.29 5.00 7.85
C THR A 18 5.68 3.71 7.16
N LEU A 19 5.92 2.67 7.95
CA LEU A 19 6.30 1.37 7.43
C LEU A 19 5.34 0.92 6.34
N GLU A 20 4.12 1.44 6.40
CA GLU A 20 3.10 1.08 5.41
C GLU A 20 3.34 1.84 4.10
N GLU A 21 3.50 3.16 4.19
CA GLU A 21 3.76 3.97 3.01
C GLU A 21 5.11 3.59 2.41
N GLU A 22 5.99 3.11 3.29
CA GLU A 22 7.32 2.68 2.88
C GLU A 22 7.23 1.32 2.22
N LYS A 23 6.32 0.48 2.70
CA LYS A 23 6.13 -0.84 2.15
C LYS A 23 5.81 -0.72 0.66
N CYS A 24 4.84 0.13 0.36
CA CYS A 24 4.41 0.37 -1.01
C CYS A 24 5.48 1.09 -1.83
N LYS A 25 6.27 1.94 -1.17
CA LYS A 25 7.30 2.69 -1.88
C LYS A 25 8.56 1.86 -2.11
N THR A 26 9.30 1.58 -1.04
CA THR A 26 10.53 0.81 -1.12
C THR A 26 10.36 -0.47 -1.93
N LEU A 27 9.23 -1.15 -1.79
CA LEU A 27 8.99 -2.39 -2.52
C LEU A 27 8.43 -2.14 -3.91
N TYR A 28 7.54 -1.15 -4.03
CA TYR A 28 6.92 -0.86 -5.31
C TYR A 28 7.35 0.52 -5.84
N PRO A 29 8.07 0.58 -6.97
CA PRO A 29 8.51 1.84 -7.56
C PRO A 29 7.40 2.44 -8.44
N ARG A 30 6.29 2.82 -7.81
CA ARG A 30 5.15 3.38 -8.54
C ARG A 30 4.89 4.84 -8.18
N GLY A 31 3.88 5.40 -8.82
CA GLY A 31 3.49 6.77 -8.57
C GLY A 31 2.07 6.85 -8.06
N GLN A 32 1.21 5.96 -8.55
CA GLN A 32 -0.18 5.90 -8.13
C GLN A 32 -0.34 4.94 -6.96
N CYS A 33 0.80 4.52 -6.41
CA CYS A 33 0.82 3.60 -5.29
C CYS A 33 1.19 4.34 -4.01
N THR A 34 0.65 3.88 -2.88
CA THR A 34 0.94 4.50 -1.59
C THR A 34 0.16 3.81 -0.47
N CYS A 35 -0.25 4.57 0.54
CA CYS A 35 -0.98 4.01 1.67
C CYS A 35 -2.49 4.20 1.50
N SER A 36 -3.24 3.16 1.86
CA SER A 36 -4.70 3.19 1.76
C SER A 36 -5.32 2.50 2.96
N ASP A 37 -5.95 3.30 3.83
CA ASP A 37 -6.59 2.78 5.03
C ASP A 37 -8.11 3.02 5.00
N SER A 38 -8.82 2.33 5.88
CA SER A 38 -10.27 2.47 5.95
C SER A 38 -10.68 3.19 7.23
N LYS A 39 -10.85 2.43 8.31
CA LYS A 39 -11.24 2.99 9.60
C LYS A 39 -11.16 1.95 10.71
N MET A 40 -9.96 1.40 10.91
CA MET A 40 -9.75 0.39 11.94
C MET A 40 -8.33 0.51 12.51
N ASN A 41 -7.39 -0.14 11.85
CA ASN A 41 -5.99 -0.13 12.28
C ASN A 41 -5.10 -0.74 11.20
N THR A 42 -5.63 -1.72 10.48
CA THR A 42 -4.88 -2.37 9.42
C THR A 42 -5.27 -1.82 8.06
N HIS A 43 -4.27 -1.66 7.20
CA HIS A 43 -4.45 -1.12 5.87
C HIS A 43 -3.39 -1.70 4.94
N SER A 44 -3.37 -1.27 3.68
CA SER A 44 -2.36 -1.75 2.76
C SER A 44 -2.11 -0.73 1.65
N CYS A 45 -1.63 -1.19 0.50
CA CYS A 45 -1.34 -0.30 -0.63
C CYS A 45 -2.46 -0.32 -1.66
N ASP A 46 -2.38 0.59 -2.64
CA ASP A 46 -3.39 0.68 -3.68
C ASP A 46 -2.78 1.21 -4.98
N CYS A 47 -1.66 0.64 -5.38
CA CYS A 47 -1.00 1.04 -6.61
C CYS A 47 -1.92 0.80 -7.80
N LYS A 48 -2.80 -0.17 -7.62
CA LYS A 48 -3.76 -0.53 -8.66
C LYS A 48 -5.10 -0.87 -8.03
N SER A 49 -6.14 -0.18 -8.50
CA SER A 49 -7.50 -0.38 -8.00
C SER A 49 -7.76 -1.83 -7.63
N CYS A 50 -7.62 -2.15 -6.35
CA CYS A 50 -7.84 -3.50 -5.86
C CYS A 50 -9.29 -3.70 -5.43
N ASN A 1 0.59 0.72 -19.30
CA ASN A 1 -0.33 0.89 -18.14
C ASN A 1 -0.49 -0.43 -17.38
N LEU A 2 -0.83 -0.32 -16.09
CA LEU A 2 -1.02 -1.49 -15.24
C LEU A 2 0.24 -2.36 -15.22
N MET A 3 1.13 -2.09 -14.27
CA MET A 3 2.36 -2.85 -14.15
C MET A 3 2.87 -2.84 -12.71
N LYS A 4 1.94 -2.76 -11.76
CA LYS A 4 2.30 -2.75 -10.35
C LYS A 4 1.62 -3.91 -9.62
N ARG A 5 1.46 -3.77 -8.30
CA ARG A 5 0.83 -4.80 -7.51
C ARG A 5 0.37 -4.27 -6.16
N CYS A 6 -0.83 -3.69 -6.14
CA CYS A 6 -1.39 -3.13 -4.92
C CYS A 6 -1.44 -4.19 -3.83
N THR A 7 -0.77 -3.92 -2.71
CA THR A 7 -0.73 -4.85 -1.58
C THR A 7 -0.05 -6.16 -1.97
N ARG A 8 0.92 -6.56 -1.17
CA ARG A 8 1.65 -7.80 -1.40
C ARG A 8 1.09 -8.90 -0.52
N GLY A 9 -0.23 -8.84 -0.35
CA GLY A 9 -0.92 -9.80 0.47
C GLY A 9 -1.78 -9.11 1.50
N PHE A 10 -1.85 -7.78 1.39
CA PHE A 10 -2.64 -6.97 2.31
C PHE A 10 -2.20 -7.21 3.74
N ARG A 11 -1.21 -6.45 4.21
CA ARG A 11 -0.73 -6.64 5.57
C ARG A 11 0.11 -5.47 6.11
N LYS A 12 -0.44 -4.26 6.02
CA LYS A 12 0.24 -3.09 6.54
C LYS A 12 -0.53 -2.64 7.78
N LEU A 13 0.11 -1.90 8.68
CA LEU A 13 -0.58 -1.49 9.90
C LEU A 13 -0.08 -0.16 10.47
N GLY A 14 -0.93 0.46 11.29
CA GLY A 14 -0.58 1.73 11.92
C GLY A 14 -1.24 2.93 11.27
N LYS A 15 -2.55 2.82 10.99
CA LYS A 15 -3.31 3.90 10.36
C LYS A 15 -2.42 4.82 9.52
N CYS A 16 -2.17 4.40 8.27
CA CYS A 16 -1.30 5.16 7.37
C CYS A 16 0.06 5.37 8.02
N THR A 17 0.63 4.27 8.49
CA THR A 17 1.92 4.30 9.16
C THR A 17 3.06 4.43 8.16
N THR A 18 4.19 4.99 8.62
CA THR A 18 5.35 5.16 7.75
C THR A 18 5.73 3.82 7.13
N LEU A 19 5.91 2.81 7.98
CA LEU A 19 6.27 1.48 7.52
C LEU A 19 5.36 1.03 6.39
N GLU A 20 4.15 1.55 6.38
CA GLU A 20 3.18 1.19 5.36
C GLU A 20 3.47 1.94 4.06
N GLU A 21 3.64 3.26 4.16
CA GLU A 21 3.95 4.08 2.99
C GLU A 21 5.31 3.66 2.45
N GLU A 22 6.12 3.07 3.33
CA GLU A 22 7.45 2.60 2.99
C GLU A 22 7.36 1.22 2.36
N LYS A 23 6.43 0.41 2.86
CA LYS A 23 6.23 -0.95 2.33
C LYS A 23 6.00 -0.87 0.83
N CYS A 24 5.20 0.10 0.43
CA CYS A 24 4.88 0.29 -0.98
C CYS A 24 6.02 0.95 -1.74
N LYS A 25 6.64 1.96 -1.14
CA LYS A 25 7.72 2.68 -1.80
C LYS A 25 8.95 1.79 -2.03
N THR A 26 9.12 0.80 -1.16
CA THR A 26 10.26 -0.11 -1.26
C THR A 26 9.97 -1.26 -2.21
N LEU A 27 8.71 -1.71 -2.25
CA LEU A 27 8.32 -2.82 -3.10
C LEU A 27 7.98 -2.37 -4.52
N TYR A 28 7.19 -1.32 -4.63
CA TYR A 28 6.78 -0.83 -5.94
C TYR A 28 6.94 0.69 -6.04
N PRO A 29 7.86 1.17 -6.89
CA PRO A 29 8.10 2.60 -7.08
C PRO A 29 7.06 3.22 -8.00
N ARG A 30 5.82 3.31 -7.51
CA ARG A 30 4.73 3.89 -8.30
C ARG A 30 4.28 5.23 -7.74
N GLY A 31 3.18 5.74 -8.29
CA GLY A 31 2.64 7.00 -7.84
C GLY A 31 1.39 6.80 -7.01
N GLN A 32 0.67 5.72 -7.31
CA GLN A 32 -0.55 5.38 -6.59
C GLN A 32 -0.31 4.22 -5.63
N CYS A 33 0.96 3.86 -5.49
CA CYS A 33 1.37 2.79 -4.60
C CYS A 33 1.88 3.36 -3.29
N THR A 34 0.96 3.82 -2.45
CA THR A 34 1.32 4.41 -1.18
C THR A 34 0.47 3.83 -0.03
N CYS A 35 -0.07 4.69 0.83
CA CYS A 35 -0.89 4.21 1.93
C CYS A 35 -2.37 4.30 1.61
N SER A 36 -3.09 3.21 1.86
CA SER A 36 -4.53 3.15 1.60
C SER A 36 -5.26 2.47 2.74
N ASP A 37 -6.05 3.24 3.47
CA ASP A 37 -6.82 2.70 4.60
C ASP A 37 -8.29 3.10 4.51
N SER A 38 -9.14 2.34 5.19
CA SER A 38 -10.57 2.62 5.18
C SER A 38 -11.02 3.23 6.51
N LYS A 39 -10.95 2.43 7.57
CA LYS A 39 -11.34 2.90 8.90
C LYS A 39 -10.96 1.87 9.97
N MET A 40 -9.73 1.39 9.90
CA MET A 40 -9.23 0.40 10.86
C MET A 40 -7.75 0.64 11.16
N ASN A 41 -7.18 -0.23 11.99
CA ASN A 41 -5.77 -0.12 12.35
C ASN A 41 -4.88 -0.68 11.25
N THR A 42 -5.39 -1.68 10.54
CA THR A 42 -4.63 -2.28 9.44
C THR A 42 -5.07 -1.76 8.09
N HIS A 43 -4.10 -1.61 7.20
CA HIS A 43 -4.33 -1.11 5.85
C HIS A 43 -3.30 -1.69 4.91
N SER A 44 -3.35 -1.31 3.64
CA SER A 44 -2.37 -1.79 2.68
C SER A 44 -2.18 -0.78 1.55
N CYS A 45 -1.84 -1.26 0.35
CA CYS A 45 -1.61 -0.36 -0.78
C CYS A 45 -2.78 -0.33 -1.75
N ASP A 46 -2.65 0.54 -2.75
CA ASP A 46 -3.66 0.71 -3.79
C ASP A 46 -3.00 1.14 -5.09
N CYS A 47 -1.76 0.71 -5.29
CA CYS A 47 -1.01 1.04 -6.50
C CYS A 47 -1.84 0.74 -7.73
N LYS A 48 -2.74 -0.22 -7.58
CA LYS A 48 -3.62 -0.64 -8.66
C LYS A 48 -5.05 -0.76 -8.17
N SER A 49 -5.97 -0.31 -9.00
CA SER A 49 -7.39 -0.34 -8.67
C SER A 49 -7.82 -1.75 -8.24
N CYS A 50 -7.80 -1.99 -6.93
CA CYS A 50 -8.17 -3.29 -6.38
C CYS A 50 -8.90 -3.13 -5.05
N ASN A 1 -1.77 -5.90 -20.23
CA ASN A 1 -2.96 -5.97 -19.35
C ASN A 1 -2.61 -5.61 -17.91
N LEU A 2 -1.48 -6.12 -17.43
CA LEU A 2 -1.03 -5.85 -16.08
C LEU A 2 0.02 -4.75 -16.05
N MET A 3 0.21 -4.14 -14.89
CA MET A 3 1.20 -3.07 -14.73
C MET A 3 1.76 -3.07 -13.32
N LYS A 4 0.86 -2.98 -12.34
CA LYS A 4 1.25 -2.96 -10.93
C LYS A 4 0.41 -3.95 -10.13
N ARG A 5 0.56 -3.92 -8.81
CA ARG A 5 -0.18 -4.82 -7.93
C ARG A 5 -0.28 -4.24 -6.52
N CYS A 6 -1.41 -3.61 -6.22
CA CYS A 6 -1.64 -3.03 -4.90
C CYS A 6 -1.36 -4.04 -3.80
N THR A 7 -0.74 -3.58 -2.72
CA THR A 7 -0.42 -4.44 -1.58
C THR A 7 0.35 -5.68 -2.03
N ARG A 8 0.54 -6.60 -1.09
CA ARG A 8 1.23 -7.85 -1.34
C ARG A 8 0.60 -8.95 -0.50
N GLY A 9 -0.71 -8.80 -0.31
CA GLY A 9 -1.46 -9.73 0.49
C GLY A 9 -2.22 -9.01 1.58
N PHE A 10 -2.21 -7.68 1.50
CA PHE A 10 -2.88 -6.84 2.49
C PHE A 10 -2.38 -7.15 3.89
N ARG A 11 -1.28 -6.51 4.29
CA ARG A 11 -0.73 -6.76 5.61
C ARG A 11 0.09 -5.58 6.16
N LYS A 12 -0.50 -4.39 6.14
CA LYS A 12 0.14 -3.19 6.66
C LYS A 12 -0.62 -2.77 7.92
N LEU A 13 0.00 -1.98 8.79
CA LEU A 13 -0.68 -1.57 10.03
C LEU A 13 -0.22 -0.22 10.56
N GLY A 14 -1.09 0.42 11.34
CA GLY A 14 -0.79 1.72 11.93
C GLY A 14 -1.42 2.89 11.20
N LYS A 15 -2.74 2.82 10.96
CA LYS A 15 -3.47 3.88 10.26
C LYS A 15 -2.56 4.65 9.29
N CYS A 16 -2.35 4.09 8.10
CA CYS A 16 -1.48 4.71 7.10
C CYS A 16 -0.15 5.08 7.72
N THR A 17 0.47 4.11 8.38
CA THR A 17 1.75 4.29 9.04
C THR A 17 2.88 4.45 8.03
N THR A 18 3.94 5.18 8.42
CA THR A 18 5.08 5.39 7.55
C THR A 18 5.58 4.06 7.00
N LEU A 19 5.80 3.11 7.90
CA LEU A 19 6.25 1.79 7.52
C LEU A 19 5.42 1.24 6.39
N GLU A 20 4.12 1.41 6.52
CA GLU A 20 3.20 0.93 5.50
C GLU A 20 3.37 1.67 4.19
N GLU A 21 3.50 3.00 4.26
CA GLU A 21 3.69 3.81 3.07
C GLU A 21 5.05 3.51 2.44
N GLU A 22 5.96 3.01 3.27
CA GLU A 22 7.30 2.66 2.83
C GLU A 22 7.25 1.29 2.17
N LYS A 23 6.50 0.38 2.77
CA LYS A 23 6.33 -0.97 2.24
C LYS A 23 5.95 -0.91 0.77
N CYS A 24 4.96 -0.08 0.49
CA CYS A 24 4.47 0.11 -0.87
C CYS A 24 5.51 0.80 -1.74
N LYS A 25 6.13 1.82 -1.20
CA LYS A 25 7.14 2.59 -1.93
C LYS A 25 8.33 1.72 -2.33
N THR A 26 9.14 1.35 -1.35
CA THR A 26 10.33 0.54 -1.58
C THR A 26 10.05 -0.68 -2.44
N LEU A 27 8.90 -1.32 -2.24
CA LEU A 27 8.53 -2.50 -3.00
C LEU A 27 8.06 -2.15 -4.40
N TYR A 28 7.38 -1.01 -4.53
CA TYR A 28 6.85 -0.57 -5.80
C TYR A 28 7.00 0.93 -5.98
N PRO A 29 7.89 1.36 -6.90
CA PRO A 29 8.12 2.78 -7.17
C PRO A 29 7.04 3.39 -8.06
N ARG A 30 5.78 3.09 -7.73
CA ARG A 30 4.64 3.59 -8.50
C ARG A 30 4.29 5.02 -8.11
N GLY A 31 3.23 5.53 -8.74
CA GLY A 31 2.76 6.86 -8.44
C GLY A 31 1.50 6.84 -7.62
N GLN A 32 0.91 5.65 -7.51
CA GLN A 32 -0.32 5.46 -6.74
C GLN A 32 -0.17 4.30 -5.76
N CYS A 33 1.08 3.88 -5.56
CA CYS A 33 1.38 2.79 -4.64
C CYS A 33 1.88 3.35 -3.31
N THR A 34 0.99 4.07 -2.63
CA THR A 34 1.32 4.68 -1.36
C THR A 34 0.56 4.01 -0.21
N CYS A 35 0.11 4.79 0.76
CA CYS A 35 -0.61 4.23 1.90
C CYS A 35 -2.12 4.38 1.72
N SER A 36 -2.83 3.28 1.90
CA SER A 36 -4.29 3.25 1.76
C SER A 36 -4.93 2.48 2.90
N ASP A 37 -5.81 3.14 3.63
CA ASP A 37 -6.50 2.50 4.76
C ASP A 37 -8.01 2.54 4.57
N SER A 38 -8.69 1.54 5.14
CA SER A 38 -10.14 1.45 5.05
C SER A 38 -10.78 1.96 6.32
N LYS A 39 -10.05 2.82 7.02
CA LYS A 39 -10.51 3.41 8.28
C LYS A 39 -10.43 2.39 9.42
N MET A 40 -9.35 1.63 9.42
CA MET A 40 -9.13 0.60 10.45
C MET A 40 -7.67 0.60 10.89
N ASN A 41 -7.37 -0.17 11.92
CA ASN A 41 -6.01 -0.26 12.44
C ASN A 41 -5.08 -0.88 11.40
N THR A 42 -5.62 -1.79 10.60
CA THR A 42 -4.83 -2.44 9.56
C THR A 42 -5.24 -1.96 8.17
N HIS A 43 -4.24 -1.81 7.33
CA HIS A 43 -4.43 -1.35 5.96
C HIS A 43 -3.33 -1.94 5.09
N SER A 44 -3.23 -1.49 3.84
CA SER A 44 -2.18 -1.96 2.95
C SER A 44 -1.88 -0.92 1.87
N CYS A 45 -1.54 -1.38 0.68
CA CYS A 45 -1.21 -0.47 -0.43
C CYS A 45 -2.37 -0.35 -1.42
N ASP A 46 -2.17 0.48 -2.44
CA ASP A 46 -3.18 0.71 -3.47
C ASP A 46 -2.52 1.05 -4.80
N CYS A 47 -1.40 0.42 -5.08
CA CYS A 47 -0.68 0.66 -6.33
C CYS A 47 -1.57 0.35 -7.52
N LYS A 48 -2.57 -0.48 -7.28
CA LYS A 48 -3.51 -0.88 -8.32
C LYS A 48 -4.94 -0.73 -7.82
N SER A 49 -5.79 -0.16 -8.66
CA SER A 49 -7.18 0.05 -8.33
C SER A 49 -7.83 -1.25 -7.85
N CYS A 50 -7.86 -1.45 -6.54
CA CYS A 50 -8.44 -2.65 -5.96
C CYS A 50 -9.27 -2.30 -4.72
N ASN A 1 4.61 1.37 -20.78
CA ASN A 1 3.39 0.86 -20.11
C ASN A 1 3.70 -0.37 -19.28
N LEU A 2 3.17 -0.41 -18.05
CA LEU A 2 3.39 -1.54 -17.15
C LEU A 2 2.25 -1.66 -16.15
N MET A 3 2.12 -2.84 -15.56
CA MET A 3 1.07 -3.10 -14.57
C MET A 3 1.67 -3.28 -13.19
N LYS A 4 0.89 -2.96 -12.16
CA LYS A 4 1.35 -3.09 -10.78
C LYS A 4 0.51 -4.11 -10.01
N ARG A 5 0.73 -4.16 -8.71
CA ARG A 5 0.00 -5.09 -7.85
C ARG A 5 -0.09 -4.56 -6.42
N CYS A 6 -1.11 -3.76 -6.15
CA CYS A 6 -1.31 -3.17 -4.83
C CYS A 6 -1.13 -4.21 -3.73
N THR A 7 -0.39 -3.85 -2.68
CA THR A 7 -0.14 -4.74 -1.55
C THR A 7 0.48 -6.07 -1.97
N ARG A 8 0.91 -6.85 -0.99
CA ARG A 8 1.50 -8.16 -1.24
C ARG A 8 0.63 -9.21 -0.57
N GLY A 9 -0.65 -8.89 -0.45
CA GLY A 9 -1.60 -9.77 0.19
C GLY A 9 -2.33 -9.07 1.32
N PHE A 10 -2.27 -7.72 1.31
CA PHE A 10 -2.91 -6.92 2.33
C PHE A 10 -2.36 -7.25 3.71
N ARG A 11 -1.38 -6.46 4.17
CA ARG A 11 -0.80 -6.71 5.48
C ARG A 11 0.03 -5.53 6.01
N LYS A 12 -0.57 -4.35 6.04
CA LYS A 12 0.09 -3.17 6.57
C LYS A 12 -0.65 -2.74 7.85
N LEU A 13 0.01 -2.00 8.74
CA LEU A 13 -0.65 -1.61 9.99
C LEU A 13 -0.17 -0.28 10.54
N GLY A 14 -1.04 0.38 11.32
CA GLY A 14 -0.71 1.65 11.94
C GLY A 14 -1.35 2.84 11.23
N LYS A 15 -2.65 2.74 10.94
CA LYS A 15 -3.40 3.81 10.26
C LYS A 15 -2.50 4.59 9.30
N CYS A 16 -2.33 4.05 8.08
CA CYS A 16 -1.47 4.68 7.08
C CYS A 16 -0.13 5.04 7.71
N THR A 17 0.44 4.05 8.39
CA THR A 17 1.72 4.20 9.07
C THR A 17 2.86 4.41 8.08
N THR A 18 3.95 4.99 8.57
CA THR A 18 5.13 5.22 7.73
C THR A 18 5.58 3.91 7.10
N LEU A 19 5.78 2.90 7.94
CA LEU A 19 6.22 1.60 7.46
C LEU A 19 5.26 1.07 6.40
N GLU A 20 4.04 1.59 6.41
CA GLU A 20 3.04 1.17 5.44
C GLU A 20 3.26 1.91 4.11
N GLU A 21 3.47 3.23 4.18
CA GLU A 21 3.72 4.02 2.98
C GLU A 21 5.08 3.65 2.42
N GLU A 22 5.94 3.15 3.30
CA GLU A 22 7.28 2.73 2.92
C GLU A 22 7.21 1.36 2.27
N LYS A 23 6.29 0.54 2.75
CA LYS A 23 6.09 -0.79 2.20
C LYS A 23 5.76 -0.70 0.72
N CYS A 24 4.80 0.16 0.40
CA CYS A 24 4.36 0.37 -0.97
C CYS A 24 5.41 1.09 -1.81
N LYS A 25 6.19 1.96 -1.18
CA LYS A 25 7.22 2.71 -1.92
C LYS A 25 8.47 1.88 -2.14
N THR A 26 9.17 1.56 -1.06
CA THR A 26 10.41 0.79 -1.12
C THR A 26 10.24 -0.51 -1.91
N LEU A 27 9.10 -1.18 -1.77
CA LEU A 27 8.88 -2.43 -2.48
C LEU A 27 8.33 -2.19 -3.88
N TYR A 28 7.50 -1.16 -4.03
CA TYR A 28 6.91 -0.86 -5.33
C TYR A 28 7.36 0.50 -5.84
N PRO A 29 8.11 0.54 -6.95
CA PRO A 29 8.57 1.81 -7.53
C PRO A 29 7.49 2.44 -8.41
N ARG A 30 6.30 2.58 -7.83
CA ARG A 30 5.16 3.14 -8.56
C ARG A 30 5.02 4.63 -8.38
N GLY A 31 3.96 5.16 -8.97
CA GLY A 31 3.65 6.58 -8.87
C GLY A 31 2.23 6.79 -8.40
N GLN A 32 1.39 5.79 -8.63
CA GLN A 32 -0.01 5.83 -8.21
C GLN A 32 -0.20 4.96 -6.98
N CYS A 33 0.92 4.56 -6.38
CA CYS A 33 0.90 3.72 -5.19
C CYS A 33 1.23 4.55 -3.96
N THR A 34 0.77 4.07 -2.80
CA THR A 34 1.02 4.78 -1.55
C THR A 34 0.31 4.08 -0.38
N CYS A 35 -0.06 4.84 0.65
CA CYS A 35 -0.73 4.26 1.81
C CYS A 35 -2.25 4.45 1.71
N SER A 36 -2.97 3.36 1.93
CA SER A 36 -4.43 3.38 1.86
C SER A 36 -5.05 2.61 3.02
N ASP A 37 -5.89 3.32 3.78
CA ASP A 37 -6.58 2.74 4.93
C ASP A 37 -8.06 3.09 4.89
N SER A 38 -8.87 2.29 5.57
CA SER A 38 -10.32 2.52 5.60
C SER A 38 -10.74 3.10 6.95
N LYS A 39 -10.80 2.23 7.96
CA LYS A 39 -11.19 2.64 9.30
C LYS A 39 -10.79 1.59 10.33
N MET A 40 -9.61 1.01 10.14
CA MET A 40 -9.11 -0.01 11.05
C MET A 40 -7.61 0.17 11.29
N ASN A 41 -7.10 -0.52 12.31
CA ASN A 41 -5.69 -0.44 12.65
C ASN A 41 -4.83 -1.09 11.57
N THR A 42 -5.48 -1.79 10.63
CA THR A 42 -4.76 -2.44 9.55
C THR A 42 -5.21 -1.93 8.18
N HIS A 43 -4.24 -1.78 7.30
CA HIS A 43 -4.47 -1.30 5.94
C HIS A 43 -3.42 -1.88 5.02
N SER A 44 -3.36 -1.41 3.78
CA SER A 44 -2.34 -1.90 2.85
C SER A 44 -2.05 -0.86 1.76
N CYS A 45 -1.64 -1.32 0.58
CA CYS A 45 -1.33 -0.42 -0.53
C CYS A 45 -2.48 -0.34 -1.53
N ASP A 46 -2.38 0.60 -2.45
CA ASP A 46 -3.43 0.79 -3.47
C ASP A 46 -2.85 1.35 -4.76
N CYS A 47 -1.70 0.83 -5.18
CA CYS A 47 -1.07 1.26 -6.42
C CYS A 47 -2.00 1.01 -7.58
N LYS A 48 -2.87 0.03 -7.40
CA LYS A 48 -3.83 -0.35 -8.41
C LYS A 48 -5.21 -0.49 -7.80
N SER A 49 -6.20 0.03 -8.50
CA SER A 49 -7.59 -0.03 -8.03
C SER A 49 -7.99 -1.47 -7.70
N CYS A 50 -7.70 -1.88 -6.47
CA CYS A 50 -8.01 -3.23 -6.02
C CYS A 50 -9.37 -3.26 -5.33
N ASN A 1 5.00 -3.55 -19.62
CA ASN A 1 3.59 -3.96 -19.50
C ASN A 1 3.35 -4.77 -18.23
N LEU A 2 4.26 -4.62 -17.27
CA LEU A 2 4.16 -5.34 -16.00
C LEU A 2 3.20 -4.62 -15.04
N MET A 3 2.60 -5.38 -14.13
CA MET A 3 1.68 -4.82 -13.14
C MET A 3 2.40 -4.47 -11.85
N LYS A 4 1.71 -3.77 -10.96
CA LYS A 4 2.28 -3.39 -9.68
C LYS A 4 1.58 -4.10 -8.52
N ARG A 5 0.40 -4.65 -8.84
CA ARG A 5 -0.42 -5.38 -7.86
C ARG A 5 -0.34 -4.78 -6.46
N CYS A 6 -1.27 -3.86 -6.16
CA CYS A 6 -1.32 -3.22 -4.86
C CYS A 6 -1.33 -4.26 -3.74
N THR A 7 -0.65 -3.95 -2.63
CA THR A 7 -0.58 -4.87 -1.49
C THR A 7 0.09 -6.18 -1.86
N ARG A 8 1.04 -6.60 -1.05
CA ARG A 8 1.75 -7.85 -1.26
C ARG A 8 1.16 -8.92 -0.37
N GLY A 9 -0.15 -8.80 -0.16
CA GLY A 9 -0.88 -9.71 0.69
C GLY A 9 -1.81 -8.96 1.62
N PHE A 10 -1.88 -7.65 1.42
CA PHE A 10 -2.72 -6.78 2.22
C PHE A 10 -2.40 -6.97 3.70
N ARG A 11 -1.22 -6.51 4.13
CA ARG A 11 -0.83 -6.67 5.52
C ARG A 11 0.00 -5.50 6.05
N LYS A 12 -0.61 -4.33 6.09
CA LYS A 12 0.04 -3.13 6.62
C LYS A 12 -0.69 -2.72 7.90
N LEU A 13 -0.05 -1.96 8.78
CA LEU A 13 -0.70 -1.58 10.04
C LEU A 13 -0.23 -0.24 10.59
N GLY A 14 -1.08 0.37 11.44
CA GLY A 14 -0.76 1.65 12.05
C GLY A 14 -1.39 2.83 11.34
N LYS A 15 -2.73 2.83 11.22
CA LYS A 15 -3.47 3.90 10.55
C LYS A 15 -2.58 4.72 9.63
N CYS A 16 -2.40 4.23 8.41
CA CYS A 16 -1.55 4.88 7.42
C CYS A 16 -0.18 5.20 8.01
N THR A 17 0.50 4.15 8.45
CA THR A 17 1.82 4.29 9.05
C THR A 17 2.89 4.42 7.96
N THR A 18 3.96 5.13 8.27
CA THR A 18 5.04 5.32 7.31
C THR A 18 5.52 3.97 6.77
N LEU A 19 5.82 3.05 7.68
CA LEU A 19 6.30 1.72 7.31
C LEU A 19 5.38 1.10 6.26
N GLU A 20 4.11 1.49 6.29
CA GLU A 20 3.13 0.97 5.35
C GLU A 20 3.29 1.63 3.99
N GLU A 21 3.35 2.97 3.97
CA GLU A 21 3.51 3.70 2.73
C GLU A 21 4.87 3.37 2.11
N GLU A 22 5.82 3.01 2.98
CA GLU A 22 7.15 2.63 2.56
C GLU A 22 7.14 1.21 2.04
N LYS A 23 6.33 0.37 2.67
CA LYS A 23 6.19 -1.02 2.25
C LYS A 23 5.91 -1.08 0.76
N CYS A 24 4.84 -0.42 0.36
CA CYS A 24 4.45 -0.37 -1.05
C CYS A 24 5.46 0.42 -1.87
N LYS A 25 6.06 1.43 -1.23
CA LYS A 25 7.04 2.27 -1.91
C LYS A 25 8.25 1.47 -2.38
N THR A 26 9.08 1.07 -1.42
CA THR A 26 10.29 0.31 -1.72
C THR A 26 9.98 -0.93 -2.55
N LEU A 27 8.80 -1.52 -2.36
CA LEU A 27 8.42 -2.71 -3.10
C LEU A 27 8.00 -2.37 -4.53
N TYR A 28 7.37 -1.22 -4.70
CA TYR A 28 6.90 -0.81 -6.01
C TYR A 28 7.05 0.70 -6.22
N PRO A 29 8.04 1.11 -7.02
CA PRO A 29 8.28 2.52 -7.32
C PRO A 29 7.24 3.08 -8.29
N ARG A 30 6.04 3.35 -7.77
CA ARG A 30 4.95 3.87 -8.60
C ARG A 30 4.57 5.28 -8.20
N GLY A 31 3.46 5.74 -8.77
CA GLY A 31 2.94 7.06 -8.47
C GLY A 31 1.65 6.95 -7.69
N GLN A 32 1.04 5.78 -7.76
CA GLN A 32 -0.21 5.51 -7.06
C GLN A 32 -0.01 4.39 -6.05
N CYS A 33 1.24 4.06 -5.80
CA CYS A 33 1.59 3.01 -4.84
C CYS A 33 1.98 3.64 -3.52
N THR A 34 1.00 4.23 -2.85
CA THR A 34 1.21 4.89 -1.57
C THR A 34 0.46 4.17 -0.46
N CYS A 35 0.04 4.90 0.57
CA CYS A 35 -0.69 4.28 1.68
C CYS A 35 -2.20 4.46 1.53
N SER A 36 -2.95 3.44 1.95
CA SER A 36 -4.40 3.46 1.86
C SER A 36 -5.03 2.70 3.03
N ASP A 37 -5.92 3.38 3.74
CA ASP A 37 -6.60 2.78 4.89
C ASP A 37 -8.11 3.02 4.80
N SER A 38 -8.88 2.18 5.47
CA SER A 38 -10.34 2.31 5.45
C SER A 38 -10.84 3.00 6.71
N LYS A 39 -10.89 2.24 7.80
CA LYS A 39 -11.36 2.77 9.09
C LYS A 39 -11.01 1.81 10.22
N MET A 40 -9.80 1.26 10.18
CA MET A 40 -9.36 0.33 11.21
C MET A 40 -7.87 0.51 11.50
N ASN A 41 -7.31 -0.38 12.31
CA ASN A 41 -5.91 -0.32 12.68
C ASN A 41 -5.04 -0.90 11.57
N THR A 42 -5.59 -1.84 10.80
CA THR A 42 -4.85 -2.46 9.71
C THR A 42 -5.29 -1.93 8.36
N HIS A 43 -4.32 -1.74 7.49
CA HIS A 43 -4.55 -1.25 6.13
C HIS A 43 -3.46 -1.80 5.21
N SER A 44 -3.40 -1.27 3.99
CA SER A 44 -2.37 -1.68 3.05
C SER A 44 -2.08 -0.54 2.07
N CYS A 45 -1.79 -0.89 0.82
CA CYS A 45 -1.49 0.14 -0.17
C CYS A 45 -2.31 -0.07 -1.45
N ASP A 46 -2.60 1.02 -2.15
CA ASP A 46 -3.40 0.96 -3.37
C ASP A 46 -2.58 1.34 -4.61
N CYS A 47 -1.48 0.63 -4.82
CA CYS A 47 -0.64 0.87 -5.98
C CYS A 47 -1.42 0.65 -7.26
N LYS A 48 -2.44 -0.19 -7.15
CA LYS A 48 -3.27 -0.51 -8.29
C LYS A 48 -4.74 -0.40 -7.91
N SER A 49 -5.57 -0.28 -8.94
CA SER A 49 -7.02 -0.18 -8.75
C SER A 49 -7.61 -1.52 -8.38
N CYS A 50 -7.25 -2.02 -7.20
CA CYS A 50 -7.75 -3.30 -6.72
C CYS A 50 -9.06 -3.14 -5.95
N ASN A 1 2.46 0.27 -20.25
CA ASN A 1 3.59 -0.67 -20.45
C ASN A 1 3.38 -1.97 -19.66
N LEU A 2 2.98 -1.82 -18.40
CA LEU A 2 2.74 -2.97 -17.54
C LEU A 2 1.89 -2.58 -16.33
N MET A 3 1.48 -3.58 -15.56
CA MET A 3 0.66 -3.34 -14.38
C MET A 3 1.51 -3.28 -13.12
N LYS A 4 0.87 -2.99 -11.99
CA LYS A 4 1.58 -2.90 -10.71
C LYS A 4 1.21 -4.06 -9.80
N ARG A 5 1.37 -3.88 -8.50
CA ARG A 5 1.05 -4.92 -7.53
C ARG A 5 0.65 -4.33 -6.19
N CYS A 6 -0.53 -3.71 -6.13
CA CYS A 6 -1.03 -3.10 -4.90
C CYS A 6 -0.97 -4.11 -3.75
N THR A 7 -0.28 -3.73 -2.67
CA THR A 7 -0.15 -4.58 -1.48
C THR A 7 0.55 -5.90 -1.82
N ARG A 8 1.30 -6.41 -0.85
CA ARG A 8 2.01 -7.67 -1.01
C ARG A 8 1.22 -8.78 -0.34
N GLY A 9 -0.11 -8.64 -0.43
CA GLY A 9 -1.00 -9.60 0.18
C GLY A 9 -1.85 -8.95 1.24
N PHE A 10 -1.91 -7.62 1.21
CA PHE A 10 -2.69 -6.85 2.18
C PHE A 10 -2.19 -7.13 3.59
N ARG A 11 -1.20 -6.37 4.04
CA ARG A 11 -0.67 -6.59 5.38
C ARG A 11 0.14 -5.40 5.92
N LYS A 12 -0.49 -4.24 5.98
CA LYS A 12 0.14 -3.05 6.52
C LYS A 12 -0.59 -2.67 7.81
N LEU A 13 0.07 -1.99 8.75
CA LEU A 13 -0.59 -1.66 10.01
C LEU A 13 -0.13 -0.32 10.60
N GLY A 14 -0.98 0.23 11.47
CA GLY A 14 -0.69 1.50 12.14
C GLY A 14 -1.28 2.70 11.42
N LYS A 15 -2.62 2.72 11.30
CA LYS A 15 -3.35 3.81 10.63
C LYS A 15 -2.42 4.65 9.76
N CYS A 16 -2.20 4.20 8.53
CA CYS A 16 -1.33 4.88 7.60
C CYS A 16 0.04 5.13 8.24
N THR A 17 0.69 4.05 8.63
CA THR A 17 1.98 4.11 9.28
C THR A 17 3.11 4.25 8.25
N THR A 18 4.27 4.72 8.70
CA THR A 18 5.41 4.90 7.83
C THR A 18 5.74 3.59 7.11
N LEU A 19 6.02 2.55 7.89
CA LEU A 19 6.36 1.24 7.34
C LEU A 19 5.36 0.82 6.25
N GLU A 20 4.16 1.35 6.35
CA GLU A 20 3.12 1.05 5.38
C GLU A 20 3.33 1.83 4.08
N GLU A 21 3.46 3.15 4.21
CA GLU A 21 3.69 4.00 3.04
C GLU A 21 5.01 3.58 2.40
N GLU A 22 5.88 3.02 3.23
CA GLU A 22 7.17 2.54 2.80
C GLU A 22 6.99 1.25 2.01
N LYS A 23 6.18 0.34 2.55
CA LYS A 23 5.91 -0.92 1.87
C LYS A 23 5.48 -0.64 0.45
N CYS A 24 4.69 0.40 0.29
CA CYS A 24 4.18 0.80 -1.03
C CYS A 24 5.33 1.21 -1.96
N LYS A 25 6.20 2.08 -1.46
CA LYS A 25 7.32 2.57 -2.27
C LYS A 25 8.43 1.52 -2.43
N THR A 26 9.12 1.23 -1.33
CA THR A 26 10.21 0.27 -1.33
C THR A 26 9.86 -1.02 -2.09
N LEU A 27 8.64 -1.51 -1.92
CA LEU A 27 8.21 -2.73 -2.59
C LEU A 27 7.84 -2.45 -4.03
N TYR A 28 7.18 -1.33 -4.27
CA TYR A 28 6.71 -1.00 -5.60
C TYR A 28 7.09 0.43 -5.99
N PRO A 29 7.84 0.60 -7.11
CA PRO A 29 8.23 1.92 -7.59
C PRO A 29 7.13 2.58 -8.41
N ARG A 30 5.90 2.49 -7.91
CA ARG A 30 4.74 3.04 -8.58
C ARG A 30 4.64 4.55 -8.40
N GLY A 31 3.88 5.18 -9.29
CA GLY A 31 3.67 6.61 -9.22
C GLY A 31 2.29 6.93 -8.69
N GLN A 32 1.47 5.89 -8.54
CA GLN A 32 0.12 6.02 -8.03
C GLN A 32 -0.11 5.09 -6.85
N CYS A 33 0.99 4.64 -6.25
CA CYS A 33 0.92 3.75 -5.09
C CYS A 33 1.13 4.54 -3.82
N THR A 34 0.53 4.08 -2.73
CA THR A 34 0.64 4.78 -1.46
C THR A 34 -0.11 4.02 -0.35
N CYS A 35 -0.43 4.73 0.74
CA CYS A 35 -1.13 4.10 1.86
C CYS A 35 -2.63 4.34 1.77
N SER A 36 -3.38 3.24 1.85
CA SER A 36 -4.83 3.30 1.80
C SER A 36 -5.44 2.55 2.98
N ASP A 37 -6.37 3.23 3.67
CA ASP A 37 -7.04 2.65 4.83
C ASP A 37 -8.53 3.01 4.81
N SER A 38 -9.33 2.20 5.48
CA SER A 38 -10.78 2.43 5.54
C SER A 38 -11.16 3.10 6.85
N LYS A 39 -11.13 2.32 7.94
CA LYS A 39 -11.48 2.83 9.25
C LYS A 39 -11.11 1.84 10.34
N MET A 40 -9.91 1.27 10.24
CA MET A 40 -9.43 0.29 11.20
C MET A 40 -7.96 0.53 11.52
N ASN A 41 -7.35 -0.44 12.19
CA ASN A 41 -5.94 -0.34 12.56
C ASN A 41 -5.05 -0.91 11.45
N THR A 42 -5.59 -1.84 10.68
CA THR A 42 -4.83 -2.45 9.59
C THR A 42 -5.25 -1.87 8.24
N HIS A 43 -4.26 -1.71 7.37
CA HIS A 43 -4.46 -1.16 6.03
C HIS A 43 -3.39 -1.72 5.10
N SER A 44 -3.35 -1.25 3.86
CA SER A 44 -2.33 -1.70 2.91
C SER A 44 -2.06 -0.63 1.86
N CYS A 45 -1.50 -1.04 0.73
CA CYS A 45 -1.19 -0.11 -0.34
C CYS A 45 -2.27 -0.14 -1.43
N ASP A 46 -2.12 0.73 -2.43
CA ASP A 46 -3.10 0.80 -3.51
C ASP A 46 -2.46 1.27 -4.81
N CYS A 47 -1.34 0.66 -5.17
CA CYS A 47 -0.64 1.01 -6.40
C CYS A 47 -1.52 0.70 -7.60
N LYS A 48 -2.45 -0.22 -7.39
CA LYS A 48 -3.37 -0.63 -8.43
C LYS A 48 -4.78 -0.73 -7.89
N SER A 49 -5.71 -0.05 -8.55
CA SER A 49 -7.11 -0.05 -8.14
C SER A 49 -7.57 -1.46 -7.77
N CYS A 50 -7.50 -1.78 -6.47
CA CYS A 50 -7.90 -3.09 -5.98
C CYS A 50 -8.61 -2.97 -4.63
N ASN A 1 -3.36 -6.12 -18.00
CA ASN A 1 -3.62 -5.02 -17.02
C ASN A 1 -2.96 -5.31 -15.67
N LEU A 2 -1.91 -6.13 -15.71
CA LEU A 2 -1.18 -6.49 -14.49
C LEU A 2 0.17 -5.78 -14.43
N MET A 3 0.14 -4.46 -14.63
CA MET A 3 1.36 -3.66 -14.59
C MET A 3 2.03 -3.72 -13.21
N LYS A 4 1.25 -3.42 -12.18
CA LYS A 4 1.77 -3.45 -10.81
C LYS A 4 0.96 -4.41 -9.95
N ARG A 5 1.14 -4.32 -8.63
CA ARG A 5 0.42 -5.18 -7.71
C ARG A 5 0.30 -4.52 -6.33
N CYS A 6 -0.83 -3.86 -6.10
CA CYS A 6 -1.07 -3.19 -4.82
C CYS A 6 -1.01 -4.19 -3.67
N THR A 7 -0.33 -3.80 -2.59
CA THR A 7 -0.20 -4.67 -1.42
C THR A 7 0.49 -6.00 -1.75
N ARG A 8 1.21 -6.52 -0.78
CA ARG A 8 1.89 -7.80 -0.94
C ARG A 8 1.05 -8.89 -0.29
N GLY A 9 -0.26 -8.72 -0.44
CA GLY A 9 -1.21 -9.65 0.16
C GLY A 9 -2.01 -8.97 1.25
N PHE A 10 -1.99 -7.63 1.22
CA PHE A 10 -2.69 -6.83 2.21
C PHE A 10 -2.17 -7.14 3.61
N ARG A 11 -1.23 -6.35 4.09
CA ARG A 11 -0.68 -6.59 5.42
C ARG A 11 0.13 -5.41 5.98
N LYS A 12 -0.47 -4.24 6.00
CA LYS A 12 0.18 -3.05 6.56
C LYS A 12 -0.54 -2.68 7.85
N LEU A 13 0.11 -1.99 8.77
CA LEU A 13 -0.54 -1.65 10.04
C LEU A 13 -0.08 -0.33 10.63
N GLY A 14 -0.94 0.26 11.47
CA GLY A 14 -0.64 1.53 12.12
C GLY A 14 -1.26 2.73 11.43
N LYS A 15 -2.60 2.70 11.27
CA LYS A 15 -3.34 3.78 10.61
C LYS A 15 -2.43 4.65 9.74
N CYS A 16 -2.21 4.20 8.51
CA CYS A 16 -1.33 4.91 7.58
C CYS A 16 0.01 5.17 8.23
N THR A 17 0.66 4.08 8.63
CA THR A 17 1.95 4.15 9.30
C THR A 17 3.08 4.36 8.29
N THR A 18 4.23 4.83 8.79
CA THR A 18 5.39 5.05 7.94
C THR A 18 5.76 3.77 7.21
N LEU A 19 6.04 2.72 7.98
CA LEU A 19 6.42 1.43 7.42
C LEU A 19 5.44 0.99 6.34
N GLU A 20 4.22 1.49 6.43
CA GLU A 20 3.19 1.17 5.45
C GLU A 20 3.42 1.95 4.16
N GLU A 21 3.53 3.27 4.27
CA GLU A 21 3.78 4.10 3.09
C GLU A 21 5.09 3.66 2.43
N GLU A 22 5.99 3.14 3.28
CA GLU A 22 7.27 2.65 2.83
C GLU A 22 7.06 1.35 2.04
N LYS A 23 6.28 0.44 2.63
CA LYS A 23 5.99 -0.83 1.96
C LYS A 23 5.50 -0.56 0.55
N CYS A 24 4.75 0.51 0.40
CA CYS A 24 4.21 0.89 -0.90
C CYS A 24 5.32 1.28 -1.88
N LYS A 25 6.24 2.13 -1.44
CA LYS A 25 7.32 2.58 -2.29
C LYS A 25 8.42 1.52 -2.46
N THR A 26 9.10 1.20 -1.37
CA THR A 26 10.19 0.22 -1.39
C THR A 26 9.80 -1.06 -2.11
N LEU A 27 8.57 -1.54 -1.89
CA LEU A 27 8.11 -2.77 -2.53
C LEU A 27 7.67 -2.52 -3.96
N TYR A 28 6.99 -1.40 -4.19
CA TYR A 28 6.47 -1.09 -5.50
C TYR A 28 6.91 0.29 -5.98
N PRO A 29 7.56 0.36 -7.15
CA PRO A 29 8.02 1.63 -7.72
C PRO A 29 6.94 2.29 -8.55
N ARG A 30 5.74 2.38 -7.98
CA ARG A 30 4.59 2.97 -8.67
C ARG A 30 4.52 4.48 -8.45
N GLY A 31 3.79 5.13 -9.34
CA GLY A 31 3.59 6.56 -9.24
C GLY A 31 2.25 6.87 -8.62
N GLN A 32 1.38 5.86 -8.60
CA GLN A 32 0.05 5.99 -8.03
C GLN A 32 -0.11 5.06 -6.82
N CYS A 33 1.02 4.67 -6.24
CA CYS A 33 1.02 3.79 -5.08
C CYS A 33 1.20 4.60 -3.82
N THR A 34 0.60 4.14 -2.73
CA THR A 34 0.69 4.83 -1.46
C THR A 34 -0.06 4.08 -0.36
N CYS A 35 -0.39 4.77 0.73
CA CYS A 35 -1.09 4.14 1.84
C CYS A 35 -2.59 4.38 1.75
N SER A 36 -3.35 3.29 1.91
CA SER A 36 -4.80 3.36 1.85
C SER A 36 -5.41 2.56 3.00
N ASP A 37 -6.40 3.17 3.66
CA ASP A 37 -7.08 2.52 4.78
C ASP A 37 -8.57 2.86 4.77
N SER A 38 -9.36 2.04 5.45
CA SER A 38 -10.81 2.26 5.52
C SER A 38 -11.19 2.89 6.85
N LYS A 39 -11.15 2.10 7.91
CA LYS A 39 -11.50 2.58 9.25
C LYS A 39 -11.11 1.56 10.31
N MET A 40 -9.84 1.17 10.30
CA MET A 40 -9.34 0.20 11.27
C MET A 40 -7.86 0.44 11.57
N ASN A 41 -7.24 -0.50 12.27
CA ASN A 41 -5.83 -0.39 12.62
C ASN A 41 -4.95 -0.95 11.51
N THR A 42 -5.51 -1.84 10.70
CA THR A 42 -4.76 -2.46 9.61
C THR A 42 -5.18 -1.89 8.25
N HIS A 43 -4.20 -1.71 7.39
CA HIS A 43 -4.41 -1.18 6.05
C HIS A 43 -3.35 -1.73 5.11
N SER A 44 -3.31 -1.26 3.88
CA SER A 44 -2.29 -1.69 2.93
C SER A 44 -2.04 -0.63 1.87
N CYS A 45 -1.45 -1.01 0.75
CA CYS A 45 -1.17 -0.06 -0.33
C CYS A 45 -2.22 -0.15 -1.43
N ASP A 46 -2.11 0.73 -2.42
CA ASP A 46 -3.06 0.76 -3.52
C ASP A 46 -2.42 1.27 -4.80
N CYS A 47 -1.26 0.72 -5.14
CA CYS A 47 -0.56 1.12 -6.35
C CYS A 47 -1.41 0.82 -7.57
N LYS A 48 -2.31 -0.13 -7.41
CA LYS A 48 -3.20 -0.54 -8.49
C LYS A 48 -4.65 -0.49 -8.03
N SER A 49 -5.52 -0.12 -8.95
CA SER A 49 -6.95 -0.03 -8.66
C SER A 49 -7.48 -1.36 -8.13
N CYS A 50 -7.33 -1.56 -6.82
CA CYS A 50 -7.79 -2.80 -6.18
C CYS A 50 -9.11 -2.58 -5.46
N ASN A 1 6.92 -2.59 -17.62
CA ASN A 1 6.17 -2.78 -16.36
C ASN A 1 4.77 -2.19 -16.45
N LEU A 2 3.78 -3.05 -16.61
CA LEU A 2 2.39 -2.61 -16.71
C LEU A 2 1.58 -3.08 -15.51
N MET A 3 2.25 -3.75 -14.57
CA MET A 3 1.61 -4.25 -13.37
C MET A 3 2.22 -3.64 -12.12
N LYS A 4 1.39 -3.41 -11.10
CA LYS A 4 1.85 -2.82 -9.85
C LYS A 4 1.59 -3.77 -8.69
N ARG A 5 0.48 -4.50 -8.76
CA ARG A 5 0.10 -5.45 -7.72
C ARG A 5 0.00 -4.78 -6.36
N CYS A 6 -1.08 -4.02 -6.16
CA CYS A 6 -1.30 -3.32 -4.89
C CYS A 6 -1.22 -4.29 -3.71
N THR A 7 -0.54 -3.88 -2.64
CA THR A 7 -0.37 -4.71 -1.44
C THR A 7 0.34 -6.02 -1.75
N ARG A 8 1.10 -6.50 -0.77
CA ARG A 8 1.81 -7.76 -0.91
C ARG A 8 1.03 -8.86 -0.21
N GLY A 9 -0.29 -8.73 -0.28
CA GLY A 9 -1.18 -9.68 0.36
C GLY A 9 -2.00 -9.01 1.43
N PHE A 10 -2.06 -7.68 1.38
CA PHE A 10 -2.80 -6.89 2.35
C PHE A 10 -2.29 -7.16 3.76
N ARG A 11 -1.25 -6.44 4.16
CA ARG A 11 -0.70 -6.64 5.49
C ARG A 11 0.12 -5.45 6.01
N LYS A 12 -0.49 -4.28 6.04
CA LYS A 12 0.15 -3.09 6.56
C LYS A 12 -0.57 -2.69 7.85
N LEU A 13 0.11 -2.02 8.78
CA LEU A 13 -0.53 -1.67 10.05
C LEU A 13 -0.01 -0.36 10.66
N GLY A 14 -0.86 0.27 11.47
CA GLY A 14 -0.51 1.51 12.12
C GLY A 14 -1.16 2.73 11.50
N LYS A 15 -2.46 2.65 11.22
CA LYS A 15 -3.22 3.75 10.62
C LYS A 15 -2.33 4.61 9.73
N CYS A 16 -2.12 4.16 8.49
CA CYS A 16 -1.26 4.87 7.54
C CYS A 16 0.10 5.11 8.18
N THR A 17 0.68 4.04 8.71
CA THR A 17 1.98 4.10 9.36
C THR A 17 3.09 4.27 8.34
N THR A 18 4.22 4.83 8.77
CA THR A 18 5.35 5.04 7.88
C THR A 18 5.73 3.73 7.20
N LEU A 19 5.96 2.70 8.01
CA LEU A 19 6.33 1.38 7.49
C LEU A 19 5.37 0.95 6.40
N GLU A 20 4.15 1.46 6.46
CA GLU A 20 3.14 1.12 5.47
C GLU A 20 3.36 1.90 4.18
N GLU A 21 3.52 3.22 4.30
CA GLU A 21 3.77 4.06 3.13
C GLU A 21 5.09 3.64 2.52
N GLU A 22 5.96 3.07 3.35
CA GLU A 22 7.24 2.58 2.94
C GLU A 22 7.07 1.29 2.17
N LYS A 23 6.24 0.40 2.70
CA LYS A 23 5.97 -0.87 2.04
C LYS A 23 5.49 -0.62 0.63
N CYS A 24 4.73 0.45 0.46
CA CYS A 24 4.20 0.80 -0.84
C CYS A 24 5.27 1.34 -1.79
N LYS A 25 6.21 2.11 -1.23
CA LYS A 25 7.29 2.70 -2.04
C LYS A 25 8.38 1.67 -2.33
N THR A 26 9.05 1.20 -1.29
CA THR A 26 10.14 0.24 -1.43
C THR A 26 9.72 -1.02 -2.17
N LEU A 27 8.49 -1.49 -1.94
CA LEU A 27 8.01 -2.70 -2.61
C LEU A 27 7.55 -2.40 -4.03
N TYR A 28 6.90 -1.27 -4.21
CA TYR A 28 6.36 -0.91 -5.52
C TYR A 28 6.80 0.48 -5.96
N PRO A 29 7.53 0.58 -7.08
CA PRO A 29 8.01 1.86 -7.60
C PRO A 29 6.96 2.54 -8.48
N ARG A 30 5.73 2.64 -7.95
CA ARG A 30 4.63 3.24 -8.68
C ARG A 30 4.47 4.72 -8.37
N GLY A 31 3.74 5.41 -9.25
CA GLY A 31 3.48 6.83 -9.07
C GLY A 31 2.12 7.03 -8.43
N GLN A 32 1.27 6.01 -8.54
CA GLN A 32 -0.07 6.05 -7.97
C GLN A 32 -0.17 5.09 -6.79
N CYS A 33 0.98 4.69 -6.27
CA CYS A 33 1.04 3.77 -5.14
C CYS A 33 1.28 4.56 -3.86
N THR A 34 0.67 4.12 -2.77
CA THR A 34 0.83 4.80 -1.49
C THR A 34 0.08 4.06 -0.38
N CYS A 35 -0.27 4.77 0.69
CA CYS A 35 -0.97 4.15 1.81
C CYS A 35 -2.48 4.34 1.71
N SER A 36 -3.18 3.21 1.76
CA SER A 36 -4.65 3.22 1.68
C SER A 36 -5.26 2.54 2.90
N ASP A 37 -6.14 3.26 3.58
CA ASP A 37 -6.82 2.75 4.77
C ASP A 37 -8.31 3.04 4.69
N SER A 38 -9.12 2.16 5.28
CA SER A 38 -10.56 2.33 5.28
C SER A 38 -11.04 2.91 6.59
N LYS A 39 -11.00 2.10 7.65
CA LYS A 39 -11.43 2.53 8.97
C LYS A 39 -11.00 1.52 10.03
N MET A 40 -9.75 1.10 9.98
CA MET A 40 -9.23 0.13 10.93
C MET A 40 -7.73 0.35 11.15
N ASN A 41 -7.21 -0.25 12.22
CA ASN A 41 -5.79 -0.13 12.55
C ASN A 41 -4.93 -0.72 11.44
N THR A 42 -5.47 -1.70 10.72
CA THR A 42 -4.74 -2.34 9.63
C THR A 42 -5.16 -1.80 8.27
N HIS A 43 -4.18 -1.67 7.39
CA HIS A 43 -4.38 -1.16 6.04
C HIS A 43 -3.34 -1.76 5.12
N SER A 44 -3.28 -1.31 3.88
CA SER A 44 -2.28 -1.81 2.95
C SER A 44 -1.96 -0.75 1.87
N CYS A 45 -1.45 -1.21 0.73
CA CYS A 45 -1.10 -0.30 -0.36
C CYS A 45 -2.20 -0.27 -1.43
N ASP A 46 -2.05 0.65 -2.38
CA ASP A 46 -3.04 0.80 -3.45
C ASP A 46 -2.39 1.31 -4.74
N CYS A 47 -1.30 0.67 -5.14
CA CYS A 47 -0.62 1.06 -6.37
C CYS A 47 -1.45 0.68 -7.58
N LYS A 48 -2.35 -0.28 -7.35
CA LYS A 48 -3.22 -0.76 -8.41
C LYS A 48 -4.67 -0.68 -7.96
N SER A 49 -5.52 -0.23 -8.87
CA SER A 49 -6.95 -0.11 -8.60
C SER A 49 -7.53 -1.45 -8.14
N CYS A 50 -7.44 -1.70 -6.84
CA CYS A 50 -7.94 -2.96 -6.28
C CYS A 50 -9.30 -2.73 -5.61
N ASN A 1 -10.69 -6.01 -13.95
CA ASN A 1 -9.68 -6.19 -12.88
C ASN A 1 -8.28 -5.90 -13.40
N LEU A 2 -7.71 -4.79 -12.96
CA LEU A 2 -6.36 -4.40 -13.36
C LEU A 2 -5.57 -3.83 -12.19
N MET A 3 -4.36 -4.36 -12.00
CA MET A 3 -3.50 -3.91 -10.90
C MET A 3 -2.02 -4.07 -11.27
N LYS A 4 -1.15 -3.39 -10.54
CA LYS A 4 0.28 -3.47 -10.77
C LYS A 4 0.93 -4.29 -9.67
N ARG A 5 0.53 -4.02 -8.43
CA ARG A 5 1.07 -4.73 -7.27
C ARG A 5 0.44 -4.24 -5.97
N CYS A 6 -0.63 -3.44 -6.09
CA CYS A 6 -1.33 -2.91 -4.93
C CYS A 6 -1.43 -3.96 -3.82
N THR A 7 -0.87 -3.67 -2.65
CA THR A 7 -0.89 -4.58 -1.51
C THR A 7 -0.16 -5.88 -1.81
N ARG A 8 0.67 -6.31 -0.87
CA ARG A 8 1.43 -7.54 -1.00
C ARG A 8 0.72 -8.65 -0.24
N GLY A 9 -0.60 -8.60 -0.29
CA GLY A 9 -1.43 -9.57 0.41
C GLY A 9 -2.22 -8.89 1.50
N PHE A 10 -2.23 -7.56 1.47
CA PHE A 10 -2.95 -6.77 2.46
C PHE A 10 -2.44 -7.06 3.86
N ARG A 11 -1.29 -6.48 4.22
CA ARG A 11 -0.72 -6.72 5.54
C ARG A 11 0.10 -5.55 6.08
N LYS A 12 -0.52 -4.38 6.13
CA LYS A 12 0.14 -3.19 6.65
C LYS A 12 -0.53 -2.81 7.99
N LEU A 13 0.15 -2.03 8.83
CA LEU A 13 -0.44 -1.68 10.13
C LEU A 13 0.00 -0.32 10.65
N GLY A 14 -0.85 0.30 11.47
CA GLY A 14 -0.54 1.59 12.06
C GLY A 14 -1.24 2.77 11.38
N LYS A 15 -2.55 2.63 11.15
CA LYS A 15 -3.34 3.68 10.49
C LYS A 15 -2.49 4.52 9.54
N CYS A 16 -2.31 4.03 8.32
CA CYS A 16 -1.49 4.72 7.32
C CYS A 16 -0.14 5.06 7.92
N THR A 17 0.48 4.05 8.52
CA THR A 17 1.78 4.20 9.16
C THR A 17 2.88 4.42 8.14
N THR A 18 4.00 4.99 8.60
CA THR A 18 5.13 5.24 7.71
C THR A 18 5.55 3.94 7.02
N LEU A 19 5.83 2.92 7.83
CA LEU A 19 6.23 1.62 7.30
C LEU A 19 5.25 1.14 6.25
N GLU A 20 4.03 1.65 6.31
CA GLU A 20 2.99 1.29 5.38
C GLU A 20 3.19 2.03 4.05
N GLU A 21 3.33 3.35 4.13
CA GLU A 21 3.55 4.16 2.94
C GLU A 21 4.88 3.77 2.32
N GLU A 22 5.77 3.25 3.17
CA GLU A 22 7.09 2.80 2.75
C GLU A 22 7.00 1.44 2.08
N LYS A 23 6.11 0.59 2.62
CA LYS A 23 5.91 -0.74 2.06
C LYS A 23 5.59 -0.61 0.58
N CYS A 24 4.69 0.31 0.28
CA CYS A 24 4.25 0.56 -1.10
C CYS A 24 5.37 1.18 -1.93
N LYS A 25 6.10 2.12 -1.37
CA LYS A 25 7.17 2.81 -2.10
C LYS A 25 8.39 1.91 -2.29
N THR A 26 9.09 1.64 -1.19
CA THR A 26 10.29 0.81 -1.22
C THR A 26 10.10 -0.51 -1.96
N LEU A 27 8.97 -1.18 -1.74
CA LEU A 27 8.72 -2.46 -2.40
C LEU A 27 8.11 -2.30 -3.78
N TYR A 28 7.18 -1.36 -3.93
CA TYR A 28 6.53 -1.15 -5.23
C TYR A 28 6.99 0.17 -5.86
N PRO A 29 7.49 0.13 -7.12
CA PRO A 29 7.97 1.31 -7.82
C PRO A 29 6.90 1.97 -8.68
N ARG A 30 5.66 2.02 -8.18
CA ARG A 30 4.56 2.64 -8.91
C ARG A 30 4.57 4.15 -8.77
N GLY A 31 4.31 4.84 -9.88
CA GLY A 31 4.24 6.29 -9.85
C GLY A 31 2.96 6.75 -9.19
N GLN A 32 2.05 5.80 -9.01
CA GLN A 32 0.76 6.07 -8.39
C GLN A 32 0.53 5.12 -7.22
N CYS A 33 1.60 4.84 -6.49
CA CYS A 33 1.54 3.95 -5.33
C CYS A 33 1.43 4.78 -4.06
N THR A 34 0.83 4.21 -3.02
CA THR A 34 0.68 4.93 -1.77
C THR A 34 0.00 4.09 -0.68
N CYS A 35 -0.42 4.73 0.39
CA CYS A 35 -1.07 4.04 1.50
C CYS A 35 -2.59 4.16 1.40
N SER A 36 -3.28 3.11 1.84
CA SER A 36 -4.74 3.07 1.81
C SER A 36 -5.31 2.34 3.02
N ASP A 37 -6.25 2.98 3.70
CA ASP A 37 -6.88 2.41 4.89
C ASP A 37 -8.39 2.65 4.87
N SER A 38 -9.13 1.87 5.66
CA SER A 38 -10.58 1.99 5.72
C SER A 38 -11.01 2.61 7.05
N LYS A 39 -11.04 1.80 8.10
CA LYS A 39 -11.43 2.25 9.42
C LYS A 39 -10.95 1.27 10.50
N MET A 40 -9.71 0.81 10.36
CA MET A 40 -9.13 -0.13 11.31
C MET A 40 -7.64 0.12 11.49
N ASN A 41 -7.07 -0.50 12.50
CA ASN A 41 -5.64 -0.36 12.78
C ASN A 41 -4.80 -0.95 11.66
N THR A 42 -5.36 -1.92 10.94
CA THR A 42 -4.65 -2.55 9.84
C THR A 42 -5.14 -2.06 8.48
N HIS A 43 -4.20 -1.90 7.57
CA HIS A 43 -4.48 -1.44 6.21
C HIS A 43 -3.45 -2.02 5.26
N SER A 44 -3.39 -1.52 4.04
CA SER A 44 -2.40 -1.98 3.08
C SER A 44 -2.08 -0.89 2.06
N CYS A 45 -1.63 -1.28 0.88
CA CYS A 45 -1.28 -0.31 -0.15
C CYS A 45 -2.38 -0.14 -1.19
N ASP A 46 -2.13 0.77 -2.14
CA ASP A 46 -3.08 1.05 -3.21
C ASP A 46 -2.32 1.38 -4.49
N CYS A 47 -1.23 0.66 -4.71
CA CYS A 47 -0.40 0.85 -5.89
C CYS A 47 -1.25 0.89 -7.15
N LYS A 48 -2.39 0.22 -7.07
CA LYS A 48 -3.30 0.15 -8.19
C LYS A 48 -4.73 0.01 -7.72
N SER A 49 -5.65 0.61 -8.47
CA SER A 49 -7.06 0.57 -8.14
C SER A 49 -7.59 -0.86 -8.20
N CYS A 50 -7.44 -1.58 -7.09
CA CYS A 50 -7.89 -2.98 -7.02
C CYS A 50 -8.91 -3.14 -5.89
N ASN A 1 3.13 -0.44 -17.77
CA ASN A 1 4.01 0.41 -16.95
C ASN A 1 4.38 -0.28 -15.64
N LEU A 2 4.89 -1.51 -15.75
CA LEU A 2 5.29 -2.31 -14.59
C LEU A 2 4.08 -2.63 -13.71
N MET A 3 3.80 -3.92 -13.57
CA MET A 3 2.67 -4.38 -12.76
C MET A 3 2.85 -3.96 -11.30
N LYS A 4 1.73 -3.63 -10.65
CA LYS A 4 1.76 -3.22 -9.25
C LYS A 4 0.95 -4.19 -8.40
N ARG A 5 -0.30 -4.42 -8.80
CA ARG A 5 -1.21 -5.33 -8.09
C ARG A 5 -1.61 -4.78 -6.72
N CYS A 6 -0.98 -3.67 -6.32
CA CYS A 6 -1.27 -3.04 -5.02
C CYS A 6 -0.92 -3.97 -3.86
N THR A 7 -0.32 -3.39 -2.82
CA THR A 7 0.07 -4.15 -1.63
C THR A 7 0.65 -5.52 -1.98
N ARG A 8 0.70 -6.39 -0.98
CA ARG A 8 1.22 -7.74 -1.17
C ARG A 8 0.36 -8.73 -0.41
N GLY A 9 -0.94 -8.55 -0.51
CA GLY A 9 -1.89 -9.41 0.17
C GLY A 9 -2.59 -8.67 1.28
N PHE A 10 -2.51 -7.34 1.25
CA PHE A 10 -3.13 -6.49 2.26
C PHE A 10 -2.61 -6.85 3.65
N ARG A 11 -1.38 -6.42 3.96
CA ARG A 11 -0.80 -6.72 5.25
C ARG A 11 0.07 -5.58 5.80
N LYS A 12 -0.51 -4.38 5.86
CA LYS A 12 0.19 -3.22 6.39
C LYS A 12 -0.55 -2.77 7.66
N LEU A 13 0.12 -2.09 8.58
CA LEU A 13 -0.55 -1.70 9.82
C LEU A 13 0.00 -0.41 10.42
N GLY A 14 -0.82 0.22 11.28
CA GLY A 14 -0.43 1.46 11.94
C GLY A 14 -1.10 2.69 11.36
N LYS A 15 -2.41 2.60 11.09
CA LYS A 15 -3.17 3.71 10.51
C LYS A 15 -2.29 4.61 9.65
N CYS A 16 -2.09 4.22 8.39
CA CYS A 16 -1.24 4.97 7.47
C CYS A 16 0.12 5.20 8.11
N THR A 17 0.72 4.11 8.58
CA THR A 17 2.01 4.15 9.23
C THR A 17 3.13 4.39 8.22
N THR A 18 4.23 4.95 8.69
CA THR A 18 5.37 5.21 7.82
C THR A 18 5.79 3.93 7.13
N LEU A 19 6.07 2.90 7.94
CA LEU A 19 6.48 1.60 7.42
C LEU A 19 5.52 1.13 6.34
N GLU A 20 4.27 1.58 6.43
CA GLU A 20 3.27 1.21 5.46
C GLU A 20 3.49 1.95 4.14
N GLU A 21 3.62 3.27 4.22
CA GLU A 21 3.85 4.08 3.03
C GLU A 21 5.17 3.66 2.37
N GLU A 22 6.12 3.27 3.22
CA GLU A 22 7.41 2.82 2.74
C GLU A 22 7.29 1.45 2.10
N LYS A 23 6.41 0.62 2.68
CA LYS A 23 6.18 -0.72 2.15
C LYS A 23 5.80 -0.61 0.68
N CYS A 24 4.88 0.30 0.40
CA CYS A 24 4.41 0.52 -0.96
C CYS A 24 5.52 1.08 -1.85
N LYS A 25 6.38 1.90 -1.27
CA LYS A 25 7.48 2.49 -2.02
C LYS A 25 8.55 1.47 -2.36
N THR A 26 9.28 1.03 -1.34
CA THR A 26 10.36 0.05 -1.52
C THR A 26 9.89 -1.18 -2.30
N LEU A 27 8.64 -1.57 -2.11
CA LEU A 27 8.09 -2.74 -2.80
C LEU A 27 7.65 -2.39 -4.21
N TYR A 28 6.98 -1.25 -4.36
CA TYR A 28 6.46 -0.83 -5.64
C TYR A 28 6.74 0.63 -5.94
N PRO A 29 7.77 0.93 -6.76
CA PRO A 29 8.12 2.30 -7.13
C PRO A 29 7.11 2.89 -8.10
N ARG A 30 5.94 3.24 -7.57
CA ARG A 30 4.87 3.80 -8.40
C ARG A 30 4.49 5.20 -7.94
N GLY A 31 3.53 5.79 -8.65
CA GLY A 31 3.05 7.11 -8.32
C GLY A 31 1.69 7.04 -7.65
N GLN A 32 1.04 5.89 -7.79
CA GLN A 32 -0.27 5.66 -7.19
C GLN A 32 -0.19 4.55 -6.14
N CYS A 33 1.04 4.17 -5.81
CA CYS A 33 1.28 3.13 -4.82
C CYS A 33 1.66 3.78 -3.50
N THR A 34 0.69 3.90 -2.60
CA THR A 34 0.94 4.52 -1.30
C THR A 34 0.11 3.84 -0.20
N CYS A 35 -0.32 4.61 0.79
CA CYS A 35 -1.09 4.05 1.89
C CYS A 35 -2.58 4.24 1.68
N SER A 36 -3.33 3.15 1.83
CA SER A 36 -4.78 3.18 1.67
C SER A 36 -5.46 2.44 2.83
N ASP A 37 -6.39 3.15 3.48
CA ASP A 37 -7.12 2.58 4.61
C ASP A 37 -8.56 3.06 4.60
N SER A 38 -9.44 2.28 5.24
CA SER A 38 -10.86 2.63 5.31
C SER A 38 -11.19 3.26 6.66
N LYS A 39 -11.02 2.48 7.72
CA LYS A 39 -11.31 2.95 9.07
C LYS A 39 -10.88 1.92 10.11
N MET A 40 -9.73 1.31 9.88
CA MET A 40 -9.22 0.29 10.80
C MET A 40 -7.71 0.46 11.02
N ASN A 41 -7.19 -0.21 12.04
CA ASN A 41 -5.77 -0.13 12.38
C ASN A 41 -4.92 -0.72 11.26
N THR A 42 -5.47 -1.69 10.53
CA THR A 42 -4.74 -2.31 9.43
C THR A 42 -5.16 -1.75 8.08
N HIS A 43 -4.17 -1.60 7.22
CA HIS A 43 -4.36 -1.07 5.87
C HIS A 43 -3.31 -1.68 4.97
N SER A 44 -3.25 -1.26 3.71
CA SER A 44 -2.23 -1.76 2.80
C SER A 44 -1.93 -0.79 1.69
N CYS A 45 -1.28 -1.28 0.64
CA CYS A 45 -0.90 -0.48 -0.50
C CYS A 45 -1.88 -0.67 -1.65
N ASP A 46 -2.28 0.44 -2.28
CA ASP A 46 -3.23 0.39 -3.39
C ASP A 46 -2.58 0.92 -4.67
N CYS A 47 -1.41 0.38 -5.00
CA CYS A 47 -0.69 0.78 -6.19
C CYS A 47 -1.53 0.52 -7.43
N LYS A 48 -2.44 -0.42 -7.30
CA LYS A 48 -3.32 -0.79 -8.39
C LYS A 48 -4.73 -1.05 -7.89
N SER A 49 -5.70 -0.52 -8.62
CA SER A 49 -7.11 -0.68 -8.27
C SER A 49 -7.41 -2.11 -7.85
N CYS A 50 -7.46 -2.34 -6.54
CA CYS A 50 -7.74 -3.65 -5.99
C CYS A 50 -8.93 -3.62 -5.04
N ASN A 1 0.29 0.72 -17.10
CA ASN A 1 -0.21 -0.08 -18.26
C ASN A 1 -1.38 -0.96 -17.86
N LEU A 2 -1.09 -2.00 -17.07
CA LEU A 2 -2.13 -2.92 -16.62
C LEU A 2 -1.63 -3.74 -15.44
N MET A 3 -2.26 -3.52 -14.27
CA MET A 3 -1.90 -4.23 -13.06
C MET A 3 -0.49 -3.87 -12.60
N LYS A 4 -0.37 -3.42 -11.35
CA LYS A 4 0.92 -3.03 -10.79
C LYS A 4 1.36 -4.03 -9.71
N ARG A 5 0.98 -3.76 -8.46
CA ARG A 5 1.33 -4.63 -7.35
C ARG A 5 0.71 -4.13 -6.04
N CYS A 6 -0.50 -3.60 -6.13
CA CYS A 6 -1.20 -3.08 -4.95
C CYS A 6 -1.10 -4.06 -3.78
N THR A 7 -0.37 -3.68 -2.73
CA THR A 7 -0.20 -4.52 -1.55
C THR A 7 0.40 -5.89 -1.88
N ARG A 8 1.00 -6.51 -0.87
CA ARG A 8 1.59 -7.83 -1.03
C ARG A 8 0.64 -8.86 -0.44
N GLY A 9 -0.64 -8.55 -0.52
CA GLY A 9 -1.67 -9.41 0.03
C GLY A 9 -2.42 -8.73 1.15
N PHE A 10 -2.30 -7.41 1.21
CA PHE A 10 -2.96 -6.61 2.24
C PHE A 10 -2.42 -6.97 3.62
N ARG A 11 -1.31 -6.34 4.02
CA ARG A 11 -0.73 -6.65 5.33
C ARG A 11 0.08 -5.49 5.91
N LYS A 12 -0.52 -4.31 5.95
CA LYS A 12 0.13 -3.13 6.52
C LYS A 12 -0.63 -2.76 7.80
N LEU A 13 0.02 -2.06 8.74
CA LEU A 13 -0.65 -1.72 10.00
C LEU A 13 -0.17 -0.38 10.59
N GLY A 14 -1.05 0.23 11.39
CA GLY A 14 -0.74 1.49 12.04
C GLY A 14 -1.30 2.69 11.29
N LYS A 15 -2.64 2.74 11.16
CA LYS A 15 -3.33 3.82 10.46
C LYS A 15 -2.38 4.69 9.64
N CYS A 16 -2.14 4.28 8.39
CA CYS A 16 -1.22 4.99 7.50
C CYS A 16 0.12 5.18 8.22
N THR A 17 0.76 4.05 8.54
CA THR A 17 2.02 4.04 9.23
C THR A 17 3.18 4.27 8.27
N THR A 18 4.29 4.77 8.78
CA THR A 18 5.47 5.00 7.96
C THR A 18 5.83 3.73 7.21
N LEU A 19 6.32 2.74 7.96
CA LEU A 19 6.72 1.45 7.38
C LEU A 19 5.70 0.95 6.37
N GLU A 20 4.46 1.41 6.50
CA GLU A 20 3.41 1.01 5.59
C GLU A 20 3.55 1.75 4.27
N GLU A 21 3.42 3.07 4.33
CA GLU A 21 3.56 3.91 3.14
C GLU A 21 4.89 3.61 2.47
N GLU A 22 5.86 3.20 3.28
CA GLU A 22 7.19 2.85 2.80
C GLU A 22 7.17 1.47 2.15
N LYS A 23 6.43 0.55 2.76
CA LYS A 23 6.30 -0.80 2.23
C LYS A 23 5.89 -0.72 0.76
N CYS A 24 4.92 0.13 0.49
CA CYS A 24 4.41 0.33 -0.85
C CYS A 24 5.42 1.05 -1.75
N LYS A 25 6.16 1.99 -1.19
CA LYS A 25 7.14 2.74 -1.96
C LYS A 25 8.39 1.91 -2.26
N THR A 26 9.16 1.62 -1.21
CA THR A 26 10.40 0.85 -1.34
C THR A 26 10.19 -0.45 -2.12
N LEU A 27 9.10 -1.16 -1.86
CA LEU A 27 8.86 -2.43 -2.54
C LEU A 27 8.17 -2.23 -3.89
N TYR A 28 7.22 -1.30 -3.94
CA TYR A 28 6.48 -1.06 -5.19
C TYR A 28 6.82 0.33 -5.76
N PRO A 29 7.76 0.40 -6.72
CA PRO A 29 8.15 1.67 -7.33
C PRO A 29 7.08 2.16 -8.32
N ARG A 30 5.97 2.64 -7.78
CA ARG A 30 4.87 3.13 -8.61
C ARG A 30 4.62 4.61 -8.41
N GLY A 31 3.59 5.12 -9.10
CA GLY A 31 3.22 6.50 -8.99
C GLY A 31 1.88 6.66 -8.32
N GLN A 32 0.99 5.69 -8.55
CA GLN A 32 -0.34 5.70 -7.94
C GLN A 32 -0.36 4.80 -6.71
N CYS A 33 0.84 4.41 -6.28
CA CYS A 33 0.99 3.56 -5.10
C CYS A 33 1.38 4.39 -3.89
N THR A 34 0.92 3.98 -2.71
CA THR A 34 1.23 4.69 -1.48
C THR A 34 0.45 4.09 -0.29
N CYS A 35 -0.05 4.94 0.61
CA CYS A 35 -0.80 4.46 1.77
C CYS A 35 -2.30 4.51 1.53
N SER A 36 -2.99 3.42 1.88
CA SER A 36 -4.43 3.34 1.71
C SER A 36 -5.07 2.60 2.88
N ASP A 37 -5.95 3.30 3.60
CA ASP A 37 -6.64 2.72 4.74
C ASP A 37 -8.14 2.92 4.64
N SER A 38 -8.90 2.07 5.32
CA SER A 38 -10.36 2.16 5.30
C SER A 38 -10.88 2.85 6.55
N LYS A 39 -10.90 2.11 7.67
CA LYS A 39 -11.37 2.66 8.94
C LYS A 39 -11.01 1.71 10.09
N MET A 40 -9.83 1.12 10.01
CA MET A 40 -9.36 0.19 11.04
C MET A 40 -7.88 0.41 11.34
N ASN A 41 -7.32 -0.47 12.16
CA ASN A 41 -5.91 -0.38 12.52
C ASN A 41 -5.02 -0.95 11.42
N THR A 42 -5.56 -1.89 10.65
CA THR A 42 -4.80 -2.51 9.57
C THR A 42 -5.23 -1.96 8.21
N HIS A 43 -4.25 -1.76 7.35
CA HIS A 43 -4.45 -1.25 6.01
C HIS A 43 -3.37 -1.78 5.10
N SER A 44 -3.31 -1.29 3.87
CA SER A 44 -2.27 -1.70 2.94
C SER A 44 -2.01 -0.61 1.90
N CYS A 45 -1.74 -1.01 0.67
CA CYS A 45 -1.48 -0.05 -0.41
C CYS A 45 -2.60 -0.06 -1.43
N ASP A 46 -2.47 0.80 -2.44
CA ASP A 46 -3.48 0.90 -3.50
C ASP A 46 -2.85 1.34 -4.82
N CYS A 47 -1.66 0.81 -5.10
CA CYS A 47 -0.96 1.14 -6.33
C CYS A 47 -1.83 0.83 -7.53
N LYS A 48 -2.73 -0.11 -7.33
CA LYS A 48 -3.64 -0.53 -8.38
C LYS A 48 -5.07 -0.55 -7.87
N SER A 49 -6.00 -0.33 -8.79
CA SER A 49 -7.42 -0.31 -8.45
C SER A 49 -7.89 -1.71 -8.06
N CYS A 50 -7.57 -2.12 -6.84
CA CYS A 50 -7.94 -3.43 -6.34
C CYS A 50 -8.87 -3.31 -5.13
N ASN A 1 -0.39 -4.96 -19.35
CA ASN A 1 0.93 -4.46 -19.82
C ASN A 1 1.68 -3.75 -18.70
N LEU A 2 2.60 -4.48 -18.06
CA LEU A 2 3.40 -3.93 -16.96
C LEU A 2 2.50 -3.41 -15.85
N MET A 3 1.37 -4.07 -15.64
CA MET A 3 0.43 -3.68 -14.58
C MET A 3 1.08 -3.79 -13.22
N LYS A 4 0.44 -3.21 -12.20
CA LYS A 4 0.97 -3.24 -10.85
C LYS A 4 0.20 -4.24 -9.99
N ARG A 5 0.50 -4.25 -8.69
CA ARG A 5 -0.16 -5.14 -7.75
C ARG A 5 -0.23 -4.54 -6.36
N CYS A 6 -1.23 -3.69 -6.13
CA CYS A 6 -1.42 -3.03 -4.84
C CYS A 6 -1.30 -4.02 -3.69
N THR A 7 -0.60 -3.61 -2.62
CA THR A 7 -0.42 -4.44 -1.43
C THR A 7 0.31 -5.75 -1.75
N ARG A 8 1.05 -6.25 -0.77
CA ARG A 8 1.78 -7.50 -0.89
C ARG A 8 0.97 -8.60 -0.22
N GLY A 9 -0.34 -8.48 -0.32
CA GLY A 9 -1.24 -9.43 0.29
C GLY A 9 -2.03 -8.76 1.40
N PHE A 10 -2.02 -7.43 1.40
CA PHE A 10 -2.73 -6.64 2.39
C PHE A 10 -2.21 -6.95 3.79
N ARG A 11 -1.08 -6.33 4.17
CA ARG A 11 -0.53 -6.58 5.49
C ARG A 11 0.24 -5.39 6.07
N LYS A 12 -0.38 -4.22 6.03
CA LYS A 12 0.22 -3.02 6.58
C LYS A 12 -0.53 -2.65 7.87
N LEU A 13 0.09 -1.93 8.79
CA LEU A 13 -0.59 -1.59 10.06
C LEU A 13 -0.17 -0.24 10.63
N GLY A 14 -1.07 0.33 11.44
CA GLY A 14 -0.82 1.63 12.07
C GLY A 14 -1.46 2.79 11.33
N LYS A 15 -2.79 2.75 11.18
CA LYS A 15 -3.55 3.78 10.48
C LYS A 15 -2.65 4.66 9.61
N CYS A 16 -2.38 4.19 8.39
CA CYS A 16 -1.51 4.89 7.45
C CYS A 16 -0.17 5.22 8.10
N THR A 17 0.53 4.18 8.53
CA THR A 17 1.82 4.32 9.17
C THR A 17 2.93 4.45 8.13
N THR A 18 4.03 5.10 8.52
CA THR A 18 5.16 5.28 7.63
C THR A 18 5.61 3.96 7.02
N LEU A 19 5.91 2.99 7.88
CA LEU A 19 6.35 1.67 7.43
C LEU A 19 5.41 1.09 6.38
N GLU A 20 4.17 1.56 6.38
CA GLU A 20 3.18 1.08 5.42
C GLU A 20 3.34 1.82 4.10
N GLU A 21 3.41 3.14 4.14
CA GLU A 21 3.59 3.93 2.93
C GLU A 21 4.94 3.58 2.32
N GLU A 22 5.85 3.12 3.18
CA GLU A 22 7.17 2.72 2.77
C GLU A 22 7.11 1.35 2.10
N LYS A 23 6.34 0.44 2.70
CA LYS A 23 6.18 -0.89 2.13
C LYS A 23 5.80 -0.79 0.67
N CYS A 24 4.88 0.12 0.39
CA CYS A 24 4.40 0.35 -0.98
C CYS A 24 5.51 0.87 -1.89
N LYS A 25 6.21 1.90 -1.45
CA LYS A 25 7.28 2.50 -2.24
C LYS A 25 8.49 1.57 -2.35
N THR A 26 9.17 1.39 -1.23
CA THR A 26 10.36 0.54 -1.18
C THR A 26 10.18 -0.80 -1.91
N LEU A 27 8.98 -1.37 -1.85
CA LEU A 27 8.72 -2.63 -2.52
C LEU A 27 8.36 -2.41 -3.98
N TYR A 28 7.48 -1.42 -4.22
CA TYR A 28 7.02 -1.13 -5.57
C TYR A 28 7.44 0.27 -6.01
N PRO A 29 8.18 0.39 -7.14
CA PRO A 29 8.60 1.69 -7.66
C PRO A 29 7.48 2.36 -8.46
N ARG A 30 6.26 2.19 -7.96
CA ARG A 30 5.07 2.75 -8.62
C ARG A 30 5.04 4.26 -8.54
N GLY A 31 4.09 4.84 -9.28
CA GLY A 31 3.92 6.28 -9.29
C GLY A 31 2.55 6.66 -8.77
N GLN A 32 1.67 5.67 -8.68
CA GLN A 32 0.31 5.88 -8.17
C GLN A 32 0.04 4.98 -6.97
N CYS A 33 1.12 4.48 -6.37
CA CYS A 33 1.02 3.62 -5.19
C CYS A 33 1.28 4.42 -3.93
N THR A 34 0.72 3.97 -2.82
CA THR A 34 0.89 4.65 -1.54
C THR A 34 0.14 3.93 -0.43
N CYS A 35 -0.27 4.67 0.60
CA CYS A 35 -0.99 4.07 1.72
C CYS A 35 -2.49 4.24 1.58
N SER A 36 -3.22 3.16 1.85
CA SER A 36 -4.67 3.17 1.76
C SER A 36 -5.29 2.43 2.94
N ASP A 37 -6.15 3.12 3.68
CA ASP A 37 -6.81 2.54 4.85
C ASP A 37 -8.31 2.76 4.79
N SER A 38 -9.07 1.86 5.40
CA SER A 38 -10.52 1.98 5.41
C SER A 38 -11.02 2.55 6.74
N LYS A 39 -11.12 1.68 7.74
CA LYS A 39 -11.58 2.10 9.06
C LYS A 39 -11.15 1.09 10.13
N MET A 40 -9.87 0.73 10.10
CA MET A 40 -9.34 -0.23 11.04
C MET A 40 -7.88 0.07 11.37
N ASN A 41 -7.27 -0.74 12.23
CA ASN A 41 -5.88 -0.56 12.61
C ASN A 41 -4.95 -1.17 11.56
N THR A 42 -5.55 -1.82 10.56
CA THR A 42 -4.76 -2.44 9.50
C THR A 42 -5.16 -1.91 8.13
N HIS A 43 -4.16 -1.73 7.29
CA HIS A 43 -4.35 -1.23 5.93
C HIS A 43 -3.25 -1.80 5.04
N SER A 44 -3.18 -1.34 3.80
CA SER A 44 -2.14 -1.80 2.90
C SER A 44 -1.84 -0.75 1.82
N CYS A 45 -1.57 -1.19 0.60
CA CYS A 45 -1.26 -0.27 -0.50
C CYS A 45 -2.42 -0.15 -1.47
N ASP A 46 -2.30 0.77 -2.43
CA ASP A 46 -3.34 0.98 -3.43
C ASP A 46 -2.75 1.49 -4.74
N CYS A 47 -1.68 0.84 -5.20
CA CYS A 47 -1.03 1.22 -6.45
C CYS A 47 -1.96 0.96 -7.61
N LYS A 48 -2.91 0.07 -7.39
CA LYS A 48 -3.89 -0.30 -8.40
C LYS A 48 -5.28 -0.35 -7.80
N SER A 49 -6.20 0.41 -8.39
CA SER A 49 -7.58 0.47 -7.92
C SER A 49 -8.07 -0.90 -7.46
N CYS A 50 -7.95 -1.16 -6.17
CA CYS A 50 -8.38 -2.43 -5.59
C CYS A 50 -9.00 -2.23 -4.22
N ASN A 1 7.39 -3.09 -14.15
CA ASN A 1 7.07 -1.69 -14.53
C ASN A 1 5.87 -1.64 -15.46
N LEU A 2 5.56 -2.77 -16.11
CA LEU A 2 4.44 -2.84 -17.02
C LEU A 2 3.11 -2.68 -16.27
N MET A 3 3.12 -3.01 -14.99
CA MET A 3 1.92 -2.90 -14.17
C MET A 3 2.28 -2.94 -12.68
N LYS A 4 1.27 -2.87 -11.82
CA LYS A 4 1.48 -2.90 -10.38
C LYS A 4 0.43 -3.78 -9.70
N ARG A 5 0.71 -4.18 -8.46
CA ARG A 5 -0.21 -5.02 -7.71
C ARG A 5 -0.41 -4.50 -6.29
N CYS A 6 -1.57 -3.89 -6.06
CA CYS A 6 -1.90 -3.33 -4.75
C CYS A 6 -1.67 -4.35 -3.65
N THR A 7 -0.85 -3.98 -2.66
CA THR A 7 -0.56 -4.86 -1.53
C THR A 7 0.15 -6.15 -1.98
N ARG A 8 1.07 -6.61 -1.16
CA ARG A 8 1.80 -7.84 -1.44
C ARG A 8 1.19 -8.96 -0.61
N GLY A 9 -0.11 -8.85 -0.40
CA GLY A 9 -0.85 -9.81 0.38
C GLY A 9 -1.75 -9.12 1.38
N PHE A 10 -1.81 -7.80 1.27
CA PHE A 10 -2.63 -6.98 2.17
C PHE A 10 -2.26 -7.24 3.63
N ARG A 11 -1.28 -6.50 4.14
CA ARG A 11 -0.87 -6.68 5.53
C ARG A 11 -0.05 -5.51 6.07
N LYS A 12 -0.64 -4.32 6.03
CA LYS A 12 0.02 -3.12 6.56
C LYS A 12 -0.74 -2.67 7.80
N LEU A 13 -0.10 -1.91 8.69
CA LEU A 13 -0.77 -1.49 9.93
C LEU A 13 -0.31 -0.15 10.46
N GLY A 14 -1.16 0.48 11.29
CA GLY A 14 -0.82 1.76 11.90
C GLY A 14 -1.44 2.95 11.18
N LYS A 15 -2.77 2.90 10.96
CA LYS A 15 -3.51 3.97 10.28
C LYS A 15 -2.58 4.83 9.40
N CYS A 16 -2.35 4.37 8.18
CA CYS A 16 -1.46 5.07 7.25
C CYS A 16 -0.11 5.31 7.91
N THR A 17 0.51 4.22 8.37
CA THR A 17 1.79 4.28 9.04
C THR A 17 2.92 4.48 8.04
N THR A 18 4.03 5.04 8.52
CA THR A 18 5.19 5.27 7.66
C THR A 18 5.62 3.97 7.01
N LEU A 19 5.88 2.96 7.83
CA LEU A 19 6.30 1.65 7.32
C LEU A 19 5.34 1.14 6.27
N GLU A 20 4.11 1.64 6.30
CA GLU A 20 3.10 1.23 5.32
C GLU A 20 3.38 1.89 3.98
N GLU A 21 3.54 3.21 3.98
CA GLU A 21 3.82 3.94 2.75
C GLU A 21 5.17 3.49 2.20
N GLU A 22 6.09 3.18 3.12
CA GLU A 22 7.41 2.71 2.77
C GLU A 22 7.33 1.29 2.21
N LYS A 23 6.38 0.53 2.73
CA LYS A 23 6.18 -0.84 2.29
C LYS A 23 5.98 -0.87 0.79
N CYS A 24 4.89 -0.27 0.33
CA CYS A 24 4.59 -0.22 -1.10
C CYS A 24 5.58 0.66 -1.85
N LYS A 25 6.31 1.51 -1.11
CA LYS A 25 7.27 2.41 -1.74
C LYS A 25 8.48 1.63 -2.26
N THR A 26 9.32 1.16 -1.34
CA THR A 26 10.51 0.40 -1.70
C THR A 26 10.15 -0.83 -2.51
N LEU A 27 8.94 -1.35 -2.31
CA LEU A 27 8.49 -2.53 -3.03
C LEU A 27 7.98 -2.17 -4.41
N TYR A 28 7.37 -0.99 -4.54
CA TYR A 28 6.81 -0.55 -5.80
C TYR A 28 7.05 0.96 -6.02
N PRO A 29 7.93 1.32 -6.98
CA PRO A 29 8.24 2.72 -7.29
C PRO A 29 7.22 3.33 -8.24
N ARG A 30 5.95 3.20 -7.90
CA ARG A 30 4.85 3.73 -8.71
C ARG A 30 4.58 5.19 -8.38
N GLY A 31 3.36 5.61 -8.70
CA GLY A 31 2.93 6.97 -8.42
C GLY A 31 1.65 6.96 -7.61
N GLN A 32 1.08 5.76 -7.46
CA GLN A 32 -0.15 5.57 -6.71
C GLN A 32 -0.05 4.36 -5.79
N CYS A 33 1.18 3.90 -5.58
CA CYS A 33 1.45 2.75 -4.72
C CYS A 33 1.93 3.24 -3.35
N THR A 34 1.06 3.95 -2.65
CA THR A 34 1.40 4.49 -1.35
C THR A 34 0.56 3.87 -0.23
N CYS A 35 -0.03 4.70 0.63
CA CYS A 35 -0.85 4.19 1.74
C CYS A 35 -2.34 4.24 1.40
N SER A 36 -3.07 3.26 1.92
CA SER A 36 -4.51 3.18 1.69
C SER A 36 -5.19 2.51 2.89
N ASP A 37 -5.90 3.31 3.69
CA ASP A 37 -6.59 2.80 4.86
C ASP A 37 -8.10 2.94 4.74
N SER A 38 -8.83 2.21 5.58
CA SER A 38 -10.29 2.24 5.58
C SER A 38 -10.82 2.45 6.99
N LYS A 39 -9.94 2.90 7.88
CA LYS A 39 -10.30 3.15 9.28
C LYS A 39 -10.60 1.85 10.01
N MET A 40 -9.58 1.00 10.17
CA MET A 40 -9.73 -0.27 10.85
C MET A 40 -8.44 -0.68 11.53
N ASN A 41 -7.53 0.29 11.70
CA ASN A 41 -6.22 0.06 12.31
C ASN A 41 -5.28 -0.61 11.32
N THR A 42 -5.80 -1.57 10.57
CA THR A 42 -5.00 -2.27 9.57
C THR A 42 -5.37 -1.80 8.18
N HIS A 43 -4.36 -1.65 7.34
CA HIS A 43 -4.56 -1.20 5.96
C HIS A 43 -3.46 -1.78 5.09
N SER A 44 -3.40 -1.31 3.85
CA SER A 44 -2.36 -1.76 2.93
C SER A 44 -2.08 -0.68 1.89
N CYS A 45 -1.68 -1.09 0.69
CA CYS A 45 -1.38 -0.13 -0.36
C CYS A 45 -2.28 -0.30 -1.58
N ASP A 46 -2.57 0.82 -2.24
CA ASP A 46 -3.40 0.81 -3.44
C ASP A 46 -2.53 0.92 -4.69
N CYS A 47 -1.52 0.06 -4.74
CA CYS A 47 -0.60 0.01 -5.87
C CYS A 47 -1.36 -0.03 -7.18
N LYS A 48 -2.54 -0.63 -7.09
CA LYS A 48 -3.41 -0.78 -8.24
C LYS A 48 -4.87 -0.64 -7.82
N SER A 49 -5.65 0.00 -8.68
CA SER A 49 -7.07 0.21 -8.42
C SER A 49 -7.77 -1.13 -8.17
N CYS A 50 -7.89 -1.51 -6.91
CA CYS A 50 -8.54 -2.76 -6.55
C CYS A 50 -9.43 -2.58 -5.33
N ASN A 1 1.92 -8.50 -19.17
CA ASN A 1 2.02 -7.24 -18.40
C ASN A 1 0.92 -7.15 -17.35
N LEU A 2 1.32 -6.85 -16.11
CA LEU A 2 0.38 -6.73 -15.00
C LEU A 2 0.49 -5.37 -14.34
N MET A 3 1.28 -4.48 -14.93
CA MET A 3 1.47 -3.14 -14.40
C MET A 3 2.04 -3.19 -12.99
N LYS A 4 1.17 -3.13 -11.99
CA LYS A 4 1.59 -3.17 -10.59
C LYS A 4 0.77 -4.20 -9.81
N ARG A 5 1.03 -4.29 -8.51
CA ARG A 5 0.32 -5.24 -7.66
C ARG A 5 0.10 -4.67 -6.26
N CYS A 6 -0.99 -3.93 -6.10
CA CYS A 6 -1.32 -3.32 -4.81
C CYS A 6 -1.23 -4.35 -3.68
N THR A 7 -0.40 -4.05 -2.68
CA THR A 7 -0.21 -4.95 -1.53
C THR A 7 0.30 -6.32 -1.95
N ARG A 8 1.11 -6.94 -1.10
CA ARG A 8 1.63 -8.27 -1.36
C ARG A 8 0.80 -9.28 -0.61
N GLY A 9 -0.47 -8.92 -0.43
CA GLY A 9 -1.40 -9.75 0.30
C GLY A 9 -2.15 -8.96 1.35
N PHE A 10 -2.07 -7.63 1.24
CA PHE A 10 -2.73 -6.74 2.18
C PHE A 10 -2.25 -7.00 3.59
N ARG A 11 -1.15 -6.37 4.00
CA ARG A 11 -0.62 -6.60 5.34
C ARG A 11 0.18 -5.42 5.89
N LYS A 12 -0.43 -4.25 5.93
CA LYS A 12 0.21 -3.06 6.48
C LYS A 12 -0.53 -2.68 7.77
N LEU A 13 0.15 -2.07 8.74
CA LEU A 13 -0.51 -1.75 10.01
C LEU A 13 -0.01 -0.45 10.65
N GLY A 14 -0.88 0.15 11.47
CA GLY A 14 -0.54 1.39 12.16
C GLY A 14 -1.20 2.61 11.56
N LYS A 15 -2.51 2.51 11.26
CA LYS A 15 -3.27 3.62 10.68
C LYS A 15 -2.38 4.49 9.79
N CYS A 16 -2.18 4.05 8.55
CA CYS A 16 -1.34 4.77 7.59
C CYS A 16 0.01 5.09 8.24
N THR A 17 0.65 4.06 8.77
CA THR A 17 1.94 4.19 9.43
C THR A 17 3.06 4.41 8.41
N THR A 18 4.14 5.03 8.87
CA THR A 18 5.29 5.30 8.00
C THR A 18 5.71 4.02 7.27
N LEU A 19 6.08 3.00 8.04
CA LEU A 19 6.50 1.73 7.47
C LEU A 19 5.57 1.28 6.37
N GLU A 20 4.29 1.51 6.57
CA GLU A 20 3.30 1.10 5.60
C GLU A 20 3.46 1.89 4.29
N GLU A 21 3.49 3.22 4.39
CA GLU A 21 3.68 4.04 3.20
C GLU A 21 5.00 3.70 2.54
N GLU A 22 5.99 3.35 3.37
CA GLU A 22 7.30 2.96 2.89
C GLU A 22 7.17 1.66 2.12
N LYS A 23 6.35 0.74 2.66
CA LYS A 23 6.12 -0.53 2.02
C LYS A 23 5.65 -0.28 0.60
N CYS A 24 4.67 0.59 0.46
CA CYS A 24 4.12 0.95 -0.85
C CYS A 24 5.24 1.38 -1.79
N LYS A 25 6.21 2.11 -1.25
CA LYS A 25 7.33 2.61 -2.05
C LYS A 25 8.37 1.52 -2.32
N THR A 26 9.18 1.21 -1.31
CA THR A 26 10.24 0.21 -1.43
C THR A 26 9.76 -1.07 -2.10
N LEU A 27 8.52 -1.46 -1.84
CA LEU A 27 7.96 -2.69 -2.41
C LEU A 27 7.50 -2.45 -3.84
N TYR A 28 6.84 -1.32 -4.07
CA TYR A 28 6.30 -1.02 -5.38
C TYR A 28 6.73 0.37 -5.85
N PRO A 29 7.59 0.45 -6.87
CA PRO A 29 8.06 1.73 -7.41
C PRO A 29 7.05 2.36 -8.36
N ARG A 30 5.87 2.70 -7.83
CA ARG A 30 4.80 3.29 -8.62
C ARG A 30 4.61 4.77 -8.31
N GLY A 31 3.81 5.43 -9.15
CA GLY A 31 3.52 6.83 -8.95
C GLY A 31 2.14 7.00 -8.37
N GLN A 32 1.34 5.94 -8.44
CA GLN A 32 -0.02 5.96 -7.90
C GLN A 32 -0.14 4.97 -6.75
N CYS A 33 1.02 4.53 -6.25
CA CYS A 33 1.06 3.59 -5.13
C CYS A 33 1.34 4.35 -3.85
N THR A 34 0.63 3.99 -2.78
CA THR A 34 0.81 4.66 -1.51
C THR A 34 0.06 3.95 -0.39
N CYS A 35 -0.29 4.67 0.67
CA CYS A 35 -1.00 4.06 1.80
C CYS A 35 -2.50 4.27 1.69
N SER A 36 -3.22 3.15 1.58
CA SER A 36 -4.67 3.17 1.48
C SER A 36 -5.30 2.50 2.69
N ASP A 37 -6.28 3.17 3.29
CA ASP A 37 -6.97 2.65 4.46
C ASP A 37 -8.43 3.08 4.47
N SER A 38 -9.26 2.34 5.20
CA SER A 38 -10.68 2.64 5.28
C SER A 38 -11.02 3.24 6.65
N LYS A 39 -10.90 2.40 7.69
CA LYS A 39 -11.18 2.84 9.05
C LYS A 39 -10.83 1.75 10.06
N MET A 40 -9.64 1.17 9.90
CA MET A 40 -9.17 0.11 10.79
C MET A 40 -7.69 0.26 11.09
N ASN A 41 -7.23 -0.42 12.13
CA ASN A 41 -5.82 -0.36 12.53
C ASN A 41 -4.94 -0.95 11.44
N THR A 42 -5.51 -1.76 10.56
CA THR A 42 -4.76 -2.37 9.47
C THR A 42 -5.14 -1.77 8.13
N HIS A 43 -4.14 -1.63 7.27
CA HIS A 43 -4.30 -1.09 5.94
C HIS A 43 -3.24 -1.69 5.03
N SER A 44 -3.14 -1.21 3.80
CA SER A 44 -2.11 -1.70 2.89
C SER A 44 -1.76 -0.64 1.85
N CYS A 45 -1.27 -1.08 0.69
CA CYS A 45 -0.89 -0.15 -0.37
C CYS A 45 -1.66 -0.43 -1.66
N ASP A 46 -2.44 0.55 -2.10
CA ASP A 46 -3.24 0.41 -3.31
C ASP A 46 -2.58 1.06 -4.51
N CYS A 47 -1.50 0.45 -4.99
CA CYS A 47 -0.80 0.95 -6.16
C CYS A 47 -1.66 0.74 -7.40
N LYS A 48 -2.56 -0.23 -7.28
CA LYS A 48 -3.47 -0.56 -8.37
C LYS A 48 -4.90 -0.57 -7.86
N SER A 49 -5.79 0.03 -8.63
CA SER A 49 -7.19 0.11 -8.27
C SER A 49 -7.76 -1.29 -8.03
N CYS A 50 -7.64 -1.76 -6.78
CA CYS A 50 -8.13 -3.07 -6.40
C CYS A 50 -9.07 -2.99 -5.20
N ASN A 1 -0.28 -8.16 -19.95
CA ASN A 1 0.39 -6.89 -19.58
C ASN A 1 0.55 -6.78 -18.06
N LEU A 2 1.80 -6.89 -17.60
CA LEU A 2 2.10 -6.81 -16.17
C LEU A 2 2.59 -5.41 -15.80
N MET A 3 2.13 -4.90 -14.67
CA MET A 3 2.52 -3.58 -14.20
C MET A 3 2.81 -3.60 -12.70
N LYS A 4 1.77 -3.50 -11.90
CA LYS A 4 1.91 -3.51 -10.45
C LYS A 4 0.74 -4.23 -9.79
N ARG A 5 0.86 -4.51 -8.50
CA ARG A 5 -0.18 -5.21 -7.76
C ARG A 5 -0.33 -4.63 -6.35
N CYS A 6 -1.37 -3.84 -6.14
CA CYS A 6 -1.64 -3.23 -4.84
C CYS A 6 -1.56 -4.27 -3.74
N THR A 7 -0.76 -3.99 -2.70
CA THR A 7 -0.60 -4.91 -1.58
C THR A 7 -0.03 -6.25 -2.03
N ARG A 8 0.92 -6.77 -1.29
CA ARG A 8 1.52 -8.07 -1.62
C ARG A 8 0.89 -9.13 -0.74
N GLY A 9 -0.37 -8.91 -0.41
CA GLY A 9 -1.12 -9.81 0.43
C GLY A 9 -1.92 -9.05 1.47
N PHE A 10 -1.91 -7.72 1.35
CA PHE A 10 -2.64 -6.86 2.28
C PHE A 10 -2.19 -7.12 3.71
N ARG A 11 -1.12 -6.45 4.15
CA ARG A 11 -0.64 -6.65 5.50
C ARG A 11 0.16 -5.46 6.05
N LYS A 12 -0.45 -4.29 6.02
CA LYS A 12 0.19 -3.08 6.55
C LYS A 12 -0.59 -2.66 7.79
N LEU A 13 0.01 -1.86 8.67
CA LEU A 13 -0.68 -1.46 9.90
C LEU A 13 -0.24 -0.10 10.43
N GLY A 14 -1.08 0.48 11.29
CA GLY A 14 -0.78 1.78 11.90
C GLY A 14 -1.40 2.95 11.15
N LYS A 15 -2.73 2.94 11.01
CA LYS A 15 -3.47 3.99 10.31
C LYS A 15 -2.55 4.89 9.47
N CYS A 16 -2.32 4.49 8.23
CA CYS A 16 -1.44 5.22 7.33
C CYS A 16 -0.09 5.45 8.01
N THR A 17 0.54 4.34 8.37
CA THR A 17 1.83 4.37 9.05
C THR A 17 2.98 4.62 8.07
N THR A 18 4.08 5.14 8.58
CA THR A 18 5.25 5.39 7.75
C THR A 18 5.69 4.10 7.09
N LEU A 19 5.98 3.10 7.91
CA LEU A 19 6.41 1.80 7.43
C LEU A 19 5.45 1.28 6.37
N GLU A 20 4.22 1.79 6.40
CA GLU A 20 3.21 1.38 5.43
C GLU A 20 3.46 2.06 4.08
N GLU A 21 3.58 3.39 4.10
CA GLU A 21 3.83 4.13 2.86
C GLU A 21 5.18 3.73 2.30
N GLU A 22 6.10 3.37 3.19
CA GLU A 22 7.44 2.95 2.82
C GLU A 22 7.40 1.53 2.29
N LYS A 23 6.52 0.71 2.86
CA LYS A 23 6.38 -0.67 2.43
C LYS A 23 6.17 -0.69 0.93
N CYS A 24 5.05 -0.11 0.51
CA CYS A 24 4.70 -0.02 -0.91
C CYS A 24 5.85 0.56 -1.72
N LYS A 25 6.33 1.72 -1.31
CA LYS A 25 7.41 2.41 -2.00
C LYS A 25 8.63 1.52 -2.25
N THR A 26 8.99 0.71 -1.26
CA THR A 26 10.16 -0.17 -1.38
C THR A 26 9.98 -1.27 -2.42
N LEU A 27 8.79 -1.86 -2.48
CA LEU A 27 8.53 -2.94 -3.44
C LEU A 27 8.16 -2.40 -4.81
N TYR A 28 7.23 -1.46 -4.83
CA TYR A 28 6.75 -0.87 -6.07
C TYR A 28 6.92 0.65 -6.07
N PRO A 29 7.84 1.18 -6.91
CA PRO A 29 8.08 2.62 -6.98
C PRO A 29 7.05 3.33 -7.85
N ARG A 30 5.79 2.98 -7.66
CA ARG A 30 4.69 3.57 -8.43
C ARG A 30 4.35 4.97 -7.95
N GLY A 31 3.30 5.54 -8.54
CA GLY A 31 2.85 6.86 -8.17
C GLY A 31 1.56 6.79 -7.37
N GLN A 32 0.92 5.63 -7.40
CA GLN A 32 -0.32 5.41 -6.67
C GLN A 32 -0.18 4.26 -5.69
N CYS A 33 1.07 3.84 -5.49
CA CYS A 33 1.38 2.75 -4.58
C CYS A 33 1.87 3.31 -3.25
N THR A 34 0.95 3.93 -2.50
CA THR A 34 1.31 4.54 -1.23
C THR A 34 0.46 3.96 -0.08
N CYS A 35 -0.09 4.80 0.77
CA CYS A 35 -0.90 4.33 1.89
C CYS A 35 -2.38 4.38 1.57
N SER A 36 -3.09 3.33 1.97
CA SER A 36 -4.53 3.22 1.74
C SER A 36 -5.20 2.49 2.89
N ASP A 37 -6.02 3.22 3.65
CA ASP A 37 -6.72 2.64 4.79
C ASP A 37 -8.23 2.85 4.66
N SER A 38 -8.99 2.00 5.32
CA SER A 38 -10.45 2.08 5.29
C SER A 38 -10.98 2.76 6.55
N LYS A 39 -10.96 2.03 7.65
CA LYS A 39 -11.43 2.56 8.93
C LYS A 39 -11.04 1.64 10.08
N MET A 40 -9.84 1.08 10.01
CA MET A 40 -9.35 0.18 11.04
C MET A 40 -7.88 0.45 11.34
N ASN A 41 -7.29 -0.40 12.17
CA ASN A 41 -5.88 -0.25 12.54
C ASN A 41 -4.98 -0.87 11.47
N THR A 42 -5.54 -1.72 10.63
CA THR A 42 -4.77 -2.36 9.57
C THR A 42 -5.21 -1.87 8.19
N HIS A 43 -4.22 -1.67 7.33
CA HIS A 43 -4.43 -1.21 5.98
C HIS A 43 -3.32 -1.75 5.09
N SER A 44 -3.26 -1.30 3.85
CA SER A 44 -2.20 -1.74 2.94
C SER A 44 -1.95 -0.67 1.86
N CYS A 45 -1.59 -1.12 0.67
CA CYS A 45 -1.31 -0.19 -0.44
C CYS A 45 -2.40 -0.26 -1.51
N ASP A 46 -2.26 0.59 -2.52
CA ASP A 46 -3.23 0.63 -3.62
C ASP A 46 -2.55 1.05 -4.91
N CYS A 47 -1.42 0.42 -5.20
CA CYS A 47 -0.66 0.71 -6.42
C CYS A 47 -1.53 0.45 -7.64
N LYS A 48 -2.52 -0.41 -7.47
CA LYS A 48 -3.41 -0.77 -8.55
C LYS A 48 -4.86 -0.59 -8.12
N SER A 49 -5.68 -0.11 -9.04
CA SER A 49 -7.10 0.12 -8.77
C SER A 49 -7.77 -1.16 -8.27
N CYS A 50 -7.79 -1.32 -6.95
CA CYS A 50 -8.41 -2.50 -6.34
C CYS A 50 -9.19 -2.12 -5.09
N ASN A 1 4.11 -2.91 -17.33
CA ASN A 1 3.91 -1.58 -17.94
C ASN A 1 2.73 -0.85 -17.30
N LEU A 2 3.03 0.12 -16.44
CA LEU A 2 2.01 0.89 -15.76
C LEU A 2 1.04 -0.02 -15.00
N MET A 3 1.61 -1.02 -14.31
CA MET A 3 0.79 -1.96 -13.55
C MET A 3 1.59 -2.57 -12.40
N LYS A 4 1.02 -2.54 -11.21
CA LYS A 4 1.68 -3.10 -10.03
C LYS A 4 0.63 -3.62 -9.05
N ARG A 5 0.72 -4.91 -8.72
CA ARG A 5 -0.24 -5.54 -7.81
C ARG A 5 -0.22 -4.86 -6.44
N CYS A 6 -1.24 -4.02 -6.21
CA CYS A 6 -1.36 -3.30 -4.93
C CYS A 6 -1.22 -4.25 -3.74
N THR A 7 -0.52 -3.79 -2.70
CA THR A 7 -0.32 -4.58 -1.49
C THR A 7 0.41 -5.91 -1.77
N ARG A 8 1.11 -6.40 -0.76
CA ARG A 8 1.83 -7.67 -0.86
C ARG A 8 0.99 -8.75 -0.21
N GLY A 9 -0.32 -8.61 -0.35
CA GLY A 9 -1.25 -9.55 0.24
C GLY A 9 -2.09 -8.87 1.29
N PHE A 10 -2.07 -7.54 1.27
CA PHE A 10 -2.82 -6.74 2.23
C PHE A 10 -2.37 -7.04 3.66
N ARG A 11 -1.30 -6.38 4.10
CA ARG A 11 -0.80 -6.61 5.45
C ARG A 11 0.00 -5.44 6.01
N LYS A 12 -0.59 -4.26 5.99
CA LYS A 12 0.06 -3.07 6.53
C LYS A 12 -0.71 -2.65 7.79
N LEU A 13 -0.05 -1.96 8.73
CA LEU A 13 -0.73 -1.57 9.98
C LEU A 13 -0.20 -0.26 10.57
N GLY A 14 -1.07 0.39 11.36
CA GLY A 14 -0.71 1.64 12.00
C GLY A 14 -1.32 2.86 11.34
N LYS A 15 -2.63 2.79 11.05
CA LYS A 15 -3.35 3.90 10.39
C LYS A 15 -2.42 4.72 9.51
N CYS A 16 -2.18 4.25 8.29
CA CYS A 16 -1.30 4.92 7.34
C CYS A 16 0.05 5.20 7.99
N THR A 17 0.65 4.15 8.54
CA THR A 17 1.94 4.25 9.19
C THR A 17 3.06 4.37 8.15
N THR A 18 4.17 4.97 8.54
CA THR A 18 5.31 5.12 7.65
C THR A 18 5.70 3.79 7.03
N LEU A 19 5.95 2.80 7.88
CA LEU A 19 6.34 1.47 7.42
C LEU A 19 5.38 0.94 6.36
N GLU A 20 4.15 1.43 6.39
CA GLU A 20 3.14 1.02 5.43
C GLU A 20 3.34 1.74 4.11
N GLU A 21 3.47 3.07 4.18
CA GLU A 21 3.68 3.87 2.98
C GLU A 21 5.04 3.52 2.39
N GLU A 22 5.91 2.99 3.26
CA GLU A 22 7.24 2.59 2.87
C GLU A 22 7.18 1.24 2.19
N LYS A 23 6.32 0.36 2.70
CA LYS A 23 6.14 -0.96 2.12
C LYS A 23 5.82 -0.83 0.64
N CYS A 24 4.84 0.01 0.35
CA CYS A 24 4.41 0.26 -1.02
C CYS A 24 5.47 0.99 -1.83
N LYS A 25 6.23 1.88 -1.18
CA LYS A 25 7.26 2.64 -1.89
C LYS A 25 8.51 1.81 -2.15
N THR A 26 9.26 1.54 -1.10
CA THR A 26 10.50 0.78 -1.20
C THR A 26 10.32 -0.51 -2.02
N LEU A 27 9.21 -1.20 -1.85
CA LEU A 27 8.97 -2.44 -2.58
C LEU A 27 8.38 -2.19 -3.96
N TYR A 28 7.48 -1.21 -4.05
CA TYR A 28 6.83 -0.91 -5.34
C TYR A 28 7.19 0.50 -5.83
N PRO A 29 8.07 0.62 -6.84
CA PRO A 29 8.45 1.91 -7.39
C PRO A 29 7.39 2.43 -8.36
N ARG A 30 6.24 2.81 -7.81
CA ARG A 30 5.12 3.30 -8.63
C ARG A 30 4.90 4.79 -8.45
N GLY A 31 3.85 5.28 -9.10
CA GLY A 31 3.49 6.69 -9.01
C GLY A 31 2.10 6.86 -8.43
N GLN A 32 1.28 5.82 -8.58
CA GLN A 32 -0.08 5.84 -8.05
C GLN A 32 -0.21 4.88 -6.87
N CYS A 33 0.93 4.44 -6.38
CA CYS A 33 0.98 3.52 -5.25
C CYS A 33 1.31 4.28 -3.97
N THR A 34 0.74 3.83 -2.85
CA THR A 34 1.00 4.48 -1.58
C THR A 34 0.23 3.78 -0.45
N CYS A 35 -0.20 4.54 0.56
CA CYS A 35 -0.92 3.96 1.69
C CYS A 35 -2.44 4.14 1.52
N SER A 36 -3.19 3.10 1.87
CA SER A 36 -4.64 3.12 1.78
C SER A 36 -5.28 2.47 3.00
N ASP A 37 -5.94 3.29 3.81
CA ASP A 37 -6.59 2.79 5.02
C ASP A 37 -8.06 3.20 5.06
N SER A 38 -8.86 2.47 5.84
CA SER A 38 -10.28 2.77 5.97
C SER A 38 -10.63 3.16 7.40
N LYS A 39 -10.79 2.14 8.25
CA LYS A 39 -11.13 2.38 9.66
C LYS A 39 -11.09 1.06 10.44
N MET A 40 -9.91 0.43 10.47
CA MET A 40 -9.74 -0.83 11.18
C MET A 40 -8.32 -0.97 11.71
N ASN A 41 -7.58 0.13 11.71
CA ASN A 41 -6.19 0.14 12.18
C ASN A 41 -5.26 -0.50 11.16
N THR A 42 -5.75 -1.48 10.43
CA THR A 42 -4.95 -2.16 9.41
C THR A 42 -5.28 -1.63 8.02
N HIS A 43 -4.25 -1.54 7.19
CA HIS A 43 -4.39 -1.05 5.83
C HIS A 43 -3.34 -1.71 4.96
N SER A 44 -3.26 -1.29 3.70
CA SER A 44 -2.25 -1.83 2.80
C SER A 44 -1.92 -0.82 1.70
N CYS A 45 -1.61 -1.30 0.50
CA CYS A 45 -1.28 -0.42 -0.62
C CYS A 45 -2.42 -0.32 -1.61
N ASP A 46 -2.29 0.58 -2.58
CA ASP A 46 -3.32 0.79 -3.59
C ASP A 46 -2.72 1.28 -4.90
N CYS A 47 -1.60 0.67 -5.30
CA CYS A 47 -0.94 1.05 -6.54
C CYS A 47 -1.86 0.76 -7.72
N LYS A 48 -2.78 -0.17 -7.49
CA LYS A 48 -3.73 -0.57 -8.52
C LYS A 48 -5.14 -0.60 -7.95
N SER A 49 -6.08 -0.07 -8.72
CA SER A 49 -7.47 -0.02 -8.30
C SER A 49 -7.94 -1.38 -7.81
N CYS A 50 -7.88 -1.59 -6.50
CA CYS A 50 -8.29 -2.85 -5.89
C CYS A 50 -9.01 -2.62 -4.56
N ASN A 1 2.88 -5.13 -18.89
CA ASN A 1 3.13 -3.67 -18.95
C ASN A 1 1.92 -2.88 -18.46
N LEU A 2 2.17 -1.65 -18.00
CA LEU A 2 1.11 -0.79 -17.50
C LEU A 2 0.32 -1.47 -16.38
N MET A 3 0.99 -2.39 -15.68
CA MET A 3 0.36 -3.11 -14.58
C MET A 3 1.19 -3.02 -13.31
N LYS A 4 0.51 -3.03 -12.16
CA LYS A 4 1.18 -2.94 -10.87
C LYS A 4 0.82 -4.13 -9.98
N ARG A 5 0.91 -3.94 -8.67
CA ARG A 5 0.59 -5.00 -7.73
C ARG A 5 0.33 -4.43 -6.33
N CYS A 6 -0.76 -3.69 -6.19
CA CYS A 6 -1.12 -3.09 -4.91
C CYS A 6 -1.07 -4.13 -3.79
N THR A 7 -0.34 -3.81 -2.71
CA THR A 7 -0.22 -4.71 -1.56
C THR A 7 0.39 -6.06 -1.94
N ARG A 8 1.01 -6.71 -0.96
CA ARG A 8 1.61 -8.02 -1.16
C ARG A 8 0.70 -9.07 -0.53
N GLY A 9 -0.58 -8.74 -0.51
CA GLY A 9 -1.57 -9.62 0.08
C GLY A 9 -2.31 -8.92 1.21
N PHE A 10 -2.20 -7.59 1.23
CA PHE A 10 -2.86 -6.78 2.25
C PHE A 10 -2.31 -7.12 3.63
N ARG A 11 -1.29 -6.38 4.09
CA ARG A 11 -0.73 -6.65 5.41
C ARG A 11 0.08 -5.47 5.96
N LYS A 12 -0.53 -4.30 6.00
CA LYS A 12 0.12 -3.11 6.54
C LYS A 12 -0.64 -2.70 7.81
N LEU A 13 -0.01 -1.96 8.72
CA LEU A 13 -0.69 -1.58 9.97
C LEU A 13 -0.25 -0.23 10.52
N GLY A 14 -1.15 0.39 11.31
CA GLY A 14 -0.87 1.68 11.93
C GLY A 14 -1.42 2.86 11.13
N LYS A 15 -2.74 2.89 10.92
CA LYS A 15 -3.41 3.96 10.16
C LYS A 15 -2.44 4.71 9.26
N CYS A 16 -2.20 4.17 8.08
CA CYS A 16 -1.26 4.75 7.11
C CYS A 16 0.06 5.08 7.82
N THR A 17 0.63 4.05 8.42
CA THR A 17 1.88 4.17 9.16
C THR A 17 3.08 4.29 8.21
N THR A 18 4.19 4.83 8.73
CA THR A 18 5.40 4.99 7.93
C THR A 18 5.84 3.65 7.37
N LEU A 19 5.92 2.64 8.23
CA LEU A 19 6.32 1.31 7.81
C LEU A 19 5.45 0.81 6.67
N GLU A 20 4.24 1.34 6.60
CA GLU A 20 3.31 0.97 5.55
C GLU A 20 3.55 1.81 4.30
N GLU A 21 3.79 3.10 4.48
CA GLU A 21 4.04 4.00 3.37
C GLU A 21 5.33 3.62 2.66
N GLU A 22 6.31 3.14 3.44
CA GLU A 22 7.57 2.71 2.89
C GLU A 22 7.37 1.42 2.14
N LYS A 23 6.77 0.45 2.83
CA LYS A 23 6.46 -0.84 2.25
C LYS A 23 6.03 -0.69 0.80
N CYS A 24 5.15 0.29 0.57
CA CYS A 24 4.63 0.58 -0.75
C CYS A 24 5.68 1.17 -1.68
N LYS A 25 6.43 2.16 -1.19
CA LYS A 25 7.45 2.80 -2.01
C LYS A 25 8.65 1.90 -2.26
N THR A 26 9.37 1.58 -1.20
CA THR A 26 10.55 0.73 -1.29
C THR A 26 10.30 -0.55 -2.08
N LEU A 27 9.18 -1.22 -1.84
CA LEU A 27 8.89 -2.47 -2.53
C LEU A 27 8.20 -2.23 -3.87
N TYR A 28 7.28 -1.28 -3.94
CA TYR A 28 6.55 -1.02 -5.18
C TYR A 28 6.92 0.35 -5.76
N PRO A 29 7.57 0.37 -6.94
CA PRO A 29 7.96 1.61 -7.61
C PRO A 29 6.86 2.11 -8.53
N ARG A 30 5.96 2.95 -7.99
CA ARG A 30 4.85 3.47 -8.77
C ARG A 30 4.58 4.94 -8.47
N GLY A 31 3.56 5.48 -9.14
CA GLY A 31 3.17 6.86 -8.93
C GLY A 31 1.81 6.95 -8.25
N GLN A 32 0.96 5.96 -8.52
CA GLN A 32 -0.36 5.90 -7.92
C GLN A 32 -0.37 4.91 -6.76
N CYS A 33 0.85 4.55 -6.33
CA CYS A 33 1.04 3.61 -5.24
C CYS A 33 1.41 4.35 -3.97
N THR A 34 0.82 3.95 -2.84
CA THR A 34 1.10 4.60 -1.57
C THR A 34 0.36 3.91 -0.42
N CYS A 35 0.09 4.64 0.66
CA CYS A 35 -0.60 4.07 1.80
C CYS A 35 -2.10 4.38 1.75
N SER A 36 -2.91 3.32 1.88
CA SER A 36 -4.36 3.46 1.83
C SER A 36 -5.02 2.60 2.91
N ASP A 37 -5.87 3.25 3.71
CA ASP A 37 -6.59 2.59 4.78
C ASP A 37 -8.10 2.70 4.57
N SER A 38 -8.86 1.89 5.28
CA SER A 38 -10.31 1.91 5.17
C SER A 38 -10.93 2.67 6.34
N LYS A 39 -10.89 2.06 7.52
CA LYS A 39 -11.45 2.66 8.73
C LYS A 39 -11.13 1.81 9.95
N MET A 40 -9.94 1.22 9.96
CA MET A 40 -9.51 0.38 11.07
C MET A 40 -8.03 0.62 11.38
N ASN A 41 -7.40 -0.36 12.02
CA ASN A 41 -5.99 -0.26 12.37
C ASN A 41 -5.11 -0.84 11.29
N THR A 42 -5.64 -1.80 10.54
CA THR A 42 -4.88 -2.43 9.47
C THR A 42 -5.28 -1.91 8.10
N HIS A 43 -4.29 -1.75 7.25
CA HIS A 43 -4.48 -1.25 5.88
C HIS A 43 -3.39 -1.82 5.00
N SER A 44 -3.34 -1.38 3.75
CA SER A 44 -2.28 -1.85 2.86
C SER A 44 -2.01 -0.83 1.75
N CYS A 45 -1.71 -1.33 0.56
CA CYS A 45 -1.41 -0.47 -0.57
C CYS A 45 -2.60 -0.32 -1.51
N ASP A 46 -2.48 0.59 -2.47
CA ASP A 46 -3.53 0.83 -3.44
C ASP A 46 -2.97 1.33 -4.77
N CYS A 47 -1.77 0.86 -5.13
CA CYS A 47 -1.14 1.25 -6.38
C CYS A 47 -2.05 0.92 -7.55
N LYS A 48 -2.89 -0.06 -7.33
CA LYS A 48 -3.83 -0.52 -8.34
C LYS A 48 -5.22 -0.66 -7.75
N SER A 49 -6.22 -0.19 -8.48
CA SER A 49 -7.61 -0.26 -8.04
C SER A 49 -7.93 -1.64 -7.47
N CYS A 50 -7.81 -1.78 -6.16
CA CYS A 50 -8.09 -3.03 -5.48
C CYS A 50 -8.61 -2.80 -4.07
N ASN A 1 3.87 -10.76 -10.81
CA ASN A 1 3.65 -9.29 -10.98
C ASN A 1 3.56 -8.92 -12.46
N LEU A 2 2.97 -7.76 -12.74
CA LEU A 2 2.83 -7.28 -14.11
C LEU A 2 2.89 -5.76 -14.17
N MET A 3 1.97 -5.11 -13.47
CA MET A 3 1.92 -3.66 -13.44
C MET A 3 2.55 -3.11 -12.15
N LYS A 4 1.78 -3.12 -11.07
CA LYS A 4 2.27 -2.62 -9.78
C LYS A 4 1.94 -3.60 -8.66
N ARG A 5 0.76 -4.23 -8.76
CA ARG A 5 0.32 -5.19 -7.76
C ARG A 5 0.27 -4.56 -6.37
N CYS A 6 -0.82 -3.86 -6.09
CA CYS A 6 -1.00 -3.20 -4.80
C CYS A 6 -0.90 -4.20 -3.65
N THR A 7 -0.18 -3.83 -2.59
CA THR A 7 -0.02 -4.68 -1.41
C THR A 7 0.61 -6.03 -1.76
N ARG A 8 1.06 -6.73 -0.72
CA ARG A 8 1.64 -8.06 -0.88
C ARG A 8 0.65 -9.08 -0.35
N GLY A 9 -0.60 -8.66 -0.35
CA GLY A 9 -1.68 -9.50 0.16
C GLY A 9 -2.44 -8.78 1.25
N PHE A 10 -2.32 -7.46 1.28
CA PHE A 10 -2.99 -6.63 2.28
C PHE A 10 -2.47 -6.97 3.67
N ARG A 11 -1.41 -6.29 4.10
CA ARG A 11 -0.86 -6.56 5.43
C ARG A 11 -0.01 -5.43 6.00
N LYS A 12 -0.56 -4.22 6.01
CA LYS A 12 0.13 -3.07 6.59
C LYS A 12 -0.62 -2.65 7.85
N LEU A 13 0.06 -2.08 8.84
CA LEU A 13 -0.61 -1.71 10.08
C LEU A 13 -0.11 -0.39 10.70
N GLY A 14 -1.00 0.26 11.45
CA GLY A 14 -0.65 1.52 12.11
C GLY A 14 -1.35 2.72 11.48
N LYS A 15 -2.60 2.53 11.05
CA LYS A 15 -3.39 3.59 10.41
C LYS A 15 -2.49 4.51 9.57
N CYS A 16 -2.26 4.11 8.32
CA CYS A 16 -1.39 4.86 7.41
C CYS A 16 -0.07 5.19 8.09
N THR A 17 0.59 4.15 8.57
CA THR A 17 1.86 4.28 9.26
C THR A 17 3.00 4.40 8.24
N THR A 18 4.08 5.05 8.65
CA THR A 18 5.25 5.22 7.79
C THR A 18 5.69 3.89 7.20
N LEU A 19 6.03 2.95 8.08
CA LEU A 19 6.49 1.63 7.65
C LEU A 19 5.54 1.00 6.63
N GLU A 20 4.28 1.46 6.64
CA GLU A 20 3.29 0.93 5.71
C GLU A 20 3.38 1.65 4.37
N GLU A 21 3.43 2.97 4.40
CA GLU A 21 3.53 3.76 3.18
C GLU A 21 4.85 3.43 2.49
N GLU A 22 5.84 3.06 3.30
CA GLU A 22 7.16 2.70 2.80
C GLU A 22 7.14 1.29 2.24
N LYS A 23 6.44 0.38 2.93
CA LYS A 23 6.33 -1.00 2.49
C LYS A 23 5.92 -1.01 1.02
N CYS A 24 4.80 -0.38 0.75
CA CYS A 24 4.27 -0.29 -0.59
C CYS A 24 5.17 0.54 -1.49
N LYS A 25 5.87 1.51 -0.89
CA LYS A 25 6.75 2.39 -1.65
C LYS A 25 8.02 1.65 -2.11
N THR A 26 8.96 1.46 -1.19
CA THR A 26 10.22 0.81 -1.49
C THR A 26 10.04 -0.51 -2.25
N LEU A 27 8.95 -1.21 -2.00
CA LEU A 27 8.71 -2.48 -2.68
C LEU A 27 8.04 -2.26 -4.04
N TYR A 28 7.18 -1.26 -4.13
CA TYR A 28 6.49 -0.97 -5.38
C TYR A 28 6.80 0.44 -5.88
N PRO A 29 7.62 0.57 -6.93
CA PRO A 29 7.98 1.88 -7.49
C PRO A 29 6.91 2.40 -8.47
N ARG A 30 5.95 3.13 -7.93
CA ARG A 30 4.85 3.68 -8.74
C ARG A 30 4.46 5.09 -8.31
N GLY A 31 3.38 5.58 -8.92
CA GLY A 31 2.87 6.90 -8.58
C GLY A 31 1.59 6.81 -7.79
N GLN A 32 0.65 6.01 -8.29
CA GLN A 32 -0.63 5.80 -7.61
C GLN A 32 -0.47 4.74 -6.54
N CYS A 33 0.78 4.42 -6.24
CA CYS A 33 1.14 3.43 -5.25
C CYS A 33 1.65 4.10 -3.98
N THR A 34 0.95 3.91 -2.86
CA THR A 34 1.36 4.52 -1.61
C THR A 34 0.58 3.93 -0.42
N CYS A 35 0.15 4.76 0.52
CA CYS A 35 -0.58 4.27 1.68
C CYS A 35 -2.09 4.42 1.50
N SER A 36 -2.82 3.38 1.88
CA SER A 36 -4.27 3.39 1.78
C SER A 36 -4.91 2.82 3.03
N ASP A 37 -5.47 3.69 3.85
CA ASP A 37 -6.11 3.29 5.11
C ASP A 37 -7.50 3.92 5.22
N SER A 38 -8.52 3.08 5.22
CA SER A 38 -9.90 3.55 5.33
C SER A 38 -10.78 2.50 6.00
N LYS A 39 -10.14 1.50 6.61
CA LYS A 39 -10.87 0.43 7.28
C LYS A 39 -10.72 0.52 8.79
N MET A 40 -9.55 0.12 9.29
CA MET A 40 -9.27 0.16 10.71
C MET A 40 -7.78 0.37 10.96
N ASN A 41 -7.28 -0.15 12.07
CA ASN A 41 -5.87 -0.02 12.41
C ASN A 41 -5.00 -0.65 11.33
N THR A 42 -5.59 -1.53 10.52
CA THR A 42 -4.86 -2.20 9.45
C THR A 42 -5.20 -1.62 8.09
N HIS A 43 -4.18 -1.49 7.25
CA HIS A 43 -4.32 -0.95 5.91
C HIS A 43 -3.26 -1.56 5.01
N SER A 44 -3.20 -1.10 3.76
CA SER A 44 -2.18 -1.57 2.83
C SER A 44 -1.90 -0.53 1.76
N CYS A 45 -1.61 -0.98 0.55
CA CYS A 45 -1.35 -0.07 -0.57
C CYS A 45 -2.43 -0.19 -1.63
N ASP A 46 -2.41 0.72 -2.62
CA ASP A 46 -3.41 0.70 -3.68
C ASP A 46 -2.87 1.25 -4.99
N CYS A 47 -1.69 0.79 -5.39
CA CYS A 47 -1.10 1.23 -6.66
C CYS A 47 -2.04 0.87 -7.79
N LYS A 48 -2.76 -0.21 -7.56
CA LYS A 48 -3.74 -0.72 -8.52
C LYS A 48 -5.12 -0.78 -7.89
N SER A 49 -6.12 -0.35 -8.64
CA SER A 49 -7.50 -0.35 -8.17
C SER A 49 -7.85 -1.67 -7.48
N CYS A 50 -7.67 -1.71 -6.16
CA CYS A 50 -7.96 -2.91 -5.39
C CYS A 50 -8.45 -2.55 -3.99
N ASN A 1 -4.36 -7.68 -17.36
CA ASN A 1 -3.11 -8.49 -17.38
C ASN A 1 -1.91 -7.65 -16.93
N LEU A 2 -1.96 -6.36 -17.25
CA LEU A 2 -0.88 -5.44 -16.90
C LEU A 2 -1.28 -4.58 -15.71
N MET A 3 -0.90 -5.01 -14.51
CA MET A 3 -1.21 -4.27 -13.29
C MET A 3 0.07 -3.88 -12.56
N LYS A 4 -0.09 -3.42 -11.32
CA LYS A 4 1.05 -3.01 -10.51
C LYS A 4 1.34 -4.04 -9.42
N ARG A 5 1.02 -3.70 -8.16
CA ARG A 5 1.26 -4.61 -7.05
C ARG A 5 0.62 -4.09 -5.77
N CYS A 6 -0.54 -3.42 -5.91
CA CYS A 6 -1.25 -2.88 -4.76
C CYS A 6 -1.35 -3.90 -3.63
N THR A 7 -0.68 -3.61 -2.50
CA THR A 7 -0.70 -4.48 -1.34
C THR A 7 -0.14 -5.87 -1.63
N ARG A 8 0.49 -6.46 -0.63
CA ARG A 8 1.03 -7.81 -0.74
C ARG A 8 0.04 -8.76 -0.09
N GLY A 9 -1.23 -8.42 -0.22
CA GLY A 9 -2.28 -9.19 0.39
C GLY A 9 -2.69 -8.59 1.72
N PHE A 10 -2.71 -7.26 1.75
CA PHE A 10 -3.03 -6.51 2.95
C PHE A 10 -1.96 -6.77 4.00
N ARG A 11 -0.83 -6.06 3.90
CA ARG A 11 0.26 -6.28 4.83
C ARG A 11 0.83 -5.00 5.45
N LYS A 12 -0.05 -4.09 5.83
CA LYS A 12 0.38 -2.85 6.48
C LYS A 12 -0.48 -2.60 7.71
N LEU A 13 0.06 -1.86 8.68
CA LEU A 13 -0.69 -1.60 9.92
C LEU A 13 -0.30 -0.28 10.57
N GLY A 14 -1.21 0.25 11.39
CA GLY A 14 -0.96 1.50 12.10
C GLY A 14 -1.52 2.72 11.37
N LYS A 15 -2.83 2.70 11.10
CA LYS A 15 -3.52 3.81 10.40
C LYS A 15 -2.54 4.67 9.60
N CYS A 16 -2.29 4.26 8.36
CA CYS A 16 -1.36 4.96 7.49
C CYS A 16 -0.03 5.19 8.21
N THR A 17 0.63 4.08 8.51
CA THR A 17 1.91 4.11 9.21
C THR A 17 3.06 4.36 8.24
N THR A 18 4.14 4.94 8.74
CA THR A 18 5.31 5.21 7.91
C THR A 18 5.77 3.93 7.23
N LEU A 19 6.07 2.92 8.03
CA LEU A 19 6.53 1.64 7.51
C LEU A 19 5.58 1.11 6.44
N GLU A 20 4.35 1.61 6.44
CA GLU A 20 3.35 1.19 5.46
C GLU A 20 3.56 1.94 4.15
N GLU A 21 3.67 3.25 4.23
CA GLU A 21 3.90 4.05 3.03
C GLU A 21 5.20 3.64 2.38
N GLU A 22 6.20 3.37 3.22
CA GLU A 22 7.51 2.93 2.75
C GLU A 22 7.43 1.53 2.15
N LYS A 23 6.66 0.66 2.79
CA LYS A 23 6.48 -0.70 2.30
C LYS A 23 6.10 -0.64 0.84
N CYS A 24 5.25 0.32 0.52
CA CYS A 24 4.78 0.54 -0.83
C CYS A 24 5.86 1.11 -1.74
N LYS A 25 6.72 1.96 -1.18
CA LYS A 25 7.78 2.58 -1.98
C LYS A 25 8.89 1.59 -2.29
N THR A 26 9.56 1.11 -1.25
CA THR A 26 10.66 0.18 -1.40
C THR A 26 10.28 -1.06 -2.21
N LEU A 27 9.10 -1.62 -1.92
CA LEU A 27 8.67 -2.83 -2.61
C LEU A 27 7.95 -2.53 -3.93
N TYR A 28 7.11 -1.49 -3.94
CA TYR A 28 6.36 -1.16 -5.15
C TYR A 28 6.82 0.16 -5.78
N PRO A 29 7.44 0.13 -6.97
CA PRO A 29 7.89 1.32 -7.66
C PRO A 29 6.81 1.89 -8.58
N ARG A 30 5.99 2.79 -8.04
CA ARG A 30 4.90 3.39 -8.81
C ARG A 30 4.70 4.86 -8.48
N GLY A 31 3.64 5.42 -9.07
CA GLY A 31 3.30 6.81 -8.83
C GLY A 31 1.99 6.93 -8.08
N GLN A 32 1.07 6.02 -8.38
CA GLN A 32 -0.23 5.99 -7.73
C GLN A 32 -0.21 4.99 -6.58
N CYS A 33 1.01 4.61 -6.21
CA CYS A 33 1.23 3.65 -5.13
C CYS A 33 1.60 4.39 -3.86
N THR A 34 0.97 4.03 -2.73
CA THR A 34 1.25 4.69 -1.47
C THR A 34 0.47 4.03 -0.32
N CYS A 35 0.02 4.82 0.65
CA CYS A 35 -0.72 4.26 1.77
C CYS A 35 -2.23 4.41 1.58
N SER A 36 -2.96 3.33 1.87
CA SER A 36 -4.40 3.32 1.74
C SER A 36 -5.06 2.55 2.88
N ASP A 37 -5.96 3.20 3.59
CA ASP A 37 -6.66 2.60 4.72
C ASP A 37 -8.17 2.71 4.53
N SER A 38 -8.91 1.80 5.16
CA SER A 38 -10.37 1.81 5.07
C SER A 38 -10.99 2.43 6.31
N LYS A 39 -10.96 1.68 7.41
CA LYS A 39 -11.52 2.16 8.68
C LYS A 39 -11.14 1.22 9.82
N MET A 40 -9.90 0.76 9.80
CA MET A 40 -9.40 -0.16 10.83
C MET A 40 -7.93 0.09 11.11
N ASN A 41 -7.37 -0.69 12.02
CA ASN A 41 -5.96 -0.55 12.39
C ASN A 41 -5.05 -1.07 11.28
N THR A 42 -5.52 -2.06 10.52
CA THR A 42 -4.73 -2.63 9.44
C THR A 42 -5.15 -2.07 8.09
N HIS A 43 -4.16 -1.82 7.25
CA HIS A 43 -4.37 -1.30 5.91
C HIS A 43 -3.25 -1.78 5.01
N SER A 44 -3.26 -1.35 3.75
CA SER A 44 -2.19 -1.74 2.84
C SER A 44 -2.00 -0.70 1.74
N CYS A 45 -1.70 -1.16 0.52
CA CYS A 45 -1.46 -0.25 -0.60
C CYS A 45 -2.67 -0.09 -1.51
N ASP A 46 -2.53 0.79 -2.51
CA ASP A 46 -3.57 1.05 -3.48
C ASP A 46 -2.99 1.49 -4.82
N CYS A 47 -1.75 1.09 -5.10
CA CYS A 47 -1.11 1.45 -6.37
C CYS A 47 -1.98 1.02 -7.53
N LYS A 48 -2.81 0.04 -7.28
CA LYS A 48 -3.72 -0.49 -8.28
C LYS A 48 -5.12 -0.66 -7.71
N SER A 49 -6.10 -0.12 -8.41
CA SER A 49 -7.49 -0.20 -7.97
C SER A 49 -7.90 -1.66 -7.78
N CYS A 50 -7.62 -2.19 -6.60
CA CYS A 50 -7.94 -3.58 -6.27
C CYS A 50 -8.82 -3.66 -5.04
N ASN A 1 7.38 3.56 -15.07
CA ASN A 1 6.54 2.84 -14.10
C ASN A 1 5.07 2.83 -14.52
N LEU A 2 4.52 1.64 -14.73
CA LEU A 2 3.13 1.50 -15.13
C LEU A 2 2.56 0.15 -14.69
N MET A 3 3.37 -0.62 -13.96
CA MET A 3 2.95 -1.92 -13.48
C MET A 3 3.54 -2.21 -12.10
N LYS A 4 2.69 -2.20 -11.08
CA LYS A 4 3.12 -2.47 -9.71
C LYS A 4 2.36 -3.65 -9.11
N ARG A 5 2.20 -3.63 -7.78
CA ARG A 5 1.49 -4.70 -7.09
C ARG A 5 0.82 -4.16 -5.82
N CYS A 6 -0.30 -3.48 -6.00
CA CYS A 6 -1.04 -2.92 -4.87
C CYS A 6 -1.07 -3.89 -3.68
N THR A 7 -0.36 -3.53 -2.60
CA THR A 7 -0.29 -4.35 -1.41
C THR A 7 0.35 -5.71 -1.69
N ARG A 8 1.01 -6.26 -0.67
CA ARG A 8 1.65 -7.56 -0.80
C ARG A 8 0.75 -8.61 -0.17
N GLY A 9 -0.56 -8.40 -0.33
CA GLY A 9 -1.54 -9.29 0.22
C GLY A 9 -2.35 -8.60 1.30
N PHE A 10 -2.31 -7.27 1.29
CA PHE A 10 -3.03 -6.47 2.27
C PHE A 10 -2.57 -6.82 3.69
N ARG A 11 -1.41 -6.30 4.08
CA ARG A 11 -0.88 -6.61 5.41
C ARG A 11 -0.05 -5.46 6.00
N LYS A 12 -0.63 -4.27 6.05
CA LYS A 12 0.05 -3.12 6.63
C LYS A 12 -0.67 -2.73 7.92
N LEU A 13 0.02 -2.03 8.83
CA LEU A 13 -0.62 -1.66 10.10
C LEU A 13 -0.16 -0.30 10.63
N GLY A 14 -0.99 0.29 11.50
CA GLY A 14 -0.69 1.58 12.09
C GLY A 14 -1.28 2.74 11.31
N LYS A 15 -2.63 2.79 11.25
CA LYS A 15 -3.36 3.84 10.52
C LYS A 15 -2.43 4.76 9.75
N CYS A 16 -2.18 4.41 8.49
CA CYS A 16 -1.28 5.17 7.63
C CYS A 16 0.07 5.31 8.31
N THR A 17 0.77 4.19 8.42
CA THR A 17 2.07 4.15 9.08
C THR A 17 3.20 4.32 8.07
N THR A 18 4.36 4.75 8.55
CA THR A 18 5.51 4.93 7.69
C THR A 18 5.81 3.63 6.95
N LEU A 19 6.33 2.65 7.69
CA LEU A 19 6.67 1.34 7.12
C LEU A 19 5.60 0.84 6.16
N GLU A 20 4.39 1.34 6.32
CA GLU A 20 3.30 0.95 5.45
C GLU A 20 3.41 1.67 4.11
N GLU A 21 3.28 3.00 4.16
CA GLU A 21 3.41 3.83 2.95
C GLU A 21 4.72 3.48 2.24
N GLU A 22 5.71 3.08 3.05
CA GLU A 22 7.02 2.71 2.55
C GLU A 22 6.97 1.32 1.91
N LYS A 23 6.26 0.40 2.56
CA LYS A 23 6.10 -0.95 2.05
C LYS A 23 5.76 -0.87 0.57
N CYS A 24 4.80 0.00 0.28
CA CYS A 24 4.36 0.24 -1.09
C CYS A 24 5.52 0.74 -1.95
N LYS A 25 6.15 1.82 -1.52
CA LYS A 25 7.27 2.41 -2.26
C LYS A 25 8.48 1.48 -2.33
N THR A 26 9.24 1.43 -1.24
CA THR A 26 10.45 0.61 -1.17
C THR A 26 10.34 -0.70 -1.93
N LEU A 27 9.20 -1.38 -1.82
CA LEU A 27 9.04 -2.66 -2.50
C LEU A 27 8.55 -2.48 -3.93
N TYR A 28 7.71 -1.48 -4.18
CA TYR A 28 7.17 -1.28 -5.52
C TYR A 28 7.51 0.10 -6.08
N PRO A 29 7.99 0.17 -7.34
CA PRO A 29 8.31 1.44 -8.00
C PRO A 29 7.07 2.00 -8.67
N ARG A 30 6.06 2.30 -7.85
CA ARG A 30 4.77 2.81 -8.34
C ARG A 30 4.77 4.31 -8.58
N GLY A 31 3.56 4.82 -8.84
CA GLY A 31 3.35 6.23 -9.07
C GLY A 31 1.99 6.67 -8.55
N GLN A 32 1.04 5.72 -8.53
CA GLN A 32 -0.31 5.99 -8.04
C GLN A 32 -0.56 5.23 -6.75
N CYS A 33 0.52 4.82 -6.09
CA CYS A 33 0.43 4.08 -4.85
C CYS A 33 0.78 4.96 -3.65
N THR A 34 0.58 4.43 -2.45
CA THR A 34 0.87 5.13 -1.20
C THR A 34 0.17 4.46 -0.02
N CYS A 35 -0.31 5.24 0.92
CA CYS A 35 -1.00 4.70 2.10
C CYS A 35 -2.51 4.74 1.90
N SER A 36 -3.14 3.57 2.05
CA SER A 36 -4.58 3.46 1.89
C SER A 36 -5.22 2.68 3.04
N ASP A 37 -5.99 3.37 3.86
CA ASP A 37 -6.66 2.77 4.99
C ASP A 37 -8.16 2.68 4.75
N SER A 38 -8.85 1.88 5.55
CA SER A 38 -10.29 1.72 5.41
C SER A 38 -11.02 2.32 6.62
N LYS A 39 -10.97 1.62 7.75
CA LYS A 39 -11.62 2.09 8.97
C LYS A 39 -11.17 1.25 10.16
N MET A 40 -9.95 0.76 10.10
CA MET A 40 -9.39 -0.06 11.17
C MET A 40 -7.91 0.26 11.39
N ASN A 41 -7.31 -0.42 12.36
CA ASN A 41 -5.90 -0.20 12.67
C ASN A 41 -5.01 -0.80 11.58
N THR A 42 -5.57 -1.70 10.77
CA THR A 42 -4.82 -2.32 9.70
C THR A 42 -5.26 -1.80 8.33
N HIS A 43 -4.28 -1.64 7.45
CA HIS A 43 -4.50 -1.14 6.10
C HIS A 43 -3.45 -1.71 5.17
N SER A 44 -3.38 -1.20 3.96
CA SER A 44 -2.37 -1.66 3.02
C SER A 44 -2.05 -0.58 1.98
N CYS A 45 -1.71 -0.99 0.77
CA CYS A 45 -1.36 -0.05 -0.30
C CYS A 45 -2.49 0.07 -1.32
N ASP A 46 -2.29 0.93 -2.31
CA ASP A 46 -3.27 1.14 -3.37
C ASP A 46 -2.60 1.54 -4.67
N CYS A 47 -1.53 0.83 -5.02
CA CYS A 47 -0.79 1.11 -6.24
C CYS A 47 -1.64 0.80 -7.45
N LYS A 48 -2.64 -0.02 -7.23
CA LYS A 48 -3.54 -0.43 -8.29
C LYS A 48 -4.97 -0.37 -7.81
N SER A 49 -5.87 -0.16 -8.76
CA SER A 49 -7.29 -0.09 -8.48
C SER A 49 -7.87 -1.48 -8.24
N CYS A 50 -7.11 -2.31 -7.55
CA CYS A 50 -7.53 -3.67 -7.23
C CYS A 50 -8.63 -3.67 -6.18
N ASN A 1 6.90 -3.37 -16.67
CA ASN A 1 5.95 -4.04 -15.75
C ASN A 1 4.50 -3.71 -16.11
N LEU A 2 4.32 -2.59 -16.80
CA LEU A 2 2.99 -2.14 -17.20
C LEU A 2 2.10 -1.86 -15.98
N MET A 3 1.43 -2.91 -15.50
CA MET A 3 0.55 -2.77 -14.34
C MET A 3 1.32 -2.99 -13.05
N LYS A 4 0.61 -2.91 -11.93
CA LYS A 4 1.23 -3.10 -10.61
C LYS A 4 0.27 -3.84 -9.68
N ARG A 5 0.83 -4.63 -8.76
CA ARG A 5 0.02 -5.39 -7.83
C ARG A 5 0.01 -4.73 -6.45
N CYS A 6 -0.91 -3.79 -6.25
CA CYS A 6 -1.02 -3.08 -4.97
C CYS A 6 -1.08 -4.07 -3.81
N THR A 7 -0.43 -3.72 -2.70
CA THR A 7 -0.40 -4.56 -1.51
C THR A 7 0.23 -5.92 -1.78
N ARG A 8 0.86 -6.47 -0.74
CA ARG A 8 1.48 -7.78 -0.83
C ARG A 8 0.56 -8.81 -0.22
N GLY A 9 -0.73 -8.56 -0.38
CA GLY A 9 -1.75 -9.42 0.17
C GLY A 9 -2.46 -8.73 1.32
N PHE A 10 -2.33 -7.41 1.36
CA PHE A 10 -2.94 -6.60 2.42
C PHE A 10 -2.35 -6.96 3.77
N ARG A 11 -1.23 -6.31 4.13
CA ARG A 11 -0.61 -6.62 5.41
C ARG A 11 0.19 -5.44 5.99
N LYS A 12 -0.41 -4.27 6.00
CA LYS A 12 0.23 -3.08 6.56
C LYS A 12 -0.52 -2.71 7.84
N LEU A 13 0.12 -2.03 8.79
CA LEU A 13 -0.56 -1.70 10.05
C LEU A 13 -0.07 -0.41 10.69
N GLY A 14 -0.95 0.20 11.49
CA GLY A 14 -0.61 1.43 12.18
C GLY A 14 -1.27 2.66 11.57
N LYS A 15 -2.57 2.55 11.25
CA LYS A 15 -3.33 3.65 10.65
C LYS A 15 -2.42 4.54 9.79
N CYS A 16 -2.16 4.09 8.56
CA CYS A 16 -1.29 4.81 7.64
C CYS A 16 0.05 5.11 8.31
N THR A 17 0.70 4.05 8.77
CA THR A 17 1.99 4.16 9.44
C THR A 17 3.11 4.33 8.42
N THR A 18 4.20 4.95 8.85
CA THR A 18 5.34 5.17 7.97
C THR A 18 5.80 3.87 7.33
N LEU A 19 6.06 2.86 8.15
CA LEU A 19 6.50 1.56 7.66
C LEU A 19 5.57 1.04 6.57
N GLU A 20 4.33 1.50 6.59
CA GLU A 20 3.35 1.06 5.61
C GLU A 20 3.53 1.83 4.30
N GLU A 21 3.65 3.15 4.40
CA GLU A 21 3.86 3.97 3.21
C GLU A 21 5.18 3.60 2.57
N GLU A 22 6.15 3.27 3.42
CA GLU A 22 7.47 2.86 2.98
C GLU A 22 7.36 1.54 2.24
N LYS A 23 6.54 0.64 2.79
CA LYS A 23 6.32 -0.65 2.16
C LYS A 23 5.93 -0.44 0.71
N CYS A 24 4.78 0.16 0.51
CA CYS A 24 4.28 0.45 -0.83
C CYS A 24 5.33 1.13 -1.71
N LYS A 25 6.24 1.87 -1.10
CA LYS A 25 7.27 2.56 -1.84
C LYS A 25 8.37 1.62 -2.32
N THR A 26 9.21 1.17 -1.39
CA THR A 26 10.31 0.26 -1.72
C THR A 26 9.82 -1.04 -2.35
N LEU A 27 8.55 -1.37 -2.12
CA LEU A 27 7.97 -2.59 -2.68
C LEU A 27 7.46 -2.37 -4.10
N TYR A 28 6.79 -1.24 -4.30
CA TYR A 28 6.22 -0.93 -5.60
C TYR A 28 6.57 0.49 -6.04
N PRO A 29 7.41 0.63 -7.09
CA PRO A 29 7.80 1.94 -7.60
C PRO A 29 6.73 2.54 -8.52
N ARG A 30 5.54 2.73 -7.96
CA ARG A 30 4.42 3.27 -8.72
C ARG A 30 4.19 4.75 -8.43
N GLY A 31 3.38 5.38 -9.27
CA GLY A 31 3.05 6.78 -9.09
C GLY A 31 1.73 6.92 -8.37
N GLN A 32 1.01 5.80 -8.28
CA GLN A 32 -0.28 5.77 -7.60
C GLN A 32 -0.25 4.78 -6.44
N CYS A 33 0.97 4.41 -6.05
CA CYS A 33 1.17 3.47 -4.94
C CYS A 33 1.50 4.22 -3.66
N THR A 34 0.81 3.87 -2.58
CA THR A 34 1.02 4.53 -1.31
C THR A 34 0.24 3.83 -0.19
N CYS A 35 -0.16 4.57 0.83
CA CYS A 35 -0.90 3.98 1.95
C CYS A 35 -2.40 4.19 1.78
N SER A 36 -3.14 3.10 1.83
CA SER A 36 -4.59 3.14 1.69
C SER A 36 -5.27 2.43 2.86
N ASP A 37 -6.25 3.11 3.45
CA ASP A 37 -6.99 2.55 4.58
C ASP A 37 -8.43 3.05 4.57
N SER A 38 -9.28 2.38 5.36
CA SER A 38 -10.69 2.74 5.43
C SER A 38 -11.01 3.38 6.79
N LYS A 39 -10.98 2.57 7.84
CA LYS A 39 -11.26 3.04 9.19
C LYS A 39 -10.92 1.97 10.21
N MET A 40 -9.72 1.41 10.09
CA MET A 40 -9.27 0.37 11.01
C MET A 40 -7.80 0.54 11.34
N ASN A 41 -7.26 -0.40 12.11
CA ASN A 41 -5.85 -0.36 12.50
C ASN A 41 -4.96 -0.93 11.39
N THR A 42 -5.52 -1.80 10.56
CA THR A 42 -4.76 -2.40 9.48
C THR A 42 -5.13 -1.82 8.13
N HIS A 43 -4.12 -1.68 7.28
CA HIS A 43 -4.27 -1.14 5.93
C HIS A 43 -3.20 -1.75 5.04
N SER A 44 -3.10 -1.29 3.80
CA SER A 44 -2.06 -1.79 2.91
C SER A 44 -1.71 -0.76 1.83
N CYS A 45 -1.55 -1.21 0.60
CA CYS A 45 -1.20 -0.34 -0.50
C CYS A 45 -2.34 -0.17 -1.50
N ASP A 46 -2.15 0.72 -2.47
CA ASP A 46 -3.15 0.99 -3.48
C ASP A 46 -2.50 1.43 -4.78
N CYS A 47 -1.36 0.82 -5.08
CA CYS A 47 -0.62 1.14 -6.30
C CYS A 47 -1.49 0.93 -7.53
N LYS A 48 -2.49 0.08 -7.38
CA LYS A 48 -3.40 -0.21 -8.48
C LYS A 48 -4.82 -0.36 -7.99
N SER A 49 -5.73 -0.31 -8.94
CA SER A 49 -7.15 -0.43 -8.67
C SER A 49 -7.54 -1.89 -8.45
N CYS A 50 -6.77 -2.58 -7.61
CA CYS A 50 -7.02 -3.98 -7.31
C CYS A 50 -8.27 -4.13 -6.44
N ASN A 1 -3.62 -7.64 -18.81
CA ASN A 1 -3.34 -6.25 -18.37
C ASN A 1 -2.91 -6.20 -16.91
N LEU A 2 -1.63 -5.96 -16.68
CA LEU A 2 -1.09 -5.90 -15.33
C LEU A 2 0.14 -4.99 -15.26
N MET A 3 0.04 -3.91 -14.48
CA MET A 3 1.15 -2.98 -14.34
C MET A 3 1.82 -3.13 -12.98
N LYS A 4 1.06 -2.84 -11.92
CA LYS A 4 1.57 -2.94 -10.56
C LYS A 4 0.76 -3.95 -9.75
N ARG A 5 0.92 -3.89 -8.42
CA ARG A 5 0.21 -4.79 -7.53
C ARG A 5 0.01 -4.18 -6.15
N CYS A 6 -1.14 -3.53 -5.95
CA CYS A 6 -1.46 -2.88 -4.68
C CYS A 6 -1.28 -3.86 -3.52
N THR A 7 -0.45 -3.47 -2.53
CA THR A 7 -0.16 -4.27 -1.35
C THR A 7 0.14 -5.74 -1.67
N ARG A 8 0.70 -6.44 -0.69
CA ARG A 8 1.03 -7.85 -0.85
C ARG A 8 -0.05 -8.69 -0.21
N GLY A 9 -1.29 -8.37 -0.51
CA GLY A 9 -2.42 -9.07 0.07
C GLY A 9 -2.82 -8.45 1.39
N PHE A 10 -2.76 -7.12 1.43
CA PHE A 10 -3.10 -6.37 2.63
C PHE A 10 -2.10 -6.69 3.74
N ARG A 11 -1.07 -5.85 3.87
CA ARG A 11 -0.05 -6.10 4.87
C ARG A 11 0.57 -4.82 5.43
N LYS A 12 -0.27 -3.89 5.88
CA LYS A 12 0.22 -2.65 6.47
C LYS A 12 -0.55 -2.35 7.76
N LEU A 13 0.08 -1.65 8.69
CA LEU A 13 -0.58 -1.34 9.98
C LEU A 13 -0.08 -0.03 10.59
N GLY A 14 -0.94 0.58 11.42
CA GLY A 14 -0.58 1.82 12.09
C GLY A 14 -1.18 3.06 11.42
N LYS A 15 -2.49 3.07 11.21
CA LYS A 15 -3.20 4.20 10.58
C LYS A 15 -2.27 5.01 9.66
N CYS A 16 -2.08 4.51 8.44
CA CYS A 16 -1.20 5.16 7.47
C CYS A 16 0.17 5.38 8.09
N THR A 17 0.73 4.31 8.61
CA THR A 17 2.04 4.33 9.25
C THR A 17 3.14 4.46 8.21
N THR A 18 4.31 4.93 8.65
CA THR A 18 5.45 5.07 7.76
C THR A 18 5.73 3.76 7.04
N LEU A 19 5.89 2.69 7.84
CA LEU A 19 6.18 1.37 7.29
C LEU A 19 5.18 1.01 6.19
N GLU A 20 4.01 1.64 6.23
CA GLU A 20 2.99 1.40 5.24
C GLU A 20 3.30 2.15 3.95
N GLU A 21 3.54 3.46 4.07
CA GLU A 21 3.89 4.27 2.91
C GLU A 21 5.20 3.77 2.34
N GLU A 22 5.98 3.12 3.20
CA GLU A 22 7.27 2.56 2.81
C GLU A 22 7.05 1.23 2.09
N LYS A 23 6.17 0.40 2.64
CA LYS A 23 5.84 -0.88 2.04
C LYS A 23 5.61 -0.68 0.55
N CYS A 24 4.88 0.38 0.23
CA CYS A 24 4.54 0.72 -1.14
C CYS A 24 5.74 1.23 -1.93
N LYS A 25 6.52 2.12 -1.33
CA LYS A 25 7.67 2.70 -2.03
C LYS A 25 8.80 1.69 -2.24
N THR A 26 9.32 1.16 -1.14
CA THR A 26 10.42 0.21 -1.20
C THR A 26 10.07 -1.07 -1.96
N LEU A 27 8.91 -1.65 -1.67
CA LEU A 27 8.51 -2.90 -2.33
C LEU A 27 7.82 -2.68 -3.67
N TYR A 28 6.99 -1.63 -3.76
CA TYR A 28 6.25 -1.39 -5.00
C TYR A 28 6.68 -0.07 -5.67
N PRO A 29 7.82 -0.05 -6.38
CA PRO A 29 8.29 1.15 -7.06
C PRO A 29 7.27 1.67 -8.08
N ARG A 30 6.38 2.56 -7.61
CA ARG A 30 5.35 3.11 -8.48
C ARG A 30 5.15 4.61 -8.28
N GLY A 31 4.14 5.14 -8.96
CA GLY A 31 3.81 6.54 -8.85
C GLY A 31 2.43 6.74 -8.23
N GLN A 32 1.52 5.81 -8.54
CA GLN A 32 0.17 5.87 -8.00
C GLN A 32 0.03 4.90 -6.83
N CYS A 33 1.19 4.46 -6.33
CA CYS A 33 1.25 3.54 -5.21
C CYS A 33 1.55 4.31 -3.93
N THR A 34 0.74 4.09 -2.89
CA THR A 34 0.93 4.80 -1.64
C THR A 34 0.13 4.17 -0.50
N CYS A 35 -0.21 4.95 0.52
CA CYS A 35 -0.94 4.41 1.67
C CYS A 35 -2.44 4.65 1.55
N SER A 36 -3.21 3.60 1.86
CA SER A 36 -4.66 3.65 1.80
C SER A 36 -5.27 2.77 2.88
N ASP A 37 -6.11 3.37 3.71
CA ASP A 37 -6.75 2.64 4.81
C ASP A 37 -8.23 2.40 4.50
N SER A 38 -8.77 1.35 5.11
CA SER A 38 -10.18 1.00 4.91
C SER A 38 -10.74 0.32 6.16
N LYS A 39 -9.91 -0.50 6.81
CA LYS A 39 -10.32 -1.21 8.01
C LYS A 39 -10.18 -0.31 9.24
N MET A 40 -9.59 -0.84 10.31
CA MET A 40 -9.39 -0.09 11.54
C MET A 40 -7.96 0.44 11.64
N ASN A 41 -7.14 -0.18 12.48
CA ASN A 41 -5.76 0.24 12.64
C ASN A 41 -4.90 -0.37 11.55
N THR A 42 -5.43 -1.37 10.86
CA THR A 42 -4.71 -2.03 9.78
C THR A 42 -5.16 -1.52 8.42
N HIS A 43 -4.21 -1.37 7.53
CA HIS A 43 -4.46 -0.88 6.18
C HIS A 43 -3.45 -1.49 5.22
N SER A 44 -3.50 -1.09 3.96
CA SER A 44 -2.56 -1.62 3.00
C SER A 44 -2.32 -0.63 1.85
N CYS A 45 -1.84 -1.14 0.73
CA CYS A 45 -1.55 -0.29 -0.42
C CYS A 45 -2.66 -0.35 -1.47
N ASP A 46 -2.60 0.58 -2.42
CA ASP A 46 -3.59 0.64 -3.48
C ASP A 46 -2.98 1.23 -4.75
N CYS A 47 -1.74 0.82 -5.07
CA CYS A 47 -1.06 1.30 -6.27
C CYS A 47 -1.94 1.05 -7.50
N LYS A 48 -2.79 0.06 -7.38
CA LYS A 48 -3.70 -0.31 -8.45
C LYS A 48 -5.13 -0.39 -7.94
N SER A 49 -6.04 0.23 -8.68
CA SER A 49 -7.46 0.22 -8.31
C SER A 49 -7.95 -1.18 -7.97
N CYS A 50 -7.86 -1.53 -6.69
CA CYS A 50 -8.29 -2.85 -6.23
C CYS A 50 -9.15 -2.74 -4.98
N ASN A 1 -6.05 -4.54 -14.42
CA ASN A 1 -5.64 -5.79 -15.12
C ASN A 1 -4.45 -6.45 -14.43
N LEU A 2 -4.19 -6.03 -13.19
CA LEU A 2 -3.08 -6.59 -12.41
C LEU A 2 -1.75 -6.37 -13.12
N MET A 3 -1.05 -5.30 -12.76
CA MET A 3 0.24 -4.99 -13.36
C MET A 3 1.29 -4.74 -12.29
N LYS A 4 0.87 -4.16 -11.16
CA LYS A 4 1.76 -3.87 -10.06
C LYS A 4 1.34 -4.68 -8.84
N ARG A 5 0.05 -4.96 -8.75
CA ARG A 5 -0.52 -5.73 -7.65
C ARG A 5 -0.35 -5.01 -6.31
N CYS A 6 -1.15 -3.97 -6.09
CA CYS A 6 -1.11 -3.21 -4.85
C CYS A 6 -1.11 -4.15 -3.65
N THR A 7 -0.42 -3.76 -2.58
CA THR A 7 -0.33 -4.57 -1.37
C THR A 7 0.32 -5.93 -1.63
N ARG A 8 1.14 -6.38 -0.68
CA ARG A 8 1.81 -7.66 -0.80
C ARG A 8 1.04 -8.71 0.01
N GLY A 9 -0.27 -8.70 -0.16
CA GLY A 9 -1.12 -9.62 0.56
C GLY A 9 -1.99 -8.88 1.57
N PHE A 10 -2.01 -7.55 1.46
CA PHE A 10 -2.80 -6.71 2.35
C PHE A 10 -2.38 -6.95 3.80
N ARG A 11 -1.27 -6.33 4.22
CA ARG A 11 -0.82 -6.53 5.59
C ARG A 11 -0.03 -5.33 6.14
N LYS A 12 -0.64 -4.16 6.10
CA LYS A 12 -0.01 -2.95 6.63
C LYS A 12 -0.68 -2.59 7.96
N LEU A 13 0.03 -1.87 8.83
CA LEU A 13 -0.54 -1.52 10.15
C LEU A 13 -0.11 -0.15 10.64
N GLY A 14 -1.00 0.50 11.39
CA GLY A 14 -0.72 1.81 11.95
C GLY A 14 -1.40 2.96 11.20
N LYS A 15 -2.69 2.77 10.88
CA LYS A 15 -3.47 3.77 10.15
C LYS A 15 -2.60 4.59 9.20
N CYS A 16 -2.41 4.09 7.98
CA CYS A 16 -1.58 4.75 6.99
C CYS A 16 -0.23 5.11 7.60
N THR A 17 0.35 4.12 8.27
CA THR A 17 1.63 4.28 8.94
C THR A 17 2.77 4.43 7.94
N THR A 18 3.89 4.97 8.41
CA THR A 18 5.06 5.16 7.56
C THR A 18 5.48 3.83 6.94
N LEU A 19 5.68 2.83 7.80
CA LEU A 19 6.09 1.51 7.33
C LEU A 19 5.15 1.00 6.24
N GLU A 20 3.92 1.49 6.26
CA GLU A 20 2.94 1.09 5.26
C GLU A 20 3.16 1.84 3.95
N GLU A 21 3.35 3.15 4.04
CA GLU A 21 3.60 3.95 2.86
C GLU A 21 4.93 3.52 2.26
N GLU A 22 5.82 3.08 3.15
CA GLU A 22 7.14 2.60 2.75
C GLU A 22 6.98 1.28 2.02
N LYS A 23 6.15 0.39 2.57
CA LYS A 23 5.90 -0.89 1.93
C LYS A 23 5.55 -0.65 0.48
N CYS A 24 4.82 0.43 0.26
CA CYS A 24 4.40 0.81 -1.08
C CYS A 24 5.57 1.26 -1.95
N LYS A 25 6.52 1.97 -1.35
CA LYS A 25 7.67 2.47 -2.10
C LYS A 25 8.75 1.39 -2.27
N THR A 26 9.33 0.97 -1.16
CA THR A 26 10.38 -0.04 -1.17
C THR A 26 9.97 -1.29 -1.95
N LEU A 27 8.69 -1.67 -1.86
CA LEU A 27 8.20 -2.86 -2.54
C LEU A 27 7.85 -2.56 -4.00
N TYR A 28 7.24 -1.40 -4.23
CA TYR A 28 6.81 -1.04 -5.57
C TYR A 28 7.28 0.36 -5.95
N PRO A 29 7.82 0.52 -7.18
CA PRO A 29 8.29 1.81 -7.67
C PRO A 29 7.19 2.56 -8.43
N ARG A 30 5.94 2.24 -8.10
CA ARG A 30 4.78 2.85 -8.75
C ARG A 30 4.64 4.33 -8.45
N GLY A 31 3.91 5.01 -9.33
CA GLY A 31 3.64 6.42 -9.15
C GLY A 31 2.25 6.58 -8.56
N GLN A 32 1.44 5.53 -8.73
CA GLN A 32 0.09 5.48 -8.22
C GLN A 32 0.04 4.64 -6.95
N CYS A 33 1.21 4.45 -6.35
CA CYS A 33 1.34 3.68 -5.13
C CYS A 33 1.39 4.60 -3.93
N THR A 34 0.79 4.18 -2.82
CA THR A 34 0.76 5.01 -1.63
C THR A 34 0.05 4.28 -0.48
N CYS A 35 -0.24 5.00 0.60
CA CYS A 35 -0.89 4.39 1.76
C CYS A 35 -2.39 4.59 1.73
N SER A 36 -3.12 3.50 1.98
CA SER A 36 -4.58 3.54 1.98
C SER A 36 -5.16 2.71 3.13
N ASP A 37 -6.04 3.33 3.91
CA ASP A 37 -6.69 2.67 5.03
C ASP A 37 -8.19 2.87 4.97
N SER A 38 -8.94 1.82 5.30
CA SER A 38 -10.40 1.88 5.26
C SER A 38 -11.02 0.94 6.29
N LYS A 39 -10.21 0.47 7.23
CA LYS A 39 -10.69 -0.44 8.26
C LYS A 39 -10.61 0.20 9.66
N MET A 40 -9.57 -0.16 10.41
CA MET A 40 -9.38 0.37 11.75
C MET A 40 -7.93 0.83 11.93
N ASN A 41 -7.08 -0.10 12.32
CA ASN A 41 -5.67 0.20 12.50
C ASN A 41 -4.85 -0.48 11.41
N THR A 42 -5.44 -1.51 10.80
CA THR A 42 -4.77 -2.24 9.74
C THR A 42 -5.26 -1.79 8.37
N HIS A 43 -4.32 -1.65 7.45
CA HIS A 43 -4.59 -1.22 6.09
C HIS A 43 -3.56 -1.82 5.16
N SER A 44 -3.47 -1.33 3.94
CA SER A 44 -2.48 -1.83 3.01
C SER A 44 -2.13 -0.77 1.97
N CYS A 45 -1.72 -1.21 0.79
CA CYS A 45 -1.34 -0.30 -0.28
C CYS A 45 -2.46 -0.10 -1.29
N ASP A 46 -2.22 0.80 -2.23
CA ASP A 46 -3.18 1.11 -3.28
C ASP A 46 -2.43 1.38 -4.59
N CYS A 47 -1.38 0.60 -4.80
CA CYS A 47 -0.56 0.72 -6.01
C CYS A 47 -1.45 0.71 -7.24
N LYS A 48 -2.60 0.07 -7.09
CA LYS A 48 -3.56 -0.04 -8.18
C LYS A 48 -4.92 0.46 -7.74
N SER A 49 -5.89 0.35 -8.63
CA SER A 49 -7.25 0.77 -8.36
C SER A 49 -7.99 -0.29 -7.56
N CYS A 50 -7.37 -0.74 -6.47
CA CYS A 50 -7.97 -1.75 -5.61
C CYS A 50 -8.77 -1.10 -4.48
N ASN A 1 4.22 -5.66 -16.50
CA ASN A 1 5.38 -4.72 -16.49
C ASN A 1 4.90 -3.27 -16.59
N LEU A 2 3.73 -3.08 -17.21
CA LEU A 2 3.16 -1.75 -17.37
C LEU A 2 2.12 -1.47 -16.29
N MET A 3 2.05 -2.36 -15.30
CA MET A 3 1.10 -2.21 -14.22
C MET A 3 1.73 -2.59 -12.87
N LYS A 4 0.90 -2.66 -11.83
CA LYS A 4 1.37 -3.01 -10.51
C LYS A 4 0.25 -3.65 -9.69
N ARG A 5 0.61 -4.56 -8.80
CA ARG A 5 -0.37 -5.25 -7.96
C ARG A 5 -0.34 -4.73 -6.53
N CYS A 6 -1.34 -3.92 -6.18
CA CYS A 6 -1.45 -3.34 -4.84
C CYS A 6 -1.31 -4.40 -3.75
N THR A 7 -0.70 -4.00 -2.62
CA THR A 7 -0.51 -4.88 -1.48
C THR A 7 0.29 -6.13 -1.81
N ARG A 8 1.12 -6.55 -0.86
CA ARG A 8 1.93 -7.75 -1.01
C ARG A 8 1.24 -8.88 -0.27
N GLY A 9 -0.08 -8.81 -0.24
CA GLY A 9 -0.88 -9.78 0.45
C GLY A 9 -1.77 -9.13 1.49
N PHE A 10 -1.85 -7.79 1.41
CA PHE A 10 -2.66 -7.01 2.35
C PHE A 10 -2.18 -7.22 3.78
N ARG A 11 -1.17 -6.47 4.20
CA ARG A 11 -0.65 -6.62 5.55
C ARG A 11 0.11 -5.38 6.05
N LYS A 12 -0.58 -4.25 6.11
CA LYS A 12 0.01 -3.01 6.60
C LYS A 12 -0.69 -2.63 7.91
N LEU A 13 -0.01 -1.87 8.77
CA LEU A 13 -0.62 -1.52 10.06
C LEU A 13 -0.12 -0.17 10.59
N GLY A 14 -0.97 0.47 11.41
CA GLY A 14 -0.63 1.75 12.01
C GLY A 14 -1.32 2.94 11.35
N LYS A 15 -2.62 2.80 11.08
CA LYS A 15 -3.41 3.86 10.45
C LYS A 15 -2.56 4.72 9.52
N CYS A 16 -2.39 4.25 8.28
CA CYS A 16 -1.58 4.97 7.29
C CYS A 16 -0.19 5.22 7.87
N THR A 17 0.39 4.17 8.41
CA THR A 17 1.71 4.24 9.02
C THR A 17 2.80 4.40 7.98
N THR A 18 3.93 4.96 8.39
CA THR A 18 5.06 5.17 7.48
C THR A 18 5.43 3.86 6.80
N LEU A 19 5.65 2.82 7.61
CA LEU A 19 6.02 1.51 7.09
C LEU A 19 5.05 1.07 6.01
N GLU A 20 3.81 1.53 6.12
CA GLU A 20 2.80 1.18 5.14
C GLU A 20 3.03 1.92 3.83
N GLU A 21 3.24 3.23 3.91
CA GLU A 21 3.51 4.02 2.71
C GLU A 21 4.85 3.60 2.13
N GLU A 22 5.72 3.13 3.01
CA GLU A 22 7.02 2.65 2.61
C GLU A 22 6.87 1.33 1.88
N LYS A 23 5.92 0.52 2.34
CA LYS A 23 5.65 -0.76 1.70
C LYS A 23 5.36 -0.52 0.22
N CYS A 24 4.28 0.19 -0.07
CA CYS A 24 3.92 0.46 -1.45
C CYS A 24 5.12 1.03 -2.23
N LYS A 25 5.96 1.81 -1.54
CA LYS A 25 7.12 2.41 -2.19
C LYS A 25 8.24 1.41 -2.45
N THR A 26 9.07 1.17 -1.44
CA THR A 26 10.19 0.24 -1.56
C THR A 26 9.81 -1.08 -2.21
N LEU A 27 8.56 -1.48 -2.05
CA LEU A 27 8.07 -2.73 -2.63
C LEU A 27 7.73 -2.55 -4.11
N TYR A 28 7.15 -1.40 -4.43
CA TYR A 28 6.73 -1.14 -5.80
C TYR A 28 7.13 0.28 -6.23
N PRO A 29 7.99 0.40 -7.26
CA PRO A 29 8.44 1.70 -7.76
C PRO A 29 7.39 2.36 -8.65
N ARG A 30 6.44 3.06 -8.04
CA ARG A 30 5.38 3.72 -8.79
C ARG A 30 5.19 5.17 -8.36
N GLY A 31 4.06 5.74 -8.77
CA GLY A 31 3.73 7.11 -8.43
C GLY A 31 2.34 7.20 -7.85
N GLN A 32 1.48 6.25 -8.23
CA GLN A 32 0.10 6.22 -7.72
C GLN A 32 -0.02 5.19 -6.61
N CYS A 33 1.12 4.70 -6.17
CA CYS A 33 1.19 3.71 -5.09
C CYS A 33 1.58 4.38 -3.79
N THR A 34 0.92 4.01 -2.71
CA THR A 34 1.22 4.60 -1.42
C THR A 34 0.41 3.96 -0.28
N CYS A 35 -0.20 4.76 0.58
CA CYS A 35 -0.97 4.22 1.70
C CYS A 35 -2.47 4.21 1.39
N SER A 36 -3.13 3.15 1.83
CA SER A 36 -4.57 2.99 1.63
C SER A 36 -5.21 2.35 2.85
N ASP A 37 -5.92 3.17 3.63
CA ASP A 37 -6.58 2.68 4.84
C ASP A 37 -8.10 2.70 4.67
N SER A 38 -8.79 1.84 5.41
CA SER A 38 -10.24 1.76 5.34
C SER A 38 -10.88 2.49 6.53
N LYS A 39 -10.83 1.85 7.69
CA LYS A 39 -11.41 2.43 8.91
C LYS A 39 -11.00 1.63 10.13
N MET A 40 -9.80 1.05 10.07
CA MET A 40 -9.28 0.24 11.18
C MET A 40 -7.78 0.47 11.35
N ASN A 41 -7.22 -0.16 12.38
CA ASN A 41 -5.79 -0.04 12.67
C ASN A 41 -4.94 -0.66 11.55
N THR A 42 -5.48 -1.70 10.91
CA THR A 42 -4.76 -2.36 9.84
C THR A 42 -5.25 -1.89 8.47
N HIS A 43 -4.31 -1.77 7.55
CA HIS A 43 -4.59 -1.33 6.19
C HIS A 43 -3.56 -1.95 5.25
N SER A 44 -3.51 -1.48 4.02
CA SER A 44 -2.52 -1.99 3.07
C SER A 44 -2.18 -0.93 2.03
N CYS A 45 -1.38 -1.31 1.04
CA CYS A 45 -0.97 -0.39 -0.01
C CYS A 45 -1.80 -0.58 -1.27
N ASP A 46 -2.36 0.51 -1.78
CA ASP A 46 -3.17 0.46 -3.00
C ASP A 46 -2.35 0.92 -4.19
N CYS A 47 -1.29 0.17 -4.45
CA CYS A 47 -0.40 0.45 -5.57
C CYS A 47 -1.21 0.62 -6.84
N LYS A 48 -2.31 -0.08 -6.89
CA LYS A 48 -3.20 -0.05 -8.03
C LYS A 48 -4.64 -0.20 -7.58
N SER A 49 -5.51 0.64 -8.13
CA SER A 49 -6.93 0.63 -7.79
C SER A 49 -7.47 -0.79 -7.74
N CYS A 50 -7.50 -1.36 -6.53
CA CYS A 50 -7.99 -2.72 -6.33
C CYS A 50 -9.29 -2.71 -5.55
N ASN A 1 4.29 -4.61 -16.22
CA ASN A 1 3.70 -3.86 -17.35
C ASN A 1 2.49 -3.03 -16.91
N LEU A 2 2.54 -1.73 -17.18
CA LEU A 2 1.46 -0.82 -16.81
C LEU A 2 1.27 -0.79 -15.29
N MET A 3 0.50 -1.75 -14.78
CA MET A 3 0.24 -1.82 -13.34
C MET A 3 1.53 -2.05 -12.57
N LYS A 4 1.53 -1.65 -11.29
CA LYS A 4 2.70 -1.82 -10.44
C LYS A 4 2.62 -3.11 -9.63
N ARG A 5 2.02 -3.03 -8.44
CA ARG A 5 1.88 -4.21 -7.58
C ARG A 5 1.17 -3.86 -6.27
N CYS A 6 0.05 -3.14 -6.38
CA CYS A 6 -0.73 -2.74 -5.20
C CYS A 6 -0.83 -3.86 -4.17
N THR A 7 -0.19 -3.66 -3.01
CA THR A 7 -0.20 -4.65 -1.93
C THR A 7 0.33 -6.01 -2.37
N ARG A 8 1.18 -6.59 -1.54
CA ARG A 8 1.74 -7.90 -1.83
C ARG A 8 0.98 -8.96 -1.05
N GLY A 9 -0.29 -8.67 -0.82
CA GLY A 9 -1.15 -9.55 -0.07
C GLY A 9 -1.97 -8.80 0.94
N PHE A 10 -1.90 -7.46 0.87
CA PHE A 10 -2.64 -6.59 1.78
C PHE A 10 -2.28 -6.91 3.23
N ARG A 11 -1.21 -6.30 3.74
CA ARG A 11 -0.80 -6.56 5.11
C ARG A 11 0.05 -5.44 5.72
N LYS A 12 -0.49 -4.23 5.73
CA LYS A 12 0.19 -3.09 6.34
C LYS A 12 -0.56 -2.71 7.62
N LEU A 13 0.09 -2.01 8.55
CA LEU A 13 -0.59 -1.66 9.80
C LEU A 13 -0.09 -0.35 10.43
N GLY A 14 -0.95 0.24 11.27
CA GLY A 14 -0.60 1.48 11.97
C GLY A 14 -1.26 2.70 11.35
N LYS A 15 -2.58 2.64 11.13
CA LYS A 15 -3.34 3.75 10.55
C LYS A 15 -2.45 4.68 9.72
N CYS A 16 -2.21 4.31 8.47
CA CYS A 16 -1.35 5.08 7.58
C CYS A 16 0.01 5.28 8.23
N THR A 17 0.63 4.17 8.60
CA THR A 17 1.94 4.18 9.25
C THR A 17 3.04 4.43 8.23
N THR A 18 4.14 5.03 8.69
CA THR A 18 5.27 5.30 7.82
C THR A 18 5.73 4.01 7.15
N LEU A 19 5.99 2.99 7.97
CA LEU A 19 6.43 1.70 7.48
C LEU A 19 5.48 1.17 6.42
N GLU A 20 4.25 1.67 6.43
CA GLU A 20 3.26 1.24 5.45
C GLU A 20 3.47 1.97 4.14
N GLU A 21 3.61 3.29 4.19
CA GLU A 21 3.85 4.08 3.00
C GLU A 21 5.20 3.68 2.41
N GLU A 22 6.08 3.22 3.30
CA GLU A 22 7.41 2.78 2.93
C GLU A 22 7.35 1.37 2.35
N LYS A 23 6.44 0.55 2.87
CA LYS A 23 6.27 -0.81 2.38
C LYS A 23 5.91 -0.78 0.91
N CYS A 24 5.12 0.21 0.53
CA CYS A 24 4.69 0.36 -0.86
C CYS A 24 5.79 0.95 -1.75
N LYS A 25 6.56 1.89 -1.21
CA LYS A 25 7.62 2.52 -2.00
C LYS A 25 8.85 1.62 -2.13
N THR A 26 9.11 0.82 -1.12
CA THR A 26 10.26 -0.08 -1.12
C THR A 26 9.95 -1.40 -1.83
N LEU A 27 8.73 -1.90 -1.65
CA LEU A 27 8.32 -3.14 -2.28
C LEU A 27 7.81 -2.88 -3.68
N TYR A 28 7.00 -1.84 -3.83
CA TYR A 28 6.40 -1.48 -5.10
C TYR A 28 7.01 -0.20 -5.65
N PRO A 29 6.85 0.06 -6.96
CA PRO A 29 7.41 1.26 -7.58
C PRO A 29 6.63 2.53 -7.25
N ARG A 30 5.39 2.62 -7.74
CA ARG A 30 4.56 3.81 -7.51
C ARG A 30 3.18 3.65 -8.15
N GLY A 31 2.72 4.72 -8.81
CA GLY A 31 1.43 4.70 -9.46
C GLY A 31 0.30 4.69 -8.46
N GLN A 32 0.02 5.82 -7.85
CA GLN A 32 -1.02 5.91 -6.85
C GLN A 32 -0.70 4.94 -5.71
N CYS A 33 0.58 4.64 -5.58
CA CYS A 33 1.06 3.72 -4.55
C CYS A 33 1.60 4.49 -3.36
N THR A 34 1.08 4.19 -2.18
CA THR A 34 1.51 4.83 -0.95
C THR A 34 0.68 4.32 0.23
N CYS A 35 0.14 5.21 1.05
CA CYS A 35 -0.65 4.80 2.20
C CYS A 35 -2.14 4.87 1.88
N SER A 36 -2.85 3.77 2.15
CA SER A 36 -4.29 3.70 1.89
C SER A 36 -4.99 2.87 2.96
N ASP A 37 -5.94 3.50 3.66
CA ASP A 37 -6.70 2.83 4.70
C ASP A 37 -8.18 3.16 4.58
N SER A 38 -9.03 2.27 5.10
CA SER A 38 -10.47 2.48 5.06
C SER A 38 -10.98 3.01 6.39
N LYS A 39 -10.94 2.17 7.42
CA LYS A 39 -11.39 2.56 8.75
C LYS A 39 -11.02 1.50 9.78
N MET A 40 -9.76 1.06 9.72
CA MET A 40 -9.27 0.05 10.66
C MET A 40 -7.78 0.23 10.91
N ASN A 41 -7.29 -0.38 12.00
CA ASN A 41 -5.88 -0.29 12.36
C ASN A 41 -5.00 -0.85 11.26
N THR A 42 -5.52 -1.83 10.52
CA THR A 42 -4.76 -2.43 9.43
C THR A 42 -5.17 -1.86 8.08
N HIS A 43 -4.18 -1.64 7.23
CA HIS A 43 -4.38 -1.09 5.90
C HIS A 43 -3.28 -1.60 4.97
N SER A 44 -3.25 -1.08 3.75
CA SER A 44 -2.20 -1.45 2.80
C SER A 44 -1.98 -0.32 1.80
N CYS A 45 -1.60 -0.69 0.58
CA CYS A 45 -1.36 0.31 -0.47
C CYS A 45 -2.45 0.27 -1.54
N ASP A 46 -2.38 1.21 -2.48
CA ASP A 46 -3.37 1.29 -3.55
C ASP A 46 -2.72 1.69 -4.87
N CYS A 47 -1.52 1.17 -5.12
CA CYS A 47 -0.79 1.46 -6.36
C CYS A 47 -1.63 1.07 -7.57
N LYS A 48 -2.57 0.18 -7.34
CA LYS A 48 -3.43 -0.30 -8.39
C LYS A 48 -4.83 -0.60 -7.86
N SER A 49 -5.83 -0.29 -8.66
CA SER A 49 -7.22 -0.52 -8.29
C SER A 49 -7.45 -1.99 -7.95
N CYS A 50 -7.22 -2.35 -6.69
CA CYS A 50 -7.40 -3.72 -6.24
C CYS A 50 -8.00 -3.74 -4.83
N ASN A 1 -4.23 0.54 -18.18
CA ASN A 1 -3.31 1.61 -18.65
C ASN A 1 -2.01 1.61 -17.86
N LEU A 2 -2.12 1.73 -16.54
CA LEU A 2 -0.95 1.74 -15.67
C LEU A 2 -1.13 0.78 -14.50
N MET A 3 -0.30 -0.25 -14.45
CA MET A 3 -0.36 -1.25 -13.39
C MET A 3 1.02 -1.50 -12.79
N LYS A 4 1.11 -1.46 -11.46
CA LYS A 4 2.38 -1.69 -10.78
C LYS A 4 2.35 -3.02 -10.01
N ARG A 5 1.88 -2.97 -8.76
CA ARG A 5 1.81 -4.18 -7.92
C ARG A 5 1.23 -3.87 -6.55
N CYS A 6 0.14 -3.09 -6.53
CA CYS A 6 -0.51 -2.71 -5.28
C CYS A 6 -0.65 -3.89 -4.32
N THR A 7 -0.33 -3.64 -3.06
CA THR A 7 -0.43 -4.64 -2.00
C THR A 7 0.38 -5.91 -2.30
N ARG A 8 1.19 -6.32 -1.32
CA ARG A 8 2.00 -7.51 -1.43
C ARG A 8 1.31 -8.63 -0.66
N GLY A 9 -0.01 -8.56 -0.64
CA GLY A 9 -0.82 -9.52 0.07
C GLY A 9 -1.78 -8.81 0.99
N PHE A 10 -1.80 -7.48 0.88
CA PHE A 10 -2.68 -6.65 1.70
C PHE A 10 -2.37 -6.81 3.18
N ARG A 11 -1.28 -6.19 3.65
CA ARG A 11 -0.94 -6.32 5.05
C ARG A 11 -0.07 -5.18 5.59
N LYS A 12 -0.70 -4.04 5.84
CA LYS A 12 -0.02 -2.87 6.39
C LYS A 12 -0.78 -2.46 7.66
N LEU A 13 -0.08 -1.93 8.67
CA LEU A 13 -0.75 -1.56 9.92
C LEU A 13 -0.16 -0.32 10.58
N GLY A 14 -0.98 0.34 11.40
CA GLY A 14 -0.55 1.54 12.11
C GLY A 14 -1.12 2.82 11.52
N LYS A 15 -2.38 2.77 11.08
CA LYS A 15 -3.07 3.91 10.48
C LYS A 15 -2.10 4.76 9.66
N CYS A 16 -1.91 4.38 8.39
CA CYS A 16 -0.99 5.08 7.49
C CYS A 16 0.37 5.25 8.16
N THR A 17 0.90 4.14 8.66
CA THR A 17 2.18 4.11 9.34
C THR A 17 3.33 4.18 8.34
N THR A 18 4.47 4.67 8.80
CA THR A 18 5.65 4.78 7.95
C THR A 18 5.97 3.45 7.29
N LEU A 19 6.16 2.41 8.11
CA LEU A 19 6.47 1.08 7.61
C LEU A 19 5.50 0.66 6.52
N GLU A 20 4.30 1.23 6.56
CA GLU A 20 3.29 0.91 5.56
C GLU A 20 3.51 1.72 4.30
N GLU A 21 3.70 3.03 4.46
CA GLU A 21 3.97 3.89 3.30
C GLU A 21 5.25 3.40 2.65
N GLU A 22 6.08 2.76 3.46
CA GLU A 22 7.34 2.19 3.00
C GLU A 22 7.04 0.95 2.17
N LYS A 23 6.29 0.01 2.74
CA LYS A 23 5.92 -1.20 2.03
C LYS A 23 5.53 -0.88 0.59
N CYS A 24 4.85 0.25 0.42
CA CYS A 24 4.40 0.67 -0.90
C CYS A 24 5.55 1.17 -1.78
N LYS A 25 6.46 1.97 -1.22
CA LYS A 25 7.57 2.51 -1.99
C LYS A 25 8.72 1.52 -2.17
N THR A 26 9.18 0.94 -1.07
CA THR A 26 10.29 -0.02 -1.11
C THR A 26 9.90 -1.32 -1.80
N LEU A 27 8.69 -1.81 -1.56
CA LEU A 27 8.25 -3.06 -2.17
C LEU A 27 7.69 -2.82 -3.56
N TYR A 28 6.89 -1.76 -3.70
CA TYR A 28 6.24 -1.45 -4.98
C TYR A 28 6.84 -0.18 -5.58
N PRO A 29 6.71 0.02 -6.90
CA PRO A 29 7.25 1.20 -7.57
C PRO A 29 6.47 2.47 -7.23
N ARG A 30 5.23 2.57 -7.73
CA ARG A 30 4.40 3.76 -7.49
C ARG A 30 3.04 3.62 -8.15
N GLY A 31 2.57 4.70 -8.79
CA GLY A 31 1.30 4.71 -9.46
C GLY A 31 0.16 4.71 -8.48
N GLN A 32 -0.15 5.87 -7.93
CA GLN A 32 -1.21 5.98 -6.93
C GLN A 32 -0.89 5.05 -5.77
N CYS A 33 0.39 4.76 -5.62
CA CYS A 33 0.86 3.87 -4.57
C CYS A 33 1.40 4.67 -3.38
N THR A 34 0.88 4.37 -2.20
CA THR A 34 1.28 5.05 -0.98
C THR A 34 0.52 4.49 0.22
N CYS A 35 0.29 5.31 1.24
CA CYS A 35 -0.42 4.83 2.43
C CYS A 35 -1.90 5.22 2.36
N SER A 36 -2.75 4.21 2.45
CA SER A 36 -4.19 4.44 2.38
C SER A 36 -4.94 3.49 3.33
N ASP A 37 -5.83 4.07 4.12
CA ASP A 37 -6.64 3.31 5.07
C ASP A 37 -8.12 3.61 4.88
N SER A 38 -8.96 2.60 5.07
CA SER A 38 -10.40 2.77 4.90
C SER A 38 -11.17 1.82 5.82
N LYS A 39 -10.45 1.07 6.64
CA LYS A 39 -11.07 0.13 7.56
C LYS A 39 -10.80 0.49 9.01
N MET A 40 -9.64 0.10 9.51
CA MET A 40 -9.26 0.38 10.89
C MET A 40 -7.75 0.57 11.00
N ASN A 41 -7.18 0.20 12.15
CA ASN A 41 -5.74 0.33 12.37
C ASN A 41 -4.94 -0.31 11.24
N THR A 42 -5.59 -1.21 10.49
CA THR A 42 -4.92 -1.87 9.37
C THR A 42 -5.29 -1.23 8.04
N HIS A 43 -4.28 -1.14 7.18
CA HIS A 43 -4.43 -0.54 5.86
C HIS A 43 -3.43 -1.16 4.90
N SER A 44 -3.37 -0.63 3.69
CA SER A 44 -2.41 -1.12 2.70
C SER A 44 -2.08 -0.03 1.68
N CYS A 45 -1.67 -0.44 0.49
CA CYS A 45 -1.35 0.51 -0.58
C CYS A 45 -2.31 0.37 -1.76
N ASP A 46 -2.61 1.47 -2.42
CA ASP A 46 -3.54 1.45 -3.55
C ASP A 46 -2.84 1.85 -4.85
N CYS A 47 -1.68 1.23 -5.10
CA CYS A 47 -0.92 1.50 -6.31
C CYS A 47 -1.71 1.09 -7.53
N LYS A 48 -2.65 0.20 -7.31
CA LYS A 48 -3.47 -0.32 -8.38
C LYS A 48 -4.84 -0.72 -7.86
N SER A 49 -5.82 -0.64 -8.75
CA SER A 49 -7.19 -1.00 -8.42
C SER A 49 -7.31 -2.51 -8.17
N CYS A 50 -6.85 -2.96 -7.01
CA CYS A 50 -6.91 -4.37 -6.65
C CYS A 50 -8.09 -4.66 -5.74
N ASN A 1 9.89 1.38 -14.75
CA ASN A 1 9.08 2.18 -15.69
C ASN A 1 7.60 2.15 -15.31
N LEU A 2 6.99 0.98 -15.46
CA LEU A 2 5.58 0.81 -15.13
C LEU A 2 5.36 -0.44 -14.28
N MET A 3 4.15 -0.99 -14.32
CA MET A 3 3.81 -2.18 -13.55
C MET A 3 4.01 -1.94 -12.05
N LYS A 4 2.96 -1.41 -11.41
CA LYS A 4 3.01 -1.13 -9.98
C LYS A 4 1.98 -1.98 -9.24
N ARG A 5 2.34 -3.21 -8.95
CA ARG A 5 1.45 -4.15 -8.27
C ARG A 5 1.11 -3.71 -6.84
N CYS A 6 -0.12 -3.25 -6.66
CA CYS A 6 -0.61 -2.80 -5.35
C CYS A 6 -0.60 -3.94 -4.32
N THR A 7 -0.11 -3.64 -3.11
CA THR A 7 -0.08 -4.61 -2.02
C THR A 7 0.69 -5.88 -2.36
N ARG A 8 1.45 -6.37 -1.39
CA ARG A 8 2.21 -7.60 -1.54
C ARG A 8 1.50 -8.70 -0.76
N GLY A 9 0.20 -8.49 -0.58
CA GLY A 9 -0.62 -9.41 0.17
C GLY A 9 -1.64 -8.66 0.99
N PHE A 10 -1.57 -7.33 0.90
CA PHE A 10 -2.49 -6.46 1.63
C PHE A 10 -2.41 -6.72 3.13
N ARG A 11 -1.45 -6.09 3.80
CA ARG A 11 -1.32 -6.28 5.25
C ARG A 11 -0.39 -5.25 5.91
N LYS A 12 -0.72 -3.98 5.75
CA LYS A 12 0.06 -2.92 6.37
C LYS A 12 -0.70 -2.48 7.64
N LEU A 13 0.00 -1.91 8.63
CA LEU A 13 -0.68 -1.53 9.87
C LEU A 13 -0.04 -0.33 10.56
N GLY A 14 -0.84 0.36 11.38
CA GLY A 14 -0.36 1.52 12.12
C GLY A 14 -0.96 2.82 11.64
N LYS A 15 -2.26 2.79 11.27
CA LYS A 15 -2.96 3.99 10.77
C LYS A 15 -2.01 4.91 10.01
N CYS A 16 -1.78 4.59 8.74
CA CYS A 16 -0.87 5.38 7.90
C CYS A 16 0.51 5.45 8.55
N THR A 17 1.05 4.29 8.88
CA THR A 17 2.37 4.20 9.51
C THR A 17 3.47 4.26 8.47
N THR A 18 4.63 4.76 8.87
CA THR A 18 5.76 4.86 7.95
C THR A 18 6.04 3.53 7.28
N LEU A 19 6.28 2.49 8.10
CA LEU A 19 6.55 1.16 7.58
C LEU A 19 5.55 0.76 6.50
N GLU A 20 4.36 1.34 6.57
CA GLU A 20 3.33 1.03 5.58
C GLU A 20 3.54 1.83 4.31
N GLU A 21 3.68 3.14 4.45
CA GLU A 21 3.94 3.99 3.29
C GLU A 21 5.21 3.49 2.61
N GLU A 22 6.07 2.88 3.43
CA GLU A 22 7.32 2.31 2.96
C GLU A 22 7.02 1.06 2.14
N LYS A 23 6.28 0.12 2.74
CA LYS A 23 5.91 -1.10 2.05
C LYS A 23 5.49 -0.78 0.61
N CYS A 24 4.86 0.38 0.47
CA CYS A 24 4.41 0.86 -0.84
C CYS A 24 5.57 1.19 -1.76
N LYS A 25 6.48 2.05 -1.31
CA LYS A 25 7.61 2.46 -2.14
C LYS A 25 8.69 1.37 -2.22
N THR A 26 9.18 0.94 -1.06
CA THR A 26 10.22 -0.08 -1.00
C THR A 26 9.82 -1.37 -1.72
N LEU A 27 8.62 -1.88 -1.44
CA LEU A 27 8.18 -3.13 -2.07
C LEU A 27 7.54 -2.90 -3.42
N TYR A 28 6.72 -1.85 -3.54
CA TYR A 28 6.00 -1.59 -4.77
C TYR A 28 6.54 -0.35 -5.50
N PRO A 29 6.33 -0.27 -6.82
CA PRO A 29 6.79 0.87 -7.62
C PRO A 29 6.06 2.16 -7.28
N ARG A 30 4.80 2.28 -7.74
CA ARG A 30 4.00 3.48 -7.51
C ARG A 30 2.59 3.36 -8.07
N GLY A 31 2.14 4.42 -8.75
CA GLY A 31 0.80 4.43 -9.33
C GLY A 31 -0.25 4.54 -8.26
N GLN A 32 -0.33 5.69 -7.60
CA GLN A 32 -1.28 5.87 -6.52
C GLN A 32 -0.94 4.90 -5.41
N CYS A 33 0.35 4.56 -5.32
CA CYS A 33 0.84 3.62 -4.31
C CYS A 33 1.41 4.37 -3.13
N THR A 34 0.79 4.18 -1.98
CA THR A 34 1.22 4.84 -0.75
C THR A 34 0.35 4.35 0.42
N CYS A 35 -0.02 5.24 1.32
CA CYS A 35 -0.84 4.84 2.46
C CYS A 35 -2.32 5.08 2.20
N SER A 36 -3.10 4.02 2.30
CA SER A 36 -4.53 4.08 2.09
C SER A 36 -5.26 3.24 3.13
N ASP A 37 -6.10 3.91 3.93
CA ASP A 37 -6.85 3.24 4.98
C ASP A 37 -8.34 3.58 4.89
N SER A 38 -9.18 2.58 5.09
CA SER A 38 -10.63 2.77 5.05
C SER A 38 -11.34 1.79 5.97
N LYS A 39 -10.56 0.94 6.65
CA LYS A 39 -11.12 -0.05 7.56
C LYS A 39 -10.82 0.31 9.01
N MET A 40 -9.64 -0.07 9.50
CA MET A 40 -9.26 0.21 10.88
C MET A 40 -7.77 0.52 10.96
N ASN A 41 -7.14 0.12 12.07
CA ASN A 41 -5.71 0.36 12.26
C ASN A 41 -4.88 -0.26 11.14
N THR A 42 -5.49 -1.15 10.36
CA THR A 42 -4.77 -1.79 9.26
C THR A 42 -5.11 -1.13 7.94
N HIS A 43 -4.09 -1.02 7.09
CA HIS A 43 -4.22 -0.41 5.78
C HIS A 43 -3.21 -1.03 4.83
N SER A 44 -3.15 -0.53 3.61
CA SER A 44 -2.18 -1.04 2.64
C SER A 44 -1.85 0.04 1.61
N CYS A 45 -1.44 -0.37 0.42
CA CYS A 45 -1.10 0.57 -0.65
C CYS A 45 -1.92 0.29 -1.91
N ASP A 46 -2.50 1.34 -2.48
CA ASP A 46 -3.32 1.19 -3.69
C ASP A 46 -2.53 1.57 -4.94
N CYS A 47 -1.39 0.90 -5.13
CA CYS A 47 -0.54 1.15 -6.29
C CYS A 47 -1.26 0.83 -7.57
N LYS A 48 -2.32 0.08 -7.46
CA LYS A 48 -3.10 -0.30 -8.62
C LYS A 48 -4.57 -0.44 -8.26
N SER A 49 -5.39 -0.36 -9.28
CA SER A 49 -6.84 -0.47 -9.11
C SER A 49 -7.23 -1.89 -8.75
N CYS A 50 -6.97 -2.28 -7.50
CA CYS A 50 -7.30 -3.61 -7.03
C CYS A 50 -8.47 -3.58 -6.06
#